data_8A8S
# 
_entry.id   8A8S 
# 
_audit_conform.dict_name       mmcif_pdbx.dic 
_audit_conform.dict_version    5.385 
_audit_conform.dict_location   http://mmcif.pdb.org/dictionaries/ascii/mmcif_pdbx.dic 
# 
loop_
_database_2.database_id 
_database_2.database_code 
_database_2.pdbx_database_accession 
_database_2.pdbx_DOI 
PDB   8A8S         pdb_00008a8s 10.2210/pdb8a8s/pdb 
WWPDB D_1292123922 ?            ?                   
# 
loop_
_pdbx_audit_revision_history.ordinal 
_pdbx_audit_revision_history.data_content_type 
_pdbx_audit_revision_history.major_revision 
_pdbx_audit_revision_history.minor_revision 
_pdbx_audit_revision_history.revision_date 
1 'Structure model' 1 0 2023-07-05 
2 'Structure model' 1 1 2024-02-07 
# 
_pdbx_audit_revision_details.ordinal             1 
_pdbx_audit_revision_details.revision_ordinal    1 
_pdbx_audit_revision_details.data_content_type   'Structure model' 
_pdbx_audit_revision_details.provider            repository 
_pdbx_audit_revision_details.type                'Initial release' 
_pdbx_audit_revision_details.description         ? 
_pdbx_audit_revision_details.details             ? 
# 
loop_
_pdbx_audit_revision_group.ordinal 
_pdbx_audit_revision_group.revision_ordinal 
_pdbx_audit_revision_group.data_content_type 
_pdbx_audit_revision_group.group 
1 2 'Structure model' 'Data collection'        
2 2 'Structure model' 'Refinement description' 
# 
loop_
_pdbx_audit_revision_category.ordinal 
_pdbx_audit_revision_category.revision_ordinal 
_pdbx_audit_revision_category.data_content_type 
_pdbx_audit_revision_category.category 
1 2 'Structure model' chem_comp_atom                
2 2 'Structure model' chem_comp_bond                
3 2 'Structure model' pdbx_initial_refinement_model 
# 
_pdbx_database_status.status_code                     REL 
_pdbx_database_status.status_code_sf                  REL 
_pdbx_database_status.status_code_mr                  ? 
_pdbx_database_status.entry_id                        8A8S 
_pdbx_database_status.recvd_initial_deposition_date   2022-06-23 
_pdbx_database_status.SG_entry                        N 
_pdbx_database_status.deposit_site                    PDBE 
_pdbx_database_status.process_site                    PDBE 
_pdbx_database_status.status_code_cs                  ? 
_pdbx_database_status.status_code_nmr_data            ? 
_pdbx_database_status.methods_development_category    ? 
_pdbx_database_status.pdb_format_compatible           Y 
# 
_pdbx_contact_author.id                 2 
_pdbx_contact_author.email              antonino.calio@insa-lyon.fr 
_pdbx_contact_author.name_first         Calio 
_pdbx_contact_author.name_last          Antonio 
_pdbx_contact_author.name_mi            ? 
_pdbx_contact_author.role               'principal investigator/group leader' 
_pdbx_contact_author.identifier_ORCID   0000-0003-2324-2902 
# 
loop_
_audit_author.name 
_audit_author.pdbx_ordinal 
_audit_author.identifier_ORCID 
'Calio, A.' 1 ? 
'Hoh, F.'   2 ? 
# 
_citation.abstract                  ? 
_citation.abstract_id_CAS           ? 
_citation.book_id_ISBN              ? 
_citation.book_publisher            ? 
_citation.book_publisher_city       ? 
_citation.book_title                ? 
_citation.coordinate_linkage        ? 
_citation.country                   ? 
_citation.database_id_Medline       ? 
_citation.details                   ? 
_citation.id                        primary 
_citation.journal_abbrev            'To Be Published' 
_citation.journal_id_ASTM           ? 
_citation.journal_id_CSD            0353 
_citation.journal_id_ISSN           ? 
_citation.journal_full              ? 
_citation.journal_issue             ? 
_citation.journal_volume            ? 
_citation.language                  ? 
_citation.page_first                ? 
_citation.page_last                 ? 
_citation.title                     '30S ribosomal protein S24e from Thermococcus kodakarensis' 
_citation.year                      ? 
_citation.database_id_CSD           ? 
_citation.pdbx_database_id_DOI      ? 
_citation.pdbx_database_id_PubMed   ? 
_citation.pdbx_database_id_patent   ? 
_citation.unpublished_flag          ? 
# 
loop_
_citation_author.citation_id 
_citation_author.name 
_citation_author.ordinal 
_citation_author.identifier_ORCID 
primary 'Calio, A.' 1 ? 
primary 'Hoh, F.'   2 ? 
# 
loop_
_entity.id 
_entity.type 
_entity.src_method 
_entity.pdbx_description 
_entity.formula_weight 
_entity.pdbx_number_of_molecules 
_entity.pdbx_ec 
_entity.pdbx_mutation 
_entity.pdbx_fragment 
_entity.details 
1 polymer man '30S ribosomal protein S24e' 11199.889 1  ? ? ? ? 
2 water   nat water                        18.015    82 ? ? ? ? 
# 
_entity_poly.entity_id                      1 
_entity_poly.type                           'polypeptide(L)' 
_entity_poly.nstd_linkage                   no 
_entity_poly.nstd_monomer                   no 
_entity_poly.pdbx_seq_one_letter_code       
;MEIKVTEIRENKLLGRKEIYFDVLHEGEPTPSREAVKGKLVAMLDLDPNTTVIQYIRSYFGSNVSKGYAKAYETRERMLY
IEPEYILVRDGLVQKQ
;
_entity_poly.pdbx_seq_one_letter_code_can   
;MEIKVTEIRENKLLGRKEIYFDVLHEGEPTPSREAVKGKLVAMLDLDPNTTVIQYIRSYFGSNVSKGYAKAYETRERMLY
IEPEYILVRDGLVQKQ
;
_entity_poly.pdbx_strand_id                 A 
_entity_poly.pdbx_target_identifier         ? 
# 
_pdbx_entity_nonpoly.entity_id   2 
_pdbx_entity_nonpoly.name        water 
_pdbx_entity_nonpoly.comp_id     HOH 
# 
loop_
_entity_poly_seq.entity_id 
_entity_poly_seq.num 
_entity_poly_seq.mon_id 
_entity_poly_seq.hetero 
1 1  MET n 
1 2  GLU n 
1 3  ILE n 
1 4  LYS n 
1 5  VAL n 
1 6  THR n 
1 7  GLU n 
1 8  ILE n 
1 9  ARG n 
1 10 GLU n 
1 11 ASN n 
1 12 LYS n 
1 13 LEU n 
1 14 LEU n 
1 15 GLY n 
1 16 ARG n 
1 17 LYS n 
1 18 GLU n 
1 19 ILE n 
1 20 TYR n 
1 21 PHE n 
1 22 ASP n 
1 23 VAL n 
1 24 LEU n 
1 25 HIS n 
1 26 GLU n 
1 27 GLY n 
1 28 GLU n 
1 29 PRO n 
1 30 THR n 
1 31 PRO n 
1 32 SER n 
1 33 ARG n 
1 34 GLU n 
1 35 ALA n 
1 36 VAL n 
1 37 LYS n 
1 38 GLY n 
1 39 LYS n 
1 40 LEU n 
1 41 VAL n 
1 42 ALA n 
1 43 MET n 
1 44 LEU n 
1 45 ASP n 
1 46 LEU n 
1 47 ASP n 
1 48 PRO n 
1 49 ASN n 
1 50 THR n 
1 51 THR n 
1 52 VAL n 
1 53 ILE n 
1 54 GLN n 
1 55 TYR n 
1 56 ILE n 
1 57 ARG n 
1 58 SER n 
1 59 TYR n 
1 60 PHE n 
1 61 GLY n 
1 62 SER n 
1 63 ASN n 
1 64 VAL n 
1 65 SER n 
1 66 LYS n 
1 67 GLY n 
1 68 TYR n 
1 69 ALA n 
1 70 LYS n 
1 71 ALA n 
1 72 TYR n 
1 73 GLU n 
1 74 THR n 
1 75 ARG n 
1 76 GLU n 
1 77 ARG n 
1 78 MET n 
1 79 LEU n 
1 80 TYR n 
1 81 ILE n 
1 82 GLU n 
1 83 PRO n 
1 84 GLU n 
1 85 TYR n 
1 86 ILE n 
1 87 LEU n 
1 88 VAL n 
1 89 ARG n 
1 90 ASP n 
1 91 GLY n 
1 92 LEU n 
1 93 VAL n 
1 94 GLN n 
1 95 LYS n 
1 96 GLN n 
# 
_entity_src_gen.entity_id                          1 
_entity_src_gen.pdbx_src_id                        1 
_entity_src_gen.pdbx_alt_source_flag               sample 
_entity_src_gen.pdbx_seq_type                      'Biological sequence' 
_entity_src_gen.pdbx_beg_seq_num                   1 
_entity_src_gen.pdbx_end_seq_num                   96 
_entity_src_gen.gene_src_common_name               ? 
_entity_src_gen.gene_src_genus                     ? 
_entity_src_gen.pdbx_gene_src_gene                 'rps24e, TK1696' 
_entity_src_gen.gene_src_species                   ? 
_entity_src_gen.gene_src_strain                    ? 
_entity_src_gen.gene_src_tissue                    ? 
_entity_src_gen.gene_src_tissue_fraction           ? 
_entity_src_gen.gene_src_details                   ? 
_entity_src_gen.pdbx_gene_src_fragment             ? 
_entity_src_gen.pdbx_gene_src_scientific_name      'Thermococcus kodakarensis' 
_entity_src_gen.pdbx_gene_src_ncbi_taxonomy_id     311400 
_entity_src_gen.pdbx_gene_src_variant              ? 
_entity_src_gen.pdbx_gene_src_cell_line            ? 
_entity_src_gen.pdbx_gene_src_atcc                 ? 
_entity_src_gen.pdbx_gene_src_organ                ? 
_entity_src_gen.pdbx_gene_src_organelle            ? 
_entity_src_gen.pdbx_gene_src_cell                 ? 
_entity_src_gen.pdbx_gene_src_cellular_location    ? 
_entity_src_gen.host_org_common_name               ? 
_entity_src_gen.pdbx_host_org_scientific_name      'Escherichia coli' 
_entity_src_gen.pdbx_host_org_ncbi_taxonomy_id     562 
_entity_src_gen.host_org_genus                     ? 
_entity_src_gen.pdbx_host_org_gene                 ? 
_entity_src_gen.pdbx_host_org_organ                ? 
_entity_src_gen.host_org_species                   ? 
_entity_src_gen.pdbx_host_org_tissue               ? 
_entity_src_gen.pdbx_host_org_tissue_fraction      ? 
_entity_src_gen.pdbx_host_org_strain               ? 
_entity_src_gen.pdbx_host_org_variant              ? 
_entity_src_gen.pdbx_host_org_cell_line            ? 
_entity_src_gen.pdbx_host_org_atcc                 ? 
_entity_src_gen.pdbx_host_org_culture_collection   ? 
_entity_src_gen.pdbx_host_org_cell                 ? 
_entity_src_gen.pdbx_host_org_organelle            ? 
_entity_src_gen.pdbx_host_org_cellular_location    ? 
_entity_src_gen.pdbx_host_org_vector_type          ? 
_entity_src_gen.pdbx_host_org_vector               ? 
_entity_src_gen.host_org_details                   ? 
_entity_src_gen.expression_system_id               ? 
_entity_src_gen.plasmid_name                       ? 
_entity_src_gen.plasmid_details                    ? 
_entity_src_gen.pdbx_description                   ? 
# 
loop_
_chem_comp.id 
_chem_comp.type 
_chem_comp.mon_nstd_flag 
_chem_comp.name 
_chem_comp.pdbx_synonyms 
_chem_comp.formula 
_chem_comp.formula_weight 
ALA 'L-peptide linking' y ALANINE         ? 'C3 H7 N O2'     89.093  
ARG 'L-peptide linking' y ARGININE        ? 'C6 H15 N4 O2 1' 175.209 
ASN 'L-peptide linking' y ASPARAGINE      ? 'C4 H8 N2 O3'    132.118 
ASP 'L-peptide linking' y 'ASPARTIC ACID' ? 'C4 H7 N O4'     133.103 
GLN 'L-peptide linking' y GLUTAMINE       ? 'C5 H10 N2 O3'   146.144 
GLU 'L-peptide linking' y 'GLUTAMIC ACID' ? 'C5 H9 N O4'     147.129 
GLY 'peptide linking'   y GLYCINE         ? 'C2 H5 N O2'     75.067  
HIS 'L-peptide linking' y HISTIDINE       ? 'C6 H10 N3 O2 1' 156.162 
HOH non-polymer         . WATER           ? 'H2 O'           18.015  
ILE 'L-peptide linking' y ISOLEUCINE      ? 'C6 H13 N O2'    131.173 
LEU 'L-peptide linking' y LEUCINE         ? 'C6 H13 N O2'    131.173 
LYS 'L-peptide linking' y LYSINE          ? 'C6 H15 N2 O2 1' 147.195 
MET 'L-peptide linking' y METHIONINE      ? 'C5 H11 N O2 S'  149.211 
PHE 'L-peptide linking' y PHENYLALANINE   ? 'C9 H11 N O2'    165.189 
PRO 'L-peptide linking' y PROLINE         ? 'C5 H9 N O2'     115.130 
SER 'L-peptide linking' y SERINE          ? 'C3 H7 N O3'     105.093 
THR 'L-peptide linking' y THREONINE       ? 'C4 H9 N O3'     119.119 
TYR 'L-peptide linking' y TYROSINE        ? 'C9 H11 N O3'    181.189 
VAL 'L-peptide linking' y VALINE          ? 'C5 H11 N O2'    117.146 
# 
loop_
_pdbx_poly_seq_scheme.asym_id 
_pdbx_poly_seq_scheme.entity_id 
_pdbx_poly_seq_scheme.seq_id 
_pdbx_poly_seq_scheme.mon_id 
_pdbx_poly_seq_scheme.ndb_seq_num 
_pdbx_poly_seq_scheme.pdb_seq_num 
_pdbx_poly_seq_scheme.auth_seq_num 
_pdbx_poly_seq_scheme.pdb_mon_id 
_pdbx_poly_seq_scheme.auth_mon_id 
_pdbx_poly_seq_scheme.pdb_strand_id 
_pdbx_poly_seq_scheme.pdb_ins_code 
_pdbx_poly_seq_scheme.hetero 
A 1 1  MET 1  40  40  MET MET A . n 
A 1 2  GLU 2  41  41  GLU GLU A . n 
A 1 3  ILE 3  42  42  ILE ILE A . n 
A 1 4  LYS 4  43  43  LYS LYS A . n 
A 1 5  VAL 5  44  44  VAL VAL A . n 
A 1 6  THR 6  45  45  THR THR A . n 
A 1 7  GLU 7  46  46  GLU GLU A . n 
A 1 8  ILE 8  47  47  ILE ILE A . n 
A 1 9  ARG 9  48  48  ARG ARG A . n 
A 1 10 GLU 10 49  49  GLU GLU A . n 
A 1 11 ASN 11 50  50  ASN ASN A . n 
A 1 12 LYS 12 51  51  LYS LYS A . n 
A 1 13 LEU 13 52  52  LEU LEU A . n 
A 1 14 LEU 14 53  53  LEU LEU A . n 
A 1 15 GLY 15 54  54  GLY GLY A . n 
A 1 16 ARG 16 55  55  ARG ARG A . n 
A 1 17 LYS 17 56  56  LYS LYS A . n 
A 1 18 GLU 18 57  57  GLU GLU A . n 
A 1 19 ILE 19 58  58  ILE ILE A . n 
A 1 20 TYR 20 59  59  TYR TYR A . n 
A 1 21 PHE 21 60  60  PHE PHE A . n 
A 1 22 ASP 22 61  61  ASP ASP A . n 
A 1 23 VAL 23 62  62  VAL VAL A . n 
A 1 24 LEU 24 63  63  LEU LEU A . n 
A 1 25 HIS 25 64  64  HIS HIS A . n 
A 1 26 GLU 26 65  65  GLU GLU A . n 
A 1 27 GLY 27 66  66  GLY GLY A . n 
A 1 28 GLU 28 67  67  GLU GLU A . n 
A 1 29 PRO 29 68  68  PRO ALA A . n 
A 1 30 THR 30 69  69  THR THR A . n 
A 1 31 PRO 31 70  70  PRO PRO A . n 
A 1 32 SER 32 71  71  SER SER A . n 
A 1 33 ARG 33 72  72  ARG ARG A . n 
A 1 34 GLU 34 73  73  GLU GLU A . n 
A 1 35 ALA 35 74  74  ALA ALA A . n 
A 1 36 VAL 36 75  75  VAL VAL A . n 
A 1 37 LYS 37 76  76  LYS LYS A . n 
A 1 38 GLY 38 77  77  GLY GLY A . n 
A 1 39 LYS 39 78  78  LYS LYS A . n 
A 1 40 LEU 40 79  79  LEU LEU A . n 
A 1 41 VAL 41 80  80  VAL VAL A . n 
A 1 42 ALA 42 81  81  ALA ALA A . n 
A 1 43 MET 43 82  82  MET MET A . n 
A 1 44 LEU 44 83  83  LEU LEU A . n 
A 1 45 ASP 45 84  84  ASP ASP A . n 
A 1 46 LEU 46 85  85  LEU LEU A . n 
A 1 47 ASP 47 86  86  ASP ASP A . n 
A 1 48 PRO 48 87  87  PRO PRO A . n 
A 1 49 ASN 49 88  88  ASN ASN A . n 
A 1 50 THR 50 89  89  THR THR A . n 
A 1 51 THR 51 90  90  THR THR A . n 
A 1 52 VAL 52 91  91  VAL VAL A . n 
A 1 53 ILE 53 92  92  ILE ILE A . n 
A 1 54 GLN 54 93  93  GLN GLN A . n 
A 1 55 TYR 55 94  94  TYR TYR A . n 
A 1 56 ILE 56 95  95  ILE ILE A . n 
A 1 57 ARG 57 96  96  ARG ARG A . n 
A 1 58 SER 58 97  97  SER SER A . n 
A 1 59 TYR 59 98  98  TYR TYR A . n 
A 1 60 PHE 60 99  99  PHE PHE A . n 
A 1 61 GLY 61 100 100 GLY GLY A . n 
A 1 62 SER 62 101 101 SER SER A . n 
A 1 63 ASN 63 102 102 ASN ASN A . n 
A 1 64 VAL 64 103 103 VAL VAL A . n 
A 1 65 SER 65 104 104 SER SER A . n 
A 1 66 LYS 66 105 105 LYS LYS A . n 
A 1 67 GLY 67 106 106 GLY GLY A . n 
A 1 68 TYR 68 107 107 TYR TYR A . n 
A 1 69 ALA 69 108 108 ALA ALA A . n 
A 1 70 LYS 70 109 109 LYS LYS A . n 
A 1 71 ALA 71 110 110 ALA ALA A . n 
A 1 72 TYR 72 111 111 TYR TYR A . n 
A 1 73 GLU 73 112 112 GLU GLU A . n 
A 1 74 THR 74 113 113 THR THR A . n 
A 1 75 ARG 75 114 114 ARG ARG A . n 
A 1 76 GLU 76 115 115 GLU GLU A . n 
A 1 77 ARG 77 116 116 ARG ARG A . n 
A 1 78 MET 78 117 117 MET MET A . n 
A 1 79 LEU 79 118 118 LEU LEU A . n 
A 1 80 TYR 80 119 119 TYR TYR A . n 
A 1 81 ILE 81 120 120 ILE ILE A . n 
A 1 82 GLU 82 121 121 GLU GLU A . n 
A 1 83 PRO 83 122 122 PRO PRO A . n 
A 1 84 GLU 84 123 123 GLU GLU A . n 
A 1 85 TYR 85 124 124 TYR TYR A . n 
A 1 86 ILE 86 125 125 ILE ILE A . n 
A 1 87 LEU 87 126 126 LEU LEU A . n 
A 1 88 VAL 88 127 127 VAL VAL A . n 
A 1 89 ARG 89 128 128 ARG ARG A . n 
A 1 90 ASP 90 129 129 ASP ASP A . n 
A 1 91 GLY 91 130 130 GLY GLY A . n 
A 1 92 LEU 92 131 131 LEU LEU A . n 
A 1 93 VAL 93 132 132 VAL VAL A . n 
A 1 94 GLN 94 133 133 GLN GLN A . n 
A 1 95 LYS 95 134 134 LYS LYS A . n 
A 1 96 GLN 96 135 135 GLN GLN A . n 
# 
loop_
_pdbx_nonpoly_scheme.asym_id 
_pdbx_nonpoly_scheme.entity_id 
_pdbx_nonpoly_scheme.mon_id 
_pdbx_nonpoly_scheme.ndb_seq_num 
_pdbx_nonpoly_scheme.pdb_seq_num 
_pdbx_nonpoly_scheme.auth_seq_num 
_pdbx_nonpoly_scheme.pdb_mon_id 
_pdbx_nonpoly_scheme.auth_mon_id 
_pdbx_nonpoly_scheme.pdb_strand_id 
_pdbx_nonpoly_scheme.pdb_ins_code 
B 2 HOH 1  201 48 HOH HOH A . 
B 2 HOH 2  202 32 HOH HOH A . 
B 2 HOH 3  203 66 HOH HOH A . 
B 2 HOH 4  204 80 HOH HOH A . 
B 2 HOH 5  205 78 HOH HOH A . 
B 2 HOH 6  206 77 HOH HOH A . 
B 2 HOH 7  207 34 HOH HOH A . 
B 2 HOH 8  208 17 HOH HOH A . 
B 2 HOH 9  209 26 HOH HOH A . 
B 2 HOH 10 210 53 HOH HOH A . 
B 2 HOH 11 211 29 HOH HOH A . 
B 2 HOH 12 212 3  HOH HOH A . 
B 2 HOH 13 213 74 HOH HOH A . 
B 2 HOH 14 214 9  HOH HOH A . 
B 2 HOH 15 215 72 HOH HOH A . 
B 2 HOH 16 216 14 HOH HOH A . 
B 2 HOH 17 217 25 HOH HOH A . 
B 2 HOH 18 218 31 HOH HOH A . 
B 2 HOH 19 219 36 HOH HOH A . 
B 2 HOH 20 220 37 HOH HOH A . 
B 2 HOH 21 221 22 HOH HOH A . 
B 2 HOH 22 222 19 HOH HOH A . 
B 2 HOH 23 223 64 HOH HOH A . 
B 2 HOH 24 224 27 HOH HOH A . 
B 2 HOH 25 225 70 HOH HOH A . 
B 2 HOH 26 226 1  HOH HOH A . 
B 2 HOH 27 227 46 HOH HOH A . 
B 2 HOH 28 228 15 HOH HOH A . 
B 2 HOH 29 229 45 HOH HOH A . 
B 2 HOH 30 230 6  HOH HOH A . 
B 2 HOH 31 231 35 HOH HOH A . 
B 2 HOH 32 232 18 HOH HOH A . 
B 2 HOH 33 233 7  HOH HOH A . 
B 2 HOH 34 234 56 HOH HOH A . 
B 2 HOH 35 235 10 HOH HOH A . 
B 2 HOH 36 236 4  HOH HOH A . 
B 2 HOH 37 237 43 HOH HOH A . 
B 2 HOH 38 238 47 HOH HOH A . 
B 2 HOH 39 239 49 HOH HOH A . 
B 2 HOH 40 240 8  HOH HOH A . 
B 2 HOH 41 241 40 HOH HOH A . 
B 2 HOH 42 242 23 HOH HOH A . 
B 2 HOH 43 243 50 HOH HOH A . 
B 2 HOH 44 244 2  HOH HOH A . 
B 2 HOH 45 245 13 HOH HOH A . 
B 2 HOH 46 246 16 HOH HOH A . 
B 2 HOH 47 247 81 HOH HOH A . 
B 2 HOH 48 248 30 HOH HOH A . 
B 2 HOH 49 249 65 HOH HOH A . 
B 2 HOH 50 250 21 HOH HOH A . 
B 2 HOH 51 251 55 HOH HOH A . 
B 2 HOH 52 252 11 HOH HOH A . 
B 2 HOH 53 253 58 HOH HOH A . 
B 2 HOH 54 254 54 HOH HOH A . 
B 2 HOH 55 255 82 HOH HOH A . 
B 2 HOH 56 256 12 HOH HOH A . 
B 2 HOH 57 257 76 HOH HOH A . 
B 2 HOH 58 258 87 HOH HOH A . 
B 2 HOH 59 259 84 HOH HOH A . 
B 2 HOH 60 260 73 HOH HOH A . 
B 2 HOH 61 261 44 HOH HOH A . 
B 2 HOH 62 262 20 HOH HOH A . 
B 2 HOH 63 263 67 HOH HOH A . 
B 2 HOH 64 264 41 HOH HOH A . 
B 2 HOH 65 265 63 HOH HOH A . 
B 2 HOH 66 266 71 HOH HOH A . 
B 2 HOH 67 267 57 HOH HOH A . 
B 2 HOH 68 268 5  HOH HOH A . 
B 2 HOH 69 269 62 HOH HOH A . 
B 2 HOH 70 270 85 HOH HOH A . 
B 2 HOH 71 271 28 HOH HOH A . 
B 2 HOH 72 272 52 HOH HOH A . 
B 2 HOH 73 273 83 HOH HOH A . 
B 2 HOH 74 274 38 HOH HOH A . 
B 2 HOH 75 275 59 HOH HOH A . 
B 2 HOH 76 276 51 HOH HOH A . 
B 2 HOH 77 277 60 HOH HOH A . 
B 2 HOH 78 278 69 HOH HOH A . 
B 2 HOH 79 279 24 HOH HOH A . 
B 2 HOH 80 280 33 HOH HOH A . 
B 2 HOH 81 281 79 HOH HOH A . 
B 2 HOH 82 282 86 HOH HOH A . 
# 
loop_
_pdbx_unobs_or_zero_occ_atoms.id 
_pdbx_unobs_or_zero_occ_atoms.PDB_model_num 
_pdbx_unobs_or_zero_occ_atoms.polymer_flag 
_pdbx_unobs_or_zero_occ_atoms.occupancy_flag 
_pdbx_unobs_or_zero_occ_atoms.auth_asym_id 
_pdbx_unobs_or_zero_occ_atoms.auth_comp_id 
_pdbx_unobs_or_zero_occ_atoms.auth_seq_id 
_pdbx_unobs_or_zero_occ_atoms.PDB_ins_code 
_pdbx_unobs_or_zero_occ_atoms.auth_atom_id 
_pdbx_unobs_or_zero_occ_atoms.label_alt_id 
_pdbx_unobs_or_zero_occ_atoms.label_asym_id 
_pdbx_unobs_or_zero_occ_atoms.label_comp_id 
_pdbx_unobs_or_zero_occ_atoms.label_seq_id 
_pdbx_unobs_or_zero_occ_atoms.label_atom_id 
1 1 Y 1 A PRO 68 ? CG ? A PRO 29 CG 
2 1 Y 1 A PRO 68 ? CD ? A PRO 29 CD 
# 
loop_
_software.citation_id 
_software.classification 
_software.compiler_name 
_software.compiler_version 
_software.contact_author 
_software.contact_author_email 
_software.date 
_software.description 
_software.dependencies 
_software.hardware 
_software.language 
_software.location 
_software.mods 
_software.name 
_software.os 
_software.os_version 
_software.type 
_software.version 
_software.pdbx_ordinal 
? 'data reduction'  ? ? ? ? ? ? ? ? ? ? ? XDS         ? ? ? 2020417 1 
? 'data scaling'    ? ? ? ? ? ? ? ? ? ? ? Aimless     ? ? ? 0.74    2 
? phasing           ? ? ? ? ? ? ? ? ? ? ? PHASER      ? ? ? .       3 
? refinement        ? ? ? ? ? ? ? ? ? ? ? PHENIX      ? ? ? V1.20.1 4 
? 'data extraction' ? ? ? ? ? ? ? ? ? ? ? PDB_EXTRACT ? ? ? 3.27    5 
# 
_cell.angle_alpha                  90.000 
_cell.angle_alpha_esd              ? 
_cell.angle_beta                   98.980 
_cell.angle_beta_esd               ? 
_cell.angle_gamma                  90.000 
_cell.angle_gamma_esd              ? 
_cell.entry_id                     8A8S 
_cell.details                      ? 
_cell.formula_units_Z              ? 
_cell.length_a                     23.551 
_cell.length_a_esd                 ? 
_cell.length_b                     55.272 
_cell.length_b_esd                 ? 
_cell.length_c                     37.579 
_cell.length_c_esd                 ? 
_cell.volume                       ? 
_cell.volume_esd                   ? 
_cell.Z_PDB                        2 
_cell.reciprocal_angle_alpha       ? 
_cell.reciprocal_angle_beta        ? 
_cell.reciprocal_angle_gamma       ? 
_cell.reciprocal_angle_alpha_esd   ? 
_cell.reciprocal_angle_beta_esd    ? 
_cell.reciprocal_angle_gamma_esd   ? 
_cell.reciprocal_length_a          ? 
_cell.reciprocal_length_b          ? 
_cell.reciprocal_length_c          ? 
_cell.reciprocal_length_a_esd      ? 
_cell.reciprocal_length_b_esd      ? 
_cell.reciprocal_length_c_esd      ? 
_cell.pdbx_unique_axis             ? 
_cell.pdbx_esd_method              ? 
# 
_symmetry.entry_id                         8A8S 
_symmetry.cell_setting                     ? 
_symmetry.Int_Tables_number                4 
_symmetry.space_group_name_Hall            ? 
_symmetry.space_group_name_H-M             'P 1 21 1' 
_symmetry.pdbx_full_space_group_name_H-M   ? 
# 
_exptl.absorpt_coefficient_mu     ? 
_exptl.absorpt_correction_T_max   ? 
_exptl.absorpt_correction_T_min   ? 
_exptl.absorpt_correction_type    ? 
_exptl.absorpt_process_details    ? 
_exptl.entry_id                   8A8S 
_exptl.crystals_number            1 
_exptl.details                    ? 
_exptl.method                     'X-RAY DIFFRACTION' 
_exptl.method_details             ? 
# 
_exptl_crystal.colour                       ? 
_exptl_crystal.density_diffrn               ? 
_exptl_crystal.density_Matthews             2.16 
_exptl_crystal.density_method               ? 
_exptl_crystal.density_percent_sol          42.98 
_exptl_crystal.description                  ? 
_exptl_crystal.F_000                        ? 
_exptl_crystal.id                           1 
_exptl_crystal.preparation                  ? 
_exptl_crystal.size_max                     ? 
_exptl_crystal.size_mid                     ? 
_exptl_crystal.size_min                     ? 
_exptl_crystal.size_rad                     ? 
_exptl_crystal.colour_lustre                ? 
_exptl_crystal.colour_modifier              ? 
_exptl_crystal.colour_primary               ? 
_exptl_crystal.density_meas                 ? 
_exptl_crystal.density_meas_esd             ? 
_exptl_crystal.density_meas_gt              ? 
_exptl_crystal.density_meas_lt              ? 
_exptl_crystal.density_meas_temp            ? 
_exptl_crystal.density_meas_temp_esd        ? 
_exptl_crystal.density_meas_temp_gt         ? 
_exptl_crystal.density_meas_temp_lt         ? 
_exptl_crystal.pdbx_crystal_image_url       ? 
_exptl_crystal.pdbx_crystal_image_format    ? 
_exptl_crystal.pdbx_mosaicity               ? 
_exptl_crystal.pdbx_mosaicity_esd           ? 
_exptl_crystal.pdbx_mosaic_method           ? 
_exptl_crystal.pdbx_mosaic_block_size       ? 
_exptl_crystal.pdbx_mosaic_block_size_esd   ? 
# 
_exptl_crystal_grow.apparatus       ? 
_exptl_crystal_grow.atmosphere      ? 
_exptl_crystal_grow.crystal_id      1 
_exptl_crystal_grow.details         ? 
_exptl_crystal_grow.method          'VAPOR DIFFUSION, HANGING DROP' 
_exptl_crystal_grow.method_ref      ? 
_exptl_crystal_grow.pH              ? 
_exptl_crystal_grow.pressure        ? 
_exptl_crystal_grow.pressure_esd    ? 
_exptl_crystal_grow.seeding         ? 
_exptl_crystal_grow.seeding_ref     ? 
_exptl_crystal_grow.temp            298 
_exptl_crystal_grow.temp_details    ? 
_exptl_crystal_grow.temp_esd        ? 
_exptl_crystal_grow.time            ? 
_exptl_crystal_grow.pdbx_details    
;0,1M sodium acetate pH 4,6
30% PEG 300
;
_exptl_crystal_grow.pdbx_pH_range   4.6 
# 
_diffrn.ambient_environment              ? 
_diffrn.ambient_temp                     100 
_diffrn.ambient_temp_details             ? 
_diffrn.ambient_temp_esd                 ? 
_diffrn.crystal_id                       1 
_diffrn.crystal_support                  ? 
_diffrn.crystal_treatment                ? 
_diffrn.details                          ? 
_diffrn.id                               1 
_diffrn.ambient_pressure                 ? 
_diffrn.ambient_pressure_esd             ? 
_diffrn.ambient_pressure_gt              ? 
_diffrn.ambient_pressure_lt              ? 
_diffrn.ambient_temp_gt                  ? 
_diffrn.ambient_temp_lt                  ? 
_diffrn.pdbx_serial_crystal_experiment   N 
# 
_diffrn_detector.details                      ? 
_diffrn_detector.detector                     PIXEL 
_diffrn_detector.diffrn_id                    1 
_diffrn_detector.type                         'DECTRIS PILATUS3 2M' 
_diffrn_detector.area_resol_mean              ? 
_diffrn_detector.dtime                        ? 
_diffrn_detector.pdbx_frames_total            ? 
_diffrn_detector.pdbx_collection_time_total   ? 
_diffrn_detector.pdbx_collection_date         2021-07-01 
_diffrn_detector.pdbx_frequency               ? 
# 
_diffrn_radiation.collimation                      ? 
_diffrn_radiation.diffrn_id                        1 
_diffrn_radiation.filter_edge                      ? 
_diffrn_radiation.inhomogeneity                    ? 
_diffrn_radiation.monochromator                    ? 
_diffrn_radiation.polarisn_norm                    ? 
_diffrn_radiation.polarisn_ratio                   ? 
_diffrn_radiation.probe                            ? 
_diffrn_radiation.type                             ? 
_diffrn_radiation.xray_symbol                      ? 
_diffrn_radiation.wavelength_id                    1 
_diffrn_radiation.pdbx_monochromatic_or_laue_m_l   M 
_diffrn_radiation.pdbx_wavelength_list             ? 
_diffrn_radiation.pdbx_wavelength                  ? 
_diffrn_radiation.pdbx_diffrn_protocol             'SINGLE WAVELENGTH' 
_diffrn_radiation.pdbx_analyzer                    ? 
_diffrn_radiation.pdbx_scattering_type             x-ray 
# 
_diffrn_radiation_wavelength.id           1 
_diffrn_radiation_wavelength.wavelength   0.69 
_diffrn_radiation_wavelength.wt           1.0 
# 
_diffrn_source.current                     ? 
_diffrn_source.details                     ? 
_diffrn_source.diffrn_id                   1 
_diffrn_source.power                       ? 
_diffrn_source.size                        ? 
_diffrn_source.source                      SYNCHROTRON 
_diffrn_source.target                      ? 
_diffrn_source.type                        'ESRF BEAMLINE MASSIF-1' 
_diffrn_source.voltage                     ? 
_diffrn_source.take-off_angle              ? 
_diffrn_source.pdbx_wavelength_list        0.69 
_diffrn_source.pdbx_wavelength             ? 
_diffrn_source.pdbx_synchrotron_beamline   MASSIF-1 
_diffrn_source.pdbx_synchrotron_site       ESRF 
# 
_reflns.B_iso_Wilson_estimate                          ? 
_reflns.entry_id                                       8A8S 
_reflns.data_reduction_details                         ? 
_reflns.data_reduction_method                          ? 
_reflns.d_resolution_high                              1.659 
_reflns.d_resolution_low                               37.1 
_reflns.details                                        ? 
_reflns.limit_h_max                                    ? 
_reflns.limit_h_min                                    ? 
_reflns.limit_k_max                                    ? 
_reflns.limit_k_min                                    ? 
_reflns.limit_l_max                                    ? 
_reflns.limit_l_min                                    ? 
_reflns.number_all                                     ? 
_reflns.number_obs                                     9962 
_reflns.observed_criterion                             ? 
_reflns.observed_criterion_F_max                       ? 
_reflns.observed_criterion_F_min                       ? 
_reflns.observed_criterion_I_max                       ? 
_reflns.observed_criterion_I_min                       ? 
_reflns.observed_criterion_sigma_F                     ? 
_reflns.observed_criterion_sigma_I                     ? 
_reflns.percent_possible_obs                           88 
_reflns.R_free_details                                 ? 
_reflns.Rmerge_F_all                                   ? 
_reflns.Rmerge_F_obs                                   ? 
_reflns.Friedel_coverage                               ? 
_reflns.number_gt                                      ? 
_reflns.threshold_expression                           ? 
_reflns.pdbx_redundancy                                1.6 
_reflns.pdbx_Rmerge_I_obs                              ? 
_reflns.pdbx_Rmerge_I_all                              ? 
_reflns.pdbx_Rsym_value                                ? 
_reflns.pdbx_netI_over_av_sigmaI                       ? 
_reflns.pdbx_netI_over_sigmaI                          10.5 
_reflns.pdbx_res_netI_over_av_sigmaI_2                 ? 
_reflns.pdbx_res_netI_over_sigmaI_2                    ? 
_reflns.pdbx_chi_squared                               ? 
_reflns.pdbx_scaling_rejects                           ? 
_reflns.pdbx_d_res_high_opt                            ? 
_reflns.pdbx_d_res_low_opt                             ? 
_reflns.pdbx_d_res_opt_method                          ? 
_reflns.phase_calculation_details                      ? 
_reflns.pdbx_Rrim_I_all                                ? 
_reflns.pdbx_Rpim_I_all                                ? 
_reflns.pdbx_d_opt                                     ? 
_reflns.pdbx_number_measured_all                       ? 
_reflns.pdbx_diffrn_id                                 1 
_reflns.pdbx_ordinal                                   1 
_reflns.pdbx_CC_half                                   0.997 
_reflns.pdbx_CC_star                                   ? 
_reflns.pdbx_R_split                                   ? 
_reflns.pdbx_aniso_diffraction_limit_axis_1_ortho[1]   ? 
_reflns.pdbx_aniso_diffraction_limit_axis_1_ortho[2]   ? 
_reflns.pdbx_aniso_diffraction_limit_axis_1_ortho[3]   ? 
_reflns.pdbx_aniso_diffraction_limit_axis_2_ortho[1]   ? 
_reflns.pdbx_aniso_diffraction_limit_axis_2_ortho[2]   ? 
_reflns.pdbx_aniso_diffraction_limit_axis_2_ortho[3]   ? 
_reflns.pdbx_aniso_diffraction_limit_axis_3_ortho[1]   ? 
_reflns.pdbx_aniso_diffraction_limit_axis_3_ortho[2]   ? 
_reflns.pdbx_aniso_diffraction_limit_axis_3_ortho[3]   ? 
_reflns.pdbx_aniso_diffraction_limit_1                 ? 
_reflns.pdbx_aniso_diffraction_limit_2                 ? 
_reflns.pdbx_aniso_diffraction_limit_3                 ? 
_reflns.pdbx_aniso_B_tensor_eigenvector_1_ortho[1]     ? 
_reflns.pdbx_aniso_B_tensor_eigenvector_1_ortho[2]     ? 
_reflns.pdbx_aniso_B_tensor_eigenvector_1_ortho[3]     ? 
_reflns.pdbx_aniso_B_tensor_eigenvector_2_ortho[1]     ? 
_reflns.pdbx_aniso_B_tensor_eigenvector_2_ortho[2]     ? 
_reflns.pdbx_aniso_B_tensor_eigenvector_2_ortho[3]     ? 
_reflns.pdbx_aniso_B_tensor_eigenvector_3_ortho[1]     ? 
_reflns.pdbx_aniso_B_tensor_eigenvector_3_ortho[2]     ? 
_reflns.pdbx_aniso_B_tensor_eigenvector_3_ortho[3]     ? 
_reflns.pdbx_aniso_B_tensor_eigenvalue_1               ? 
_reflns.pdbx_aniso_B_tensor_eigenvalue_2               ? 
_reflns.pdbx_aniso_B_tensor_eigenvalue_3               ? 
_reflns.pdbx_orthogonalization_convention              ? 
_reflns.pdbx_percent_possible_ellipsoidal              ? 
_reflns.pdbx_percent_possible_spherical                ? 
_reflns.pdbx_percent_possible_ellipsoidal_anomalous    ? 
_reflns.pdbx_percent_possible_spherical_anomalous      ? 
_reflns.pdbx_redundancy_anomalous                      ? 
_reflns.pdbx_CC_half_anomalous                         ? 
_reflns.pdbx_absDiff_over_sigma_anomalous              ? 
_reflns.pdbx_percent_possible_anomalous                ? 
_reflns.pdbx_observed_signal_threshold                 ? 
_reflns.pdbx_signal_type                               ? 
_reflns.pdbx_signal_details                            ? 
_reflns.pdbx_signal_software_id                        ? 
_reflns.pdbx_CC_split_method                           ? 
# 
_reflns_shell.d_res_high                                    1.659 
_reflns_shell.d_res_low                                     1.687 
_reflns_shell.meanI_over_sigI_all                           ? 
_reflns_shell.meanI_over_sigI_obs                           ? 
_reflns_shell.number_measured_all                           ? 
_reflns_shell.number_measured_obs                           ? 
_reflns_shell.number_possible                               ? 
_reflns_shell.number_unique_all                             ? 
_reflns_shell.number_unique_obs                             453 
_reflns_shell.percent_possible_all                          ? 
_reflns_shell.percent_possible_obs                          ? 
_reflns_shell.Rmerge_F_all                                  ? 
_reflns_shell.Rmerge_F_obs                                  ? 
_reflns_shell.Rmerge_I_all                                  ? 
_reflns_shell.Rmerge_I_obs                                  0.32 
_reflns_shell.meanI_over_sigI_gt                            ? 
_reflns_shell.meanI_over_uI_all                             ? 
_reflns_shell.meanI_over_uI_gt                              ? 
_reflns_shell.number_measured_gt                            ? 
_reflns_shell.number_unique_gt                              ? 
_reflns_shell.percent_possible_gt                           ? 
_reflns_shell.Rmerge_F_gt                                   ? 
_reflns_shell.Rmerge_I_gt                                   ? 
_reflns_shell.pdbx_redundancy                               ? 
_reflns_shell.pdbx_Rsym_value                               ? 
_reflns_shell.pdbx_chi_squared                              ? 
_reflns_shell.pdbx_netI_over_sigmaI_all                     ? 
_reflns_shell.pdbx_netI_over_sigmaI_obs                     ? 
_reflns_shell.pdbx_Rrim_I_all                               ? 
_reflns_shell.pdbx_Rpim_I_all                               ? 
_reflns_shell.pdbx_rejects                                  ? 
_reflns_shell.pdbx_ordinal                                  1 
_reflns_shell.pdbx_diffrn_id                                1 
_reflns_shell.pdbx_CC_half                                  0.5 
_reflns_shell.pdbx_CC_star                                  ? 
_reflns_shell.pdbx_R_split                                  ? 
_reflns_shell.pdbx_percent_possible_ellipsoidal             ? 
_reflns_shell.pdbx_percent_possible_spherical               ? 
_reflns_shell.pdbx_percent_possible_ellipsoidal_anomalous   ? 
_reflns_shell.pdbx_percent_possible_spherical_anomalous     ? 
_reflns_shell.pdbx_redundancy_anomalous                     ? 
_reflns_shell.pdbx_CC_half_anomalous                        ? 
_reflns_shell.pdbx_absDiff_over_sigma_anomalous             ? 
_reflns_shell.pdbx_percent_possible_anomalous               ? 
# 
_refine.aniso_B[1][1]                            ? 
_refine.aniso_B[1][2]                            ? 
_refine.aniso_B[1][3]                            ? 
_refine.aniso_B[2][2]                            ? 
_refine.aniso_B[2][3]                            ? 
_refine.aniso_B[3][3]                            ? 
_refine.B_iso_max                                58.930 
_refine.B_iso_mean                               22.6960 
_refine.B_iso_min                                9.700 
_refine.correlation_coeff_Fo_to_Fc               ? 
_refine.correlation_coeff_Fo_to_Fc_free          ? 
_refine.details                                  ? 
_refine.diff_density_max                         ? 
_refine.diff_density_max_esd                     ? 
_refine.diff_density_min                         ? 
_refine.diff_density_min_esd                     ? 
_refine.diff_density_rms                         ? 
_refine.diff_density_rms_esd                     ? 
_refine.entry_id                                 8A8S 
_refine.pdbx_refine_id                           'X-RAY DIFFRACTION' 
_refine.ls_abs_structure_details                 ? 
_refine.ls_abs_structure_Flack                   ? 
_refine.ls_abs_structure_Flack_esd               ? 
_refine.ls_abs_structure_Rogers                  ? 
_refine.ls_abs_structure_Rogers_esd              ? 
_refine.ls_d_res_high                            1.659 
_refine.ls_d_res_low                             30.81 
_refine.ls_extinction_coef                       ? 
_refine.ls_extinction_coef_esd                   ? 
_refine.ls_extinction_expression                 ? 
_refine.ls_extinction_method                     ? 
_refine.ls_goodness_of_fit_all                   ? 
_refine.ls_goodness_of_fit_all_esd               ? 
_refine.ls_goodness_of_fit_obs                   ? 
_refine.ls_goodness_of_fit_obs_esd               ? 
_refine.ls_hydrogen_treatment                    ? 
_refine.ls_matrix_type                           ? 
_refine.ls_number_constraints                    ? 
_refine.ls_number_parameters                     ? 
_refine.ls_number_reflns_all                     ? 
_refine.ls_number_reflns_obs                     9956 
_refine.ls_number_reflns_R_free                  ? 
_refine.ls_number_reflns_R_work                  ? 
_refine.ls_number_restraints                     ? 
_refine.ls_percent_reflns_obs                    88 
_refine.ls_percent_reflns_R_free                 ? 
_refine.ls_R_factor_all                          ? 
_refine.ls_R_factor_obs                          ? 
_refine.ls_R_factor_R_free                       0.26 
_refine.ls_R_factor_R_free_error                 ? 
_refine.ls_R_factor_R_free_error_details         ? 
_refine.ls_R_factor_R_work                       0.22 
_refine.ls_R_Fsqd_factor_obs                     ? 
_refine.ls_R_I_factor_obs                        ? 
_refine.ls_redundancy_reflns_all                 ? 
_refine.ls_redundancy_reflns_obs                 ? 
_refine.ls_restrained_S_all                      ? 
_refine.ls_restrained_S_obs                      ? 
_refine.ls_shift_over_esd_max                    ? 
_refine.ls_shift_over_esd_mean                   ? 
_refine.ls_structure_factor_coef                 ? 
_refine.ls_weighting_details                     ? 
_refine.ls_weighting_scheme                      ? 
_refine.ls_wR_factor_all                         ? 
_refine.ls_wR_factor_obs                         ? 
_refine.ls_wR_factor_R_free                      ? 
_refine.ls_wR_factor_R_work                      ? 
_refine.occupancy_max                            ? 
_refine.occupancy_min                            ? 
_refine.solvent_model_details                    ? 
_refine.solvent_model_param_bsol                 ? 
_refine.solvent_model_param_ksol                 ? 
_refine.pdbx_R_complete                          ? 
_refine.ls_R_factor_gt                           ? 
_refine.ls_goodness_of_fit_gt                    ? 
_refine.ls_goodness_of_fit_ref                   ? 
_refine.ls_shift_over_su_max                     ? 
_refine.ls_shift_over_su_max_lt                  ? 
_refine.ls_shift_over_su_mean                    ? 
_refine.ls_shift_over_su_mean_lt                 ? 
_refine.pdbx_ls_sigma_I                          ? 
_refine.pdbx_ls_sigma_F                          ? 
_refine.pdbx_ls_sigma_Fsqd                       ? 
_refine.pdbx_data_cutoff_high_absF               ? 
_refine.pdbx_data_cutoff_high_rms_absF           ? 
_refine.pdbx_data_cutoff_low_absF                ? 
_refine.pdbx_isotropic_thermal_model             ? 
_refine.pdbx_ls_cross_valid_method               THROUGHOUT 
_refine.pdbx_method_to_determine_struct          'MOLECULAR REPLACEMENT' 
_refine.pdbx_starting_model                      2V94 
_refine.pdbx_stereochemistry_target_values       ? 
_refine.pdbx_R_Free_selection_details            ? 
_refine.pdbx_stereochem_target_val_spec_case     ? 
_refine.pdbx_overall_ESU_R                       ? 
_refine.pdbx_overall_ESU_R_Free                  ? 
_refine.pdbx_solvent_vdw_probe_radii             ? 
_refine.pdbx_solvent_ion_probe_radii             ? 
_refine.pdbx_solvent_shrinkage_radii             ? 
_refine.pdbx_real_space_R                        ? 
_refine.pdbx_density_correlation                 ? 
_refine.pdbx_pd_number_of_powder_patterns        ? 
_refine.pdbx_pd_number_of_points                 ? 
_refine.pdbx_pd_meas_number_of_points            ? 
_refine.pdbx_pd_proc_ls_prof_R_factor            ? 
_refine.pdbx_pd_proc_ls_prof_wR_factor           ? 
_refine.pdbx_pd_Marquardt_correlation_coeff      ? 
_refine.pdbx_pd_Fsqrd_R_factor                   ? 
_refine.pdbx_pd_ls_matrix_band_width             ? 
_refine.pdbx_overall_phase_error                 ? 
_refine.pdbx_overall_SU_R_free_Cruickshank_DPI   ? 
_refine.pdbx_overall_SU_R_free_Blow_DPI          ? 
_refine.pdbx_overall_SU_R_Blow_DPI               ? 
_refine.pdbx_TLS_residual_ADP_flag               ? 
_refine.pdbx_diffrn_id                           1 
_refine.overall_SU_B                             ? 
_refine.overall_SU_ML                            ? 
_refine.overall_SU_R_Cruickshank_DPI             ? 
_refine.overall_SU_R_free                        ? 
_refine.overall_FOM_free_R_set                   ? 
_refine.overall_FOM_work_R_set                   ? 
_refine.pdbx_average_fsc_overall                 ? 
_refine.pdbx_average_fsc_work                    ? 
_refine.pdbx_average_fsc_free                    ? 
# 
_refine_hist.pdbx_refine_id                   'X-RAY DIFFRACTION' 
_refine_hist.cycle_id                         LAST 
_refine_hist.pdbx_number_atoms_protein        785 
_refine_hist.pdbx_number_atoms_nucleic_acid   0 
_refine_hist.pdbx_number_atoms_ligand         0 
_refine_hist.number_atoms_solvent             82 
_refine_hist.number_atoms_total               867 
_refine_hist.d_res_high                       1.659 
_refine_hist.d_res_low                        30.81 
# 
_struct.entry_id                     8A8S 
_struct.title                        '30S ribosomal protein S24e from Thermococcus kodakarensis' 
_struct.pdbx_model_details           ? 
_struct.pdbx_formula_weight          ? 
_struct.pdbx_formula_weight_method   ? 
_struct.pdbx_model_type_details      ? 
_struct.pdbx_CASP_flag               N 
# 
_struct_keywords.entry_id        8A8S 
_struct_keywords.text            'high pressure adaptation protein dynamics structural constituent of ribosome, GENE REGULATION' 
_struct_keywords.pdbx_keywords   'GENE REGULATION' 
# 
loop_
_struct_asym.id 
_struct_asym.pdbx_blank_PDB_chainid_flag 
_struct_asym.pdbx_modified 
_struct_asym.entity_id 
_struct_asym.details 
A N N 1 ? 
B N N 2 ? 
# 
_struct_ref.id                         1 
_struct_ref.db_name                    UNP 
_struct_ref.db_code                    RS24_THEKO 
_struct_ref.pdbx_db_accession          Q5JIY8 
_struct_ref.pdbx_db_isoform            ? 
_struct_ref.entity_id                  1 
_struct_ref.pdbx_seq_one_letter_code   
;MEIKVTEIRENKLLGRKEIYFDVLHEGEPTPSREAVKGKLVAMLDLDPNTTVIQYIRSYFGSNVSKGYAKAYETRERMLY
IEPEYILVRDGLVQKQ
;
_struct_ref.pdbx_align_begin           1 
# 
_struct_ref_seq.align_id                      1 
_struct_ref_seq.ref_id                        1 
_struct_ref_seq.pdbx_PDB_id_code              8A8S 
_struct_ref_seq.pdbx_strand_id                A 
_struct_ref_seq.seq_align_beg                 1 
_struct_ref_seq.pdbx_seq_align_beg_ins_code   ? 
_struct_ref_seq.seq_align_end                 96 
_struct_ref_seq.pdbx_seq_align_end_ins_code   ? 
_struct_ref_seq.pdbx_db_accession             Q5JIY8 
_struct_ref_seq.db_align_beg                  1 
_struct_ref_seq.pdbx_db_align_beg_ins_code    ? 
_struct_ref_seq.db_align_end                  96 
_struct_ref_seq.pdbx_db_align_end_ins_code    ? 
_struct_ref_seq.pdbx_auth_seq_align_beg       40 
_struct_ref_seq.pdbx_auth_seq_align_end       135 
# 
_pdbx_struct_assembly.id                   1 
_pdbx_struct_assembly.details              author_and_software_defined_assembly 
_pdbx_struct_assembly.method_details       PISA 
_pdbx_struct_assembly.oligomeric_details   monomeric 
_pdbx_struct_assembly.oligomeric_count     1 
# 
loop_
_pdbx_struct_assembly_prop.biol_id 
_pdbx_struct_assembly_prop.type 
_pdbx_struct_assembly_prop.value 
_pdbx_struct_assembly_prop.details 
1 'ABSA (A^2)' 0    ? 
1 MORE         0    ? 
1 'SSA (A^2)'  6210 ? 
# 
_pdbx_struct_assembly_gen.assembly_id       1 
_pdbx_struct_assembly_gen.oper_expression   1 
_pdbx_struct_assembly_gen.asym_id_list      A,B 
# 
_pdbx_struct_assembly_auth_evidence.id                     1 
_pdbx_struct_assembly_auth_evidence.assembly_id            1 
_pdbx_struct_assembly_auth_evidence.experimental_support   none 
_pdbx_struct_assembly_auth_evidence.details                ? 
# 
_pdbx_struct_oper_list.id                   1 
_pdbx_struct_oper_list.type                 'identity operation' 
_pdbx_struct_oper_list.name                 1_555 
_pdbx_struct_oper_list.symmetry_operation   x,y,z 
_pdbx_struct_oper_list.matrix[1][1]         1.0000000000 
_pdbx_struct_oper_list.matrix[1][2]         0.0000000000 
_pdbx_struct_oper_list.matrix[1][3]         0.0000000000 
_pdbx_struct_oper_list.vector[1]            0.0000000000 
_pdbx_struct_oper_list.matrix[2][1]         0.0000000000 
_pdbx_struct_oper_list.matrix[2][2]         1.0000000000 
_pdbx_struct_oper_list.matrix[2][3]         0.0000000000 
_pdbx_struct_oper_list.vector[2]            0.0000000000 
_pdbx_struct_oper_list.matrix[3][1]         0.0000000000 
_pdbx_struct_oper_list.matrix[3][2]         0.0000000000 
_pdbx_struct_oper_list.matrix[3][3]         1.0000000000 
_pdbx_struct_oper_list.vector[3]            0.0000000000 
# 
loop_
_struct_conf.conf_type_id 
_struct_conf.id 
_struct_conf.pdbx_PDB_helix_id 
_struct_conf.beg_label_comp_id 
_struct_conf.beg_label_asym_id 
_struct_conf.beg_label_seq_id 
_struct_conf.pdbx_beg_PDB_ins_code 
_struct_conf.end_label_comp_id 
_struct_conf.end_label_asym_id 
_struct_conf.end_label_seq_id 
_struct_conf.pdbx_end_PDB_ins_code 
_struct_conf.beg_auth_comp_id 
_struct_conf.beg_auth_asym_id 
_struct_conf.beg_auth_seq_id 
_struct_conf.end_auth_comp_id 
_struct_conf.end_auth_asym_id 
_struct_conf.end_auth_seq_id 
_struct_conf.pdbx_PDB_helix_class 
_struct_conf.details 
_struct_conf.pdbx_PDB_helix_length 
HELX_P HELX_P1 AA1 SER A 32 ? ASP A 45 ? SER A 71  ASP A 84  1 ? 14 
HELX_P HELX_P2 AA2 ASP A 47 ? ASN A 49 ? ASP A 86  ASN A 88  5 ? 3  
HELX_P HELX_P3 AA3 THR A 74 ? GLU A 82 ? THR A 113 GLU A 121 1 ? 9  
HELX_P HELX_P4 AA4 PRO A 83 ? ASP A 90 ? PRO A 122 ASP A 129 1 ? 8  
# 
_struct_conf_type.id          HELX_P 
_struct_conf_type.criteria    ? 
_struct_conf_type.reference   ? 
# 
_struct_sheet.id               AA1 
_struct_sheet.type             ? 
_struct_sheet.number_strands   4 
_struct_sheet.details          ? 
# 
loop_
_struct_sheet_order.sheet_id 
_struct_sheet_order.range_id_1 
_struct_sheet_order.range_id_2 
_struct_sheet_order.offset 
_struct_sheet_order.sense 
AA1 1 2 ? anti-parallel 
AA1 2 3 ? anti-parallel 
AA1 3 4 ? anti-parallel 
# 
loop_
_struct_sheet_range.sheet_id 
_struct_sheet_range.id 
_struct_sheet_range.beg_label_comp_id 
_struct_sheet_range.beg_label_asym_id 
_struct_sheet_range.beg_label_seq_id 
_struct_sheet_range.pdbx_beg_PDB_ins_code 
_struct_sheet_range.end_label_comp_id 
_struct_sheet_range.end_label_asym_id 
_struct_sheet_range.end_label_seq_id 
_struct_sheet_range.pdbx_end_PDB_ins_code 
_struct_sheet_range.beg_auth_comp_id 
_struct_sheet_range.beg_auth_asym_id 
_struct_sheet_range.beg_auth_seq_id 
_struct_sheet_range.end_auth_comp_id 
_struct_sheet_range.end_auth_asym_id 
_struct_sheet_range.end_auth_seq_id 
AA1 1 GLU A 2  ? ASN A 11 ? GLU A 41  ASN A 50  
AA1 2 ARG A 16 ? LEU A 24 ? ARG A 55  LEU A 63  
AA1 3 VAL A 64 ? TYR A 72 ? VAL A 103 TYR A 111 
AA1 4 THR A 51 ? ARG A 57 ? THR A 90  ARG A 96  
# 
loop_
_pdbx_struct_sheet_hbond.sheet_id 
_pdbx_struct_sheet_hbond.range_id_1 
_pdbx_struct_sheet_hbond.range_id_2 
_pdbx_struct_sheet_hbond.range_1_label_atom_id 
_pdbx_struct_sheet_hbond.range_1_label_comp_id 
_pdbx_struct_sheet_hbond.range_1_label_asym_id 
_pdbx_struct_sheet_hbond.range_1_label_seq_id 
_pdbx_struct_sheet_hbond.range_1_PDB_ins_code 
_pdbx_struct_sheet_hbond.range_1_auth_atom_id 
_pdbx_struct_sheet_hbond.range_1_auth_comp_id 
_pdbx_struct_sheet_hbond.range_1_auth_asym_id 
_pdbx_struct_sheet_hbond.range_1_auth_seq_id 
_pdbx_struct_sheet_hbond.range_2_label_atom_id 
_pdbx_struct_sheet_hbond.range_2_label_comp_id 
_pdbx_struct_sheet_hbond.range_2_label_asym_id 
_pdbx_struct_sheet_hbond.range_2_label_seq_id 
_pdbx_struct_sheet_hbond.range_2_PDB_ins_code 
_pdbx_struct_sheet_hbond.range_2_auth_atom_id 
_pdbx_struct_sheet_hbond.range_2_auth_comp_id 
_pdbx_struct_sheet_hbond.range_2_auth_asym_id 
_pdbx_struct_sheet_hbond.range_2_auth_seq_id 
AA1 1 2 N ARG A 9  ? N ARG A 48  O GLU A 18 ? O GLU A 57  
AA1 2 3 N PHE A 21 ? N PHE A 60  O GLY A 67 ? O GLY A 106 
AA1 3 4 O LYS A 66 ? O LYS A 105 N ARG A 57 ? N ARG A 96  
# 
_pdbx_validate_torsion.id              1 
_pdbx_validate_torsion.PDB_model_num   1 
_pdbx_validate_torsion.auth_comp_id    HIS 
_pdbx_validate_torsion.auth_asym_id    A 
_pdbx_validate_torsion.auth_seq_id     64 
_pdbx_validate_torsion.PDB_ins_code    ? 
_pdbx_validate_torsion.label_alt_id    ? 
_pdbx_validate_torsion.phi             -148.87 
_pdbx_validate_torsion.psi             57.22 
# 
_phasing.method   MR 
# 
loop_
_chem_comp_atom.comp_id 
_chem_comp_atom.atom_id 
_chem_comp_atom.type_symbol 
_chem_comp_atom.pdbx_aromatic_flag 
_chem_comp_atom.pdbx_stereo_config 
_chem_comp_atom.pdbx_ordinal 
ALA N    N N N 1   
ALA CA   C N S 2   
ALA C    C N N 3   
ALA O    O N N 4   
ALA CB   C N N 5   
ALA OXT  O N N 6   
ALA H    H N N 7   
ALA H2   H N N 8   
ALA HA   H N N 9   
ALA HB1  H N N 10  
ALA HB2  H N N 11  
ALA HB3  H N N 12  
ALA HXT  H N N 13  
ARG N    N N N 14  
ARG CA   C N S 15  
ARG C    C N N 16  
ARG O    O N N 17  
ARG CB   C N N 18  
ARG CG   C N N 19  
ARG CD   C N N 20  
ARG NE   N N N 21  
ARG CZ   C N N 22  
ARG NH1  N N N 23  
ARG NH2  N N N 24  
ARG OXT  O N N 25  
ARG H    H N N 26  
ARG H2   H N N 27  
ARG HA   H N N 28  
ARG HB2  H N N 29  
ARG HB3  H N N 30  
ARG HG2  H N N 31  
ARG HG3  H N N 32  
ARG HD2  H N N 33  
ARG HD3  H N N 34  
ARG HE   H N N 35  
ARG HH11 H N N 36  
ARG HH12 H N N 37  
ARG HH21 H N N 38  
ARG HH22 H N N 39  
ARG HXT  H N N 40  
ASN N    N N N 41  
ASN CA   C N S 42  
ASN C    C N N 43  
ASN O    O N N 44  
ASN CB   C N N 45  
ASN CG   C N N 46  
ASN OD1  O N N 47  
ASN ND2  N N N 48  
ASN OXT  O N N 49  
ASN H    H N N 50  
ASN H2   H N N 51  
ASN HA   H N N 52  
ASN HB2  H N N 53  
ASN HB3  H N N 54  
ASN HD21 H N N 55  
ASN HD22 H N N 56  
ASN HXT  H N N 57  
ASP N    N N N 58  
ASP CA   C N S 59  
ASP C    C N N 60  
ASP O    O N N 61  
ASP CB   C N N 62  
ASP CG   C N N 63  
ASP OD1  O N N 64  
ASP OD2  O N N 65  
ASP OXT  O N N 66  
ASP H    H N N 67  
ASP H2   H N N 68  
ASP HA   H N N 69  
ASP HB2  H N N 70  
ASP HB3  H N N 71  
ASP HD2  H N N 72  
ASP HXT  H N N 73  
GLN N    N N N 74  
GLN CA   C N S 75  
GLN C    C N N 76  
GLN O    O N N 77  
GLN CB   C N N 78  
GLN CG   C N N 79  
GLN CD   C N N 80  
GLN OE1  O N N 81  
GLN NE2  N N N 82  
GLN OXT  O N N 83  
GLN H    H N N 84  
GLN H2   H N N 85  
GLN HA   H N N 86  
GLN HB2  H N N 87  
GLN HB3  H N N 88  
GLN HG2  H N N 89  
GLN HG3  H N N 90  
GLN HE21 H N N 91  
GLN HE22 H N N 92  
GLN HXT  H N N 93  
GLU N    N N N 94  
GLU CA   C N S 95  
GLU C    C N N 96  
GLU O    O N N 97  
GLU CB   C N N 98  
GLU CG   C N N 99  
GLU CD   C N N 100 
GLU OE1  O N N 101 
GLU OE2  O N N 102 
GLU OXT  O N N 103 
GLU H    H N N 104 
GLU H2   H N N 105 
GLU HA   H N N 106 
GLU HB2  H N N 107 
GLU HB3  H N N 108 
GLU HG2  H N N 109 
GLU HG3  H N N 110 
GLU HE2  H N N 111 
GLU HXT  H N N 112 
GLY N    N N N 113 
GLY CA   C N N 114 
GLY C    C N N 115 
GLY O    O N N 116 
GLY OXT  O N N 117 
GLY H    H N N 118 
GLY H2   H N N 119 
GLY HA2  H N N 120 
GLY HA3  H N N 121 
GLY HXT  H N N 122 
HIS N    N N N 123 
HIS CA   C N S 124 
HIS C    C N N 125 
HIS O    O N N 126 
HIS CB   C N N 127 
HIS CG   C Y N 128 
HIS ND1  N Y N 129 
HIS CD2  C Y N 130 
HIS CE1  C Y N 131 
HIS NE2  N Y N 132 
HIS OXT  O N N 133 
HIS H    H N N 134 
HIS H2   H N N 135 
HIS HA   H N N 136 
HIS HB2  H N N 137 
HIS HB3  H N N 138 
HIS HD1  H N N 139 
HIS HD2  H N N 140 
HIS HE1  H N N 141 
HIS HE2  H N N 142 
HIS HXT  H N N 143 
HOH O    O N N 144 
HOH H1   H N N 145 
HOH H2   H N N 146 
ILE N    N N N 147 
ILE CA   C N S 148 
ILE C    C N N 149 
ILE O    O N N 150 
ILE CB   C N S 151 
ILE CG1  C N N 152 
ILE CG2  C N N 153 
ILE CD1  C N N 154 
ILE OXT  O N N 155 
ILE H    H N N 156 
ILE H2   H N N 157 
ILE HA   H N N 158 
ILE HB   H N N 159 
ILE HG12 H N N 160 
ILE HG13 H N N 161 
ILE HG21 H N N 162 
ILE HG22 H N N 163 
ILE HG23 H N N 164 
ILE HD11 H N N 165 
ILE HD12 H N N 166 
ILE HD13 H N N 167 
ILE HXT  H N N 168 
LEU N    N N N 169 
LEU CA   C N S 170 
LEU C    C N N 171 
LEU O    O N N 172 
LEU CB   C N N 173 
LEU CG   C N N 174 
LEU CD1  C N N 175 
LEU CD2  C N N 176 
LEU OXT  O N N 177 
LEU H    H N N 178 
LEU H2   H N N 179 
LEU HA   H N N 180 
LEU HB2  H N N 181 
LEU HB3  H N N 182 
LEU HG   H N N 183 
LEU HD11 H N N 184 
LEU HD12 H N N 185 
LEU HD13 H N N 186 
LEU HD21 H N N 187 
LEU HD22 H N N 188 
LEU HD23 H N N 189 
LEU HXT  H N N 190 
LYS N    N N N 191 
LYS CA   C N S 192 
LYS C    C N N 193 
LYS O    O N N 194 
LYS CB   C N N 195 
LYS CG   C N N 196 
LYS CD   C N N 197 
LYS CE   C N N 198 
LYS NZ   N N N 199 
LYS OXT  O N N 200 
LYS H    H N N 201 
LYS H2   H N N 202 
LYS HA   H N N 203 
LYS HB2  H N N 204 
LYS HB3  H N N 205 
LYS HG2  H N N 206 
LYS HG3  H N N 207 
LYS HD2  H N N 208 
LYS HD3  H N N 209 
LYS HE2  H N N 210 
LYS HE3  H N N 211 
LYS HZ1  H N N 212 
LYS HZ2  H N N 213 
LYS HZ3  H N N 214 
LYS HXT  H N N 215 
MET N    N N N 216 
MET CA   C N S 217 
MET C    C N N 218 
MET O    O N N 219 
MET CB   C N N 220 
MET CG   C N N 221 
MET SD   S N N 222 
MET CE   C N N 223 
MET OXT  O N N 224 
MET H    H N N 225 
MET H2   H N N 226 
MET HA   H N N 227 
MET HB2  H N N 228 
MET HB3  H N N 229 
MET HG2  H N N 230 
MET HG3  H N N 231 
MET HE1  H N N 232 
MET HE2  H N N 233 
MET HE3  H N N 234 
MET HXT  H N N 235 
PHE N    N N N 236 
PHE CA   C N S 237 
PHE C    C N N 238 
PHE O    O N N 239 
PHE CB   C N N 240 
PHE CG   C Y N 241 
PHE CD1  C Y N 242 
PHE CD2  C Y N 243 
PHE CE1  C Y N 244 
PHE CE2  C Y N 245 
PHE CZ   C Y N 246 
PHE OXT  O N N 247 
PHE H    H N N 248 
PHE H2   H N N 249 
PHE HA   H N N 250 
PHE HB2  H N N 251 
PHE HB3  H N N 252 
PHE HD1  H N N 253 
PHE HD2  H N N 254 
PHE HE1  H N N 255 
PHE HE2  H N N 256 
PHE HZ   H N N 257 
PHE HXT  H N N 258 
PRO N    N N N 259 
PRO CA   C N S 260 
PRO C    C N N 261 
PRO O    O N N 262 
PRO CB   C N N 263 
PRO CG   C N N 264 
PRO CD   C N N 265 
PRO OXT  O N N 266 
PRO H    H N N 267 
PRO HA   H N N 268 
PRO HB2  H N N 269 
PRO HB3  H N N 270 
PRO HG2  H N N 271 
PRO HG3  H N N 272 
PRO HD2  H N N 273 
PRO HD3  H N N 274 
PRO HXT  H N N 275 
SER N    N N N 276 
SER CA   C N S 277 
SER C    C N N 278 
SER O    O N N 279 
SER CB   C N N 280 
SER OG   O N N 281 
SER OXT  O N N 282 
SER H    H N N 283 
SER H2   H N N 284 
SER HA   H N N 285 
SER HB2  H N N 286 
SER HB3  H N N 287 
SER HG   H N N 288 
SER HXT  H N N 289 
THR N    N N N 290 
THR CA   C N S 291 
THR C    C N N 292 
THR O    O N N 293 
THR CB   C N R 294 
THR OG1  O N N 295 
THR CG2  C N N 296 
THR OXT  O N N 297 
THR H    H N N 298 
THR H2   H N N 299 
THR HA   H N N 300 
THR HB   H N N 301 
THR HG1  H N N 302 
THR HG21 H N N 303 
THR HG22 H N N 304 
THR HG23 H N N 305 
THR HXT  H N N 306 
TYR N    N N N 307 
TYR CA   C N S 308 
TYR C    C N N 309 
TYR O    O N N 310 
TYR CB   C N N 311 
TYR CG   C Y N 312 
TYR CD1  C Y N 313 
TYR CD2  C Y N 314 
TYR CE1  C Y N 315 
TYR CE2  C Y N 316 
TYR CZ   C Y N 317 
TYR OH   O N N 318 
TYR OXT  O N N 319 
TYR H    H N N 320 
TYR H2   H N N 321 
TYR HA   H N N 322 
TYR HB2  H N N 323 
TYR HB3  H N N 324 
TYR HD1  H N N 325 
TYR HD2  H N N 326 
TYR HE1  H N N 327 
TYR HE2  H N N 328 
TYR HH   H N N 329 
TYR HXT  H N N 330 
VAL N    N N N 331 
VAL CA   C N S 332 
VAL C    C N N 333 
VAL O    O N N 334 
VAL CB   C N N 335 
VAL CG1  C N N 336 
VAL CG2  C N N 337 
VAL OXT  O N N 338 
VAL H    H N N 339 
VAL H2   H N N 340 
VAL HA   H N N 341 
VAL HB   H N N 342 
VAL HG11 H N N 343 
VAL HG12 H N N 344 
VAL HG13 H N N 345 
VAL HG21 H N N 346 
VAL HG22 H N N 347 
VAL HG23 H N N 348 
VAL HXT  H N N 349 
# 
loop_
_chem_comp_bond.comp_id 
_chem_comp_bond.atom_id_1 
_chem_comp_bond.atom_id_2 
_chem_comp_bond.value_order 
_chem_comp_bond.pdbx_aromatic_flag 
_chem_comp_bond.pdbx_stereo_config 
_chem_comp_bond.pdbx_ordinal 
ALA N   CA   sing N N 1   
ALA N   H    sing N N 2   
ALA N   H2   sing N N 3   
ALA CA  C    sing N N 4   
ALA CA  CB   sing N N 5   
ALA CA  HA   sing N N 6   
ALA C   O    doub N N 7   
ALA C   OXT  sing N N 8   
ALA CB  HB1  sing N N 9   
ALA CB  HB2  sing N N 10  
ALA CB  HB3  sing N N 11  
ALA OXT HXT  sing N N 12  
ARG N   CA   sing N N 13  
ARG N   H    sing N N 14  
ARG N   H2   sing N N 15  
ARG CA  C    sing N N 16  
ARG CA  CB   sing N N 17  
ARG CA  HA   sing N N 18  
ARG C   O    doub N N 19  
ARG C   OXT  sing N N 20  
ARG CB  CG   sing N N 21  
ARG CB  HB2  sing N N 22  
ARG CB  HB3  sing N N 23  
ARG CG  CD   sing N N 24  
ARG CG  HG2  sing N N 25  
ARG CG  HG3  sing N N 26  
ARG CD  NE   sing N N 27  
ARG CD  HD2  sing N N 28  
ARG CD  HD3  sing N N 29  
ARG NE  CZ   sing N N 30  
ARG NE  HE   sing N N 31  
ARG CZ  NH1  sing N N 32  
ARG CZ  NH2  doub N N 33  
ARG NH1 HH11 sing N N 34  
ARG NH1 HH12 sing N N 35  
ARG NH2 HH21 sing N N 36  
ARG NH2 HH22 sing N N 37  
ARG OXT HXT  sing N N 38  
ASN N   CA   sing N N 39  
ASN N   H    sing N N 40  
ASN N   H2   sing N N 41  
ASN CA  C    sing N N 42  
ASN CA  CB   sing N N 43  
ASN CA  HA   sing N N 44  
ASN C   O    doub N N 45  
ASN C   OXT  sing N N 46  
ASN CB  CG   sing N N 47  
ASN CB  HB2  sing N N 48  
ASN CB  HB3  sing N N 49  
ASN CG  OD1  doub N N 50  
ASN CG  ND2  sing N N 51  
ASN ND2 HD21 sing N N 52  
ASN ND2 HD22 sing N N 53  
ASN OXT HXT  sing N N 54  
ASP N   CA   sing N N 55  
ASP N   H    sing N N 56  
ASP N   H2   sing N N 57  
ASP CA  C    sing N N 58  
ASP CA  CB   sing N N 59  
ASP CA  HA   sing N N 60  
ASP C   O    doub N N 61  
ASP C   OXT  sing N N 62  
ASP CB  CG   sing N N 63  
ASP CB  HB2  sing N N 64  
ASP CB  HB3  sing N N 65  
ASP CG  OD1  doub N N 66  
ASP CG  OD2  sing N N 67  
ASP OD2 HD2  sing N N 68  
ASP OXT HXT  sing N N 69  
GLN N   CA   sing N N 70  
GLN N   H    sing N N 71  
GLN N   H2   sing N N 72  
GLN CA  C    sing N N 73  
GLN CA  CB   sing N N 74  
GLN CA  HA   sing N N 75  
GLN C   O    doub N N 76  
GLN C   OXT  sing N N 77  
GLN CB  CG   sing N N 78  
GLN CB  HB2  sing N N 79  
GLN CB  HB3  sing N N 80  
GLN CG  CD   sing N N 81  
GLN CG  HG2  sing N N 82  
GLN CG  HG3  sing N N 83  
GLN CD  OE1  doub N N 84  
GLN CD  NE2  sing N N 85  
GLN NE2 HE21 sing N N 86  
GLN NE2 HE22 sing N N 87  
GLN OXT HXT  sing N N 88  
GLU N   CA   sing N N 89  
GLU N   H    sing N N 90  
GLU N   H2   sing N N 91  
GLU CA  C    sing N N 92  
GLU CA  CB   sing N N 93  
GLU CA  HA   sing N N 94  
GLU C   O    doub N N 95  
GLU C   OXT  sing N N 96  
GLU CB  CG   sing N N 97  
GLU CB  HB2  sing N N 98  
GLU CB  HB3  sing N N 99  
GLU CG  CD   sing N N 100 
GLU CG  HG2  sing N N 101 
GLU CG  HG3  sing N N 102 
GLU CD  OE1  doub N N 103 
GLU CD  OE2  sing N N 104 
GLU OE2 HE2  sing N N 105 
GLU OXT HXT  sing N N 106 
GLY N   CA   sing N N 107 
GLY N   H    sing N N 108 
GLY N   H2   sing N N 109 
GLY CA  C    sing N N 110 
GLY CA  HA2  sing N N 111 
GLY CA  HA3  sing N N 112 
GLY C   O    doub N N 113 
GLY C   OXT  sing N N 114 
GLY OXT HXT  sing N N 115 
HIS N   CA   sing N N 116 
HIS N   H    sing N N 117 
HIS N   H2   sing N N 118 
HIS CA  C    sing N N 119 
HIS CA  CB   sing N N 120 
HIS CA  HA   sing N N 121 
HIS C   O    doub N N 122 
HIS C   OXT  sing N N 123 
HIS CB  CG   sing N N 124 
HIS CB  HB2  sing N N 125 
HIS CB  HB3  sing N N 126 
HIS CG  ND1  sing Y N 127 
HIS CG  CD2  doub Y N 128 
HIS ND1 CE1  doub Y N 129 
HIS ND1 HD1  sing N N 130 
HIS CD2 NE2  sing Y N 131 
HIS CD2 HD2  sing N N 132 
HIS CE1 NE2  sing Y N 133 
HIS CE1 HE1  sing N N 134 
HIS NE2 HE2  sing N N 135 
HIS OXT HXT  sing N N 136 
HOH O   H1   sing N N 137 
HOH O   H2   sing N N 138 
ILE N   CA   sing N N 139 
ILE N   H    sing N N 140 
ILE N   H2   sing N N 141 
ILE CA  C    sing N N 142 
ILE CA  CB   sing N N 143 
ILE CA  HA   sing N N 144 
ILE C   O    doub N N 145 
ILE C   OXT  sing N N 146 
ILE CB  CG1  sing N N 147 
ILE CB  CG2  sing N N 148 
ILE CB  HB   sing N N 149 
ILE CG1 CD1  sing N N 150 
ILE CG1 HG12 sing N N 151 
ILE CG1 HG13 sing N N 152 
ILE CG2 HG21 sing N N 153 
ILE CG2 HG22 sing N N 154 
ILE CG2 HG23 sing N N 155 
ILE CD1 HD11 sing N N 156 
ILE CD1 HD12 sing N N 157 
ILE CD1 HD13 sing N N 158 
ILE OXT HXT  sing N N 159 
LEU N   CA   sing N N 160 
LEU N   H    sing N N 161 
LEU N   H2   sing N N 162 
LEU CA  C    sing N N 163 
LEU CA  CB   sing N N 164 
LEU CA  HA   sing N N 165 
LEU C   O    doub N N 166 
LEU C   OXT  sing N N 167 
LEU CB  CG   sing N N 168 
LEU CB  HB2  sing N N 169 
LEU CB  HB3  sing N N 170 
LEU CG  CD1  sing N N 171 
LEU CG  CD2  sing N N 172 
LEU CG  HG   sing N N 173 
LEU CD1 HD11 sing N N 174 
LEU CD1 HD12 sing N N 175 
LEU CD1 HD13 sing N N 176 
LEU CD2 HD21 sing N N 177 
LEU CD2 HD22 sing N N 178 
LEU CD2 HD23 sing N N 179 
LEU OXT HXT  sing N N 180 
LYS N   CA   sing N N 181 
LYS N   H    sing N N 182 
LYS N   H2   sing N N 183 
LYS CA  C    sing N N 184 
LYS CA  CB   sing N N 185 
LYS CA  HA   sing N N 186 
LYS C   O    doub N N 187 
LYS C   OXT  sing N N 188 
LYS CB  CG   sing N N 189 
LYS CB  HB2  sing N N 190 
LYS CB  HB3  sing N N 191 
LYS CG  CD   sing N N 192 
LYS CG  HG2  sing N N 193 
LYS CG  HG3  sing N N 194 
LYS CD  CE   sing N N 195 
LYS CD  HD2  sing N N 196 
LYS CD  HD3  sing N N 197 
LYS CE  NZ   sing N N 198 
LYS CE  HE2  sing N N 199 
LYS CE  HE3  sing N N 200 
LYS NZ  HZ1  sing N N 201 
LYS NZ  HZ2  sing N N 202 
LYS NZ  HZ3  sing N N 203 
LYS OXT HXT  sing N N 204 
MET N   CA   sing N N 205 
MET N   H    sing N N 206 
MET N   H2   sing N N 207 
MET CA  C    sing N N 208 
MET CA  CB   sing N N 209 
MET CA  HA   sing N N 210 
MET C   O    doub N N 211 
MET C   OXT  sing N N 212 
MET CB  CG   sing N N 213 
MET CB  HB2  sing N N 214 
MET CB  HB3  sing N N 215 
MET CG  SD   sing N N 216 
MET CG  HG2  sing N N 217 
MET CG  HG3  sing N N 218 
MET SD  CE   sing N N 219 
MET CE  HE1  sing N N 220 
MET CE  HE2  sing N N 221 
MET CE  HE3  sing N N 222 
MET OXT HXT  sing N N 223 
PHE N   CA   sing N N 224 
PHE N   H    sing N N 225 
PHE N   H2   sing N N 226 
PHE CA  C    sing N N 227 
PHE CA  CB   sing N N 228 
PHE CA  HA   sing N N 229 
PHE C   O    doub N N 230 
PHE C   OXT  sing N N 231 
PHE CB  CG   sing N N 232 
PHE CB  HB2  sing N N 233 
PHE CB  HB3  sing N N 234 
PHE CG  CD1  doub Y N 235 
PHE CG  CD2  sing Y N 236 
PHE CD1 CE1  sing Y N 237 
PHE CD1 HD1  sing N N 238 
PHE CD2 CE2  doub Y N 239 
PHE CD2 HD2  sing N N 240 
PHE CE1 CZ   doub Y N 241 
PHE CE1 HE1  sing N N 242 
PHE CE2 CZ   sing Y N 243 
PHE CE2 HE2  sing N N 244 
PHE CZ  HZ   sing N N 245 
PHE OXT HXT  sing N N 246 
PRO N   CA   sing N N 247 
PRO N   CD   sing N N 248 
PRO N   H    sing N N 249 
PRO CA  C    sing N N 250 
PRO CA  CB   sing N N 251 
PRO CA  HA   sing N N 252 
PRO C   O    doub N N 253 
PRO C   OXT  sing N N 254 
PRO CB  CG   sing N N 255 
PRO CB  HB2  sing N N 256 
PRO CB  HB3  sing N N 257 
PRO CG  CD   sing N N 258 
PRO CG  HG2  sing N N 259 
PRO CG  HG3  sing N N 260 
PRO CD  HD2  sing N N 261 
PRO CD  HD3  sing N N 262 
PRO OXT HXT  sing N N 263 
SER N   CA   sing N N 264 
SER N   H    sing N N 265 
SER N   H2   sing N N 266 
SER CA  C    sing N N 267 
SER CA  CB   sing N N 268 
SER CA  HA   sing N N 269 
SER C   O    doub N N 270 
SER C   OXT  sing N N 271 
SER CB  OG   sing N N 272 
SER CB  HB2  sing N N 273 
SER CB  HB3  sing N N 274 
SER OG  HG   sing N N 275 
SER OXT HXT  sing N N 276 
THR N   CA   sing N N 277 
THR N   H    sing N N 278 
THR N   H2   sing N N 279 
THR CA  C    sing N N 280 
THR CA  CB   sing N N 281 
THR CA  HA   sing N N 282 
THR C   O    doub N N 283 
THR C   OXT  sing N N 284 
THR CB  OG1  sing N N 285 
THR CB  CG2  sing N N 286 
THR CB  HB   sing N N 287 
THR OG1 HG1  sing N N 288 
THR CG2 HG21 sing N N 289 
THR CG2 HG22 sing N N 290 
THR CG2 HG23 sing N N 291 
THR OXT HXT  sing N N 292 
TYR N   CA   sing N N 293 
TYR N   H    sing N N 294 
TYR N   H2   sing N N 295 
TYR CA  C    sing N N 296 
TYR CA  CB   sing N N 297 
TYR CA  HA   sing N N 298 
TYR C   O    doub N N 299 
TYR C   OXT  sing N N 300 
TYR CB  CG   sing N N 301 
TYR CB  HB2  sing N N 302 
TYR CB  HB3  sing N N 303 
TYR CG  CD1  doub Y N 304 
TYR CG  CD2  sing Y N 305 
TYR CD1 CE1  sing Y N 306 
TYR CD1 HD1  sing N N 307 
TYR CD2 CE2  doub Y N 308 
TYR CD2 HD2  sing N N 309 
TYR CE1 CZ   doub Y N 310 
TYR CE1 HE1  sing N N 311 
TYR CE2 CZ   sing Y N 312 
TYR CE2 HE2  sing N N 313 
TYR CZ  OH   sing N N 314 
TYR OH  HH   sing N N 315 
TYR OXT HXT  sing N N 316 
VAL N   CA   sing N N 317 
VAL N   H    sing N N 318 
VAL N   H2   sing N N 319 
VAL CA  C    sing N N 320 
VAL CA  CB   sing N N 321 
VAL CA  HA   sing N N 322 
VAL C   O    doub N N 323 
VAL C   OXT  sing N N 324 
VAL CB  CG1  sing N N 325 
VAL CB  CG2  sing N N 326 
VAL CB  HB   sing N N 327 
VAL CG1 HG11 sing N N 328 
VAL CG1 HG12 sing N N 329 
VAL CG1 HG13 sing N N 330 
VAL CG2 HG21 sing N N 331 
VAL CG2 HG22 sing N N 332 
VAL CG2 HG23 sing N N 333 
VAL OXT HXT  sing N N 334 
# 
loop_
_pdbx_audit_support.funding_organization 
_pdbx_audit_support.country 
_pdbx_audit_support.grant_number 
_pdbx_audit_support.ordinal 
'Agence Nationale de la Recherche (ANR)'              France 17-CE11-0012-01                          1 
'Centre National de la Recherche Scientifique (CNRS)' France 'MITI OriginsUnderPressure et LifeAdapt' 2 
# 
_pdbx_initial_refinement_model.id               1 
_pdbx_initial_refinement_model.entity_id_list   ? 
_pdbx_initial_refinement_model.type             'experimental model' 
_pdbx_initial_refinement_model.source_name      PDB 
_pdbx_initial_refinement_model.accession_code   2V94 
_pdbx_initial_refinement_model.details          ? 
# 
_atom_sites.entry_id                    8A8S 
_atom_sites.Cartn_transf_matrix[1][1]   ? 
_atom_sites.Cartn_transf_matrix[1][2]   ? 
_atom_sites.Cartn_transf_matrix[1][3]   ? 
_atom_sites.Cartn_transf_matrix[2][1]   ? 
_atom_sites.Cartn_transf_matrix[2][2]   ? 
_atom_sites.Cartn_transf_matrix[2][3]   ? 
_atom_sites.Cartn_transf_matrix[3][1]   ? 
_atom_sites.Cartn_transf_matrix[3][2]   ? 
_atom_sites.Cartn_transf_matrix[3][3]   ? 
_atom_sites.Cartn_transf_vector[1]      ? 
_atom_sites.Cartn_transf_vector[2]      ? 
_atom_sites.Cartn_transf_vector[3]      ? 
_atom_sites.fract_transf_matrix[1][1]   -0.03636686 
_atom_sites.fract_transf_matrix[1][2]   -0.02116739 
_atom_sites.fract_transf_matrix[1][3]   -0.00879510 
_atom_sites.fract_transf_matrix[2][1]   -0.00317880 
_atom_sites.fract_transf_matrix[2][2]   0.01121151 
_atom_sites.fract_transf_matrix[2][3]   -0.01383900 
_atom_sites.fract_transf_matrix[3][1]   0.00983931 
_atom_sites.fract_transf_matrix[3][2]   -0.01833415 
_atom_sites.fract_transf_matrix[3][3]   -0.01711328 
_atom_sites.fract_transf_vector[1]      0.983338 
_atom_sites.fract_transf_vector[2]      0.394052 
_atom_sites.fract_transf_vector[3]      0.731447 
_atom_sites.solution_primary            ? 
_atom_sites.solution_secondary          ? 
_atom_sites.solution_hydrogens          ? 
_atom_sites.special_details             ? 
# 
loop_
_atom_type.symbol 
C 
N 
O 
S 
# 
loop_
_atom_site.group_PDB 
_atom_site.id 
_atom_site.type_symbol 
_atom_site.label_atom_id 
_atom_site.label_alt_id 
_atom_site.label_comp_id 
_atom_site.label_asym_id 
_atom_site.label_entity_id 
_atom_site.label_seq_id 
_atom_site.pdbx_PDB_ins_code 
_atom_site.Cartn_x 
_atom_site.Cartn_y 
_atom_site.Cartn_z 
_atom_site.occupancy 
_atom_site.B_iso_or_equiv 
_atom_site.pdbx_formal_charge 
_atom_site.auth_seq_id 
_atom_site.auth_comp_id 
_atom_site.auth_asym_id 
_atom_site.auth_atom_id 
_atom_site.pdbx_PDB_model_num 
ATOM   1   N N   . MET A 1 1  ? 5.035   -5.386  -13.043 1.00 34.07 ? 40  MET A N   1 
ATOM   2   C CA  . MET A 1 1  ? 3.656   -5.205  -13.457 1.00 31.56 ? 40  MET A CA  1 
ATOM   3   C C   . MET A 1 1  ? 2.776   -6.320  -12.924 1.00 32.71 ? 40  MET A C   1 
ATOM   4   O O   . MET A 1 1  ? 1.615   -6.465  -13.318 1.00 31.05 ? 40  MET A O   1 
ATOM   5   C CB  . MET A 1 1  ? 3.579   -5.144  -14.974 1.00 32.83 ? 40  MET A CB  1 
ATOM   6   C CG  . MET A 1 1  ? 4.892   -4.837  -15.614 1.00 26.09 ? 40  MET A CG  1 
ATOM   7   S SD  . MET A 1 1  ? 4.735   -4.950  -17.403 1.00 58.93 ? 40  MET A SD  1 
ATOM   8   C CE  . MET A 1 1  ? 5.323   -6.623  -17.691 1.00 43.40 ? 40  MET A CE  1 
ATOM   9   N N   . GLU A 1 2  ? 3.343   -7.121  -12.031 1.00 27.55 ? 41  GLU A N   1 
ATOM   10  C CA  . GLU A 1 2  ? 2.620   -8.203  -11.391 1.00 23.20 ? 41  GLU A CA  1 
ATOM   11  C C   . GLU A 1 2  ? 2.729   -8.021  -9.883  1.00 27.00 ? 41  GLU A C   1 
ATOM   12  O O   . GLU A 1 2  ? 3.739   -7.510  -9.383  1.00 21.13 ? 41  GLU A O   1 
ATOM   13  C CB  . GLU A 1 2  ? 3.150   -9.570  -11.833 1.00 29.53 ? 41  GLU A CB  1 
ATOM   14  C CG  . GLU A 1 2  ? 3.132   -9.791  -13.359 1.00 35.28 ? 41  GLU A CG  1 
ATOM   15  C CD  . GLU A 1 2  ? 4.302   -9.146  -14.102 1.00 38.55 ? 41  GLU A CD  1 
ATOM   16  O OE1 . GLU A 1 2  ? 5.470   -9.486  -13.788 1.00 32.33 ? 41  GLU A OE1 1 
ATOM   17  O OE2 . GLU A 1 2  ? 4.060   -8.312  -15.010 1.00 39.88 ? 41  GLU A OE2 1 
ATOM   18  N N   . ILE A 1 3  ? 1.665   -8.387  -9.170  1.00 24.60 ? 42  ILE A N   1 
ATOM   19  C CA  . ILE A 1 3  ? 1.628   -8.318  -7.716  1.00 21.43 ? 42  ILE A CA  1 
ATOM   20  C C   . ILE A 1 3  ? 1.205   -9.673  -7.187  1.00 22.06 ? 42  ILE A C   1 
ATOM   21  O O   . ILE A 1 3  ? 0.272   -10.290 -7.711  1.00 23.72 ? 42  ILE A O   1 
ATOM   22  C CB  . ILE A 1 3  ? 0.673   -7.210  -7.207  1.00 20.92 ? 42  ILE A CB  1 
ATOM   23  C CG1 . ILE A 1 3  ? 1.407   -5.874  -7.130  1.00 22.37 ? 42  ILE A CG1 1 
ATOM   24  C CG2 . ILE A 1 3  ? 0.034   -7.592  -5.872  1.00 23.44 ? 42  ILE A CG2 1 
ATOM   25  C CD1 . ILE A 1 3  ? 0.602   -4.804  -6.430  1.00 20.69 ? 42  ILE A CD1 1 
ATOM   26  N N   . LYS A 1 4  ? 1.895   -10.144 -6.155  1.00 17.14 ? 43  LYS A N   1 
ATOM   27  C CA  . LYS A 1 4  ? 1.557   -11.400 -5.497  1.00 18.88 ? 43  LYS A CA  1 
ATOM   28  C C   . LYS A 1 4  ? 1.397   -11.080 -4.021  1.00 16.39 ? 43  LYS A C   1 
ATOM   29  O O   . LYS A 1 4  ? 2.366   -10.682 -3.369  1.00 15.68 ? 43  LYS A O   1 
ATOM   30  C CB  . LYS A 1 4  ? 2.635   -12.457 -5.732  1.00 20.65 ? 43  LYS A CB  1 
ATOM   31  C CG  . LYS A 1 4  ? 2.252   -13.854 -5.277  1.00 26.52 ? 43  LYS A CG  1 
ATOM   32  C CD  . LYS A 1 4  ? 3.097   -14.916 -6.002  1.00 32.28 ? 43  LYS A CD  1 
ATOM   33  C CE  . LYS A 1 4  ? 3.620   -15.999 -5.041  1.00 40.11 ? 43  LYS A CE  1 
ATOM   34  N NZ  . LYS A 1 4  ? 2.581   -16.966 -4.557  1.00 36.32 ? 43  LYS A NZ  1 
ATOM   35  N N   . VAL A 1 5  ? 0.170   -11.174 -3.510  1.00 15.20 ? 44  VAL A N   1 
ATOM   36  C CA  . VAL A 1 5  ? -0.042  -10.927 -2.090  1.00 13.74 ? 44  VAL A CA  1 
ATOM   37  C C   . VAL A 1 5  ? 0.532   -12.096 -1.305  1.00 21.26 ? 44  VAL A C   1 
ATOM   38  O O   . VAL A 1 5  ? 0.182   -13.260 -1.544  1.00 24.41 ? 44  VAL A O   1 
ATOM   39  C CB  . VAL A 1 5  ? -1.523  -10.722 -1.766  1.00 14.50 ? 44  VAL A CB  1 
ATOM   40  C CG1 . VAL A 1 5  ? -1.672  -10.591 -0.248  1.00 14.73 ? 44  VAL A CG1 1 
ATOM   41  C CG2 . VAL A 1 5  ? -2.067  -9.516  -2.511  1.00 19.68 ? 44  VAL A CG2 1 
ATOM   42  N N   . THR A 1 6  ? 1.434   -11.791 -0.378  1.00 15.68 ? 45  THR A N   1 
ATOM   43  C CA  . THR A 1 6  ? 2.090   -12.816 0.413   1.00 16.94 ? 45  THR A CA  1 
ATOM   44  C C   . THR A 1 6  ? 1.453   -13.007 1.782   1.00 17.37 ? 45  THR A C   1 
ATOM   45  O O   . THR A 1 6  ? 1.600   -14.082 2.366   1.00 18.10 ? 45  THR A O   1 
ATOM   46  C CB  . THR A 1 6  ? 3.596   -12.506 0.561   1.00 19.99 ? 45  THR A CB  1 
ATOM   47  O OG1 . THR A 1 6  ? 3.783   -11.182 1.081   1.00 16.37 ? 45  THR A OG1 1 
ATOM   48  C CG2 . THR A 1 6  ? 4.298   -12.586 -0.796  1.00 18.63 ? 45  THR A CG2 1 
ATOM   49  N N   . GLU A 1 7  ? 0.702   -12.025 2.287   1.00 15.00 ? 46  GLU A N   1 
ATOM   50  C CA  . GLU A 1 7  ? 0.059   -12.163 3.592   1.00 19.43 ? 46  GLU A CA  1 
ATOM   51  C C   . GLU A 1 7  ? -0.967  -11.056 3.777   1.00 14.54 ? 46  GLU A C   1 
ATOM   52  O O   . GLU A 1 7  ? -0.685  -9.902  3.450   1.00 16.98 ? 46  GLU A O   1 
ATOM   53  C CB  . GLU A 1 7  ? 1.095   -12.085 4.714   1.00 21.86 ? 46  GLU A CB  1 
ATOM   54  C CG  . GLU A 1 7  ? 0.529   -12.123 6.095   1.00 24.08 ? 46  GLU A CG  1 
ATOM   55  C CD  . GLU A 1 7  ? 1.641   -12.203 7.118   1.00 31.94 ? 46  GLU A CD  1 
ATOM   56  O OE1 . GLU A 1 7  ? 1.490   -11.624 8.211   1.00 42.80 ? 46  GLU A OE1 1 
ATOM   57  O OE2 . GLU A 1 7  ? 2.669   -12.852 6.821   1.00 36.70 ? 46  GLU A OE2 1 
ATOM   58  N N   . ILE A 1 8  ? -2.133  -11.421 4.307   1.00 16.36 ? 47  ILE A N   1 
ATOM   59  C CA  . ILE A 1 8  ? -3.167  -10.407 4.654   1.00 10.95 ? 47  ILE A CA  1 
ATOM   60  C C   . ILE A 1 8  ? -3.575  -10.711 6.091   1.00 17.89 ? 47  ILE A C   1 
ATOM   61  O O   . ILE A 1 8  ? -4.016  -11.840 6.357   1.00 19.39 ? 47  ILE A O   1 
ATOM   62  C CB  . ILE A 1 8  ? -4.390  -10.459 3.724   1.00 18.02 ? 47  ILE A CB  1 
ATOM   63  C CG1 . ILE A 1 8  ? -4.012  -10.255 2.257   1.00 18.18 ? 47  ILE A CG1 1 
ATOM   64  C CG2 . ILE A 1 8  ? -5.435  -9.454  4.182   1.00 16.17 ? 47  ILE A CG2 1 
ATOM   65  C CD1 . ILE A 1 8  ? -5.118  -10.613 1.294   1.00 25.14 ? 47  ILE A CD1 1 
ATOM   66  N N   . ARG A 1 9  ? -3.382  -9.746  6.975   1.00 19.22 ? 48  ARG A N   1 
ATOM   67  C CA  . ARG A 1 9  ? -3.717  -9.966  8.395   1.00 20.00 ? 48  ARG A CA  1 
ATOM   68  C C   . ARG A 1 9  ? -4.798  -8.961  8.784   1.00 20.06 ? 48  ARG A C   1 
ATOM   69  O O   . ARG A 1 9  ? -4.758  -7.818  8.310   1.00 16.73 ? 48  ARG A O   1 
ATOM   70  C CB  . ARG A 1 9  ? -2.477  -9.798  9.271   1.00 24.67 ? 48  ARG A CB  1 
ATOM   71  C CG  . ARG A 1 9  ? -2.240  -10.958 10.224  1.00 35.70 ? 48  ARG A CG  1 
ATOM   72  C CD  . ARG A 1 9  ? -0.780  -11.354 10.248  1.00 37.13 ? 48  ARG A CD  1 
ATOM   73  N NE  . ARG A 1 9  ? 0.062   -10.294 10.779  1.00 46.50 ? 48  ARG A NE  1 
ATOM   74  C CZ  . ARG A 1 9  ? 1.283   -10.487 11.264  1.00 48.90 ? 48  ARG A CZ  1 
ATOM   75  N NH1 . ARG A 1 9  ? 1.802   -11.703 11.271  1.00 47.00 ? 48  ARG A NH1 1 
ATOM   76  N NH2 . ARG A 1 9  ? 1.980   -9.470  11.735  1.00 53.08 ? 48  ARG A NH2 1 
ATOM   77  N N   . GLU A 1 10 ? -5.726  -9.406  9.620   1.00 17.76 ? 49  GLU A N   1 
ATOM   78  C CA  . GLU A 1 10 ? -6.780  -8.495  10.032  1.00 17.39 ? 49  GLU A CA  1 
ATOM   79  C C   . GLU A 1 10 ? -6.436  -7.948  11.414  1.00 20.63 ? 49  GLU A C   1 
ATOM   80  O O   . GLU A 1 10 ? -6.300  -8.713  12.381  1.00 22.27 ? 49  GLU A O   1 
ATOM   81  C CB  . GLU A 1 10 ? -8.132  -9.195  9.996   1.00 20.01 ? 49  GLU A CB  1 
ATOM   82  C CG  . GLU A 1 10 ? -9.098  -8.706  11.014  1.00 26.98 ? 49  GLU A CG  1 
ATOM   83  C CD  . GLU A 1 10 ? -10.014 -7.636  10.470  1.00 34.47 ? 49  GLU A CD  1 
ATOM   84  O OE1 . GLU A 1 10 ? -10.999 -7.290  11.170  1.00 40.95 ? 49  GLU A OE1 1 
ATOM   85  O OE2 . GLU A 1 10 ? -9.747  -7.128  9.359   1.00 33.89 ? 49  GLU A OE2 1 
ATOM   86  N N   . ASN A 1 11 ? -6.242  -6.634  11.493  1.00 20.44 ? 50  ASN A N   1 
ATOM   87  C CA  . ASN A 1 11 ? -6.039  -5.949  12.765  1.00 22.56 ? 50  ASN A CA  1 
ATOM   88  C C   . ASN A 1 11 ? -7.411  -5.428  13.199  1.00 25.19 ? 50  ASN A C   1 
ATOM   89  O O   . ASN A 1 11 ? -7.822  -4.316  12.851  1.00 22.57 ? 50  ASN A O   1 
ATOM   90  C CB  . ASN A 1 11 ? -4.990  -4.848  12.632  1.00 21.47 ? 50  ASN A CB  1 
ATOM   91  C CG  . ASN A 1 11 ? -4.495  -4.331  13.977  1.00 25.87 ? 50  ASN A CG  1 
ATOM   92  O OD1 . ASN A 1 11 ? -5.270  -4.186  14.932  1.00 25.38 ? 50  ASN A OD1 1 
ATOM   93  N ND2 . ASN A 1 11 ? -3.195  -4.050  14.059  1.00 23.10 ? 50  ASN A ND2 1 
ATOM   94  N N   . LYS A 1 12 ? -8.138  -6.280  13.938  1.00 24.63 ? 51  LYS A N   1 
ATOM   95  C CA  . LYS A 1 12 ? -9.436  -5.905  14.498  1.00 30.30 ? 51  LYS A CA  1 
ATOM   96  C C   . LYS A 1 12 ? -9.364  -4.623  15.313  1.00 28.29 ? 51  LYS A C   1 
ATOM   97  O O   . LYS A 1 12 ? -10.281 -3.795  15.257  1.00 31.44 ? 51  LYS A O   1 
ATOM   98  C CB  . LYS A 1 12 ? -9.999  -7.044  15.366  1.00 32.27 ? 51  LYS A CB  1 
ATOM   99  C CG  . LYS A 1 12 ? -11.080 -7.928  14.704  1.00 36.47 ? 51  LYS A CG  1 
ATOM   100 C CD  . LYS A 1 12 ? -10.587 -9.110  13.872  1.00 35.10 ? 51  LYS A CD  1 
ATOM   101 C CE  . LYS A 1 12 ? -10.636 -10.472 14.561  1.00 31.29 ? 51  LYS A CE  1 
ATOM   102 N NZ  . LYS A 1 12 ? -10.060 -11.543 13.655  1.00 26.92 ? 51  LYS A NZ  1 
ATOM   103 N N   . LEU A 1 13 ? -8.288  -4.436  16.082  1.00 26.08 ? 52  LEU A N   1 
ATOM   104 C CA  . LEU A 1 13 ? -8.293  -3.363  17.074  1.00 31.22 ? 52  LEU A CA  1 
ATOM   105 C C   . LEU A 1 13 ? -8.123  -1.990  16.435  1.00 30.30 ? 52  LEU A C   1 
ATOM   106 O O   . LEU A 1 13 ? -8.754  -1.019  16.871  1.00 27.51 ? 52  LEU A O   1 
ATOM   107 C CB  . LEU A 1 13 ? -7.213  -3.593  18.126  1.00 30.50 ? 52  LEU A CB  1 
ATOM   108 C CG  . LEU A 1 13 ? -7.752  -4.066  19.489  1.00 32.85 ? 52  LEU A CG  1 
ATOM   109 C CD1 . LEU A 1 13 ? -6.680  -3.933  20.554  1.00 31.20 ? 52  LEU A CD1 1 
ATOM   110 C CD2 . LEU A 1 13 ? -9.031  -3.322  19.903  1.00 37.65 ? 52  LEU A CD2 1 
ATOM   111 N N   . LEU A 1 14 ? -7.260  -1.876  15.431  1.00 25.60 ? 53  LEU A N   1 
ATOM   112 C CA  . LEU A 1 14 ? -7.081  -0.604  14.742  1.00 27.28 ? 53  LEU A CA  1 
ATOM   113 C C   . LEU A 1 14 ? -7.929  -0.486  13.485  1.00 23.88 ? 53  LEU A C   1 
ATOM   114 O O   . LEU A 1 14 ? -7.867  0.553   12.816  1.00 24.65 ? 53  LEU A O   1 
ATOM   115 C CB  . LEU A 1 14 ? -5.605  -0.384  14.390  1.00 20.39 ? 53  LEU A CB  1 
ATOM   116 C CG  . LEU A 1 14 ? -4.580  -0.745  15.457  1.00 25.32 ? 53  LEU A CG  1 
ATOM   117 C CD1 . LEU A 1 14 ? -3.227  -0.241  15.032  1.00 21.78 ? 53  LEU A CD1 1 
ATOM   118 C CD2 . LEU A 1 14 ? -4.975  -0.110  16.801  1.00 30.27 ? 53  LEU A CD2 1 
ATOM   119 N N   . GLY A 1 15 ? -8.703  -1.514  13.150  1.00 17.92 ? 54  GLY A N   1 
ATOM   120 C CA  . GLY A 1 15 ? -9.604  -1.457  12.016  1.00 21.98 ? 54  GLY A CA  1 
ATOM   121 C C   . GLY A 1 15 ? -8.903  -1.346  10.681  1.00 19.24 ? 54  GLY A C   1 
ATOM   122 O O   . GLY A 1 15 ? -9.228  -0.485  9.864   1.00 16.36 ? 54  GLY A O   1 
ATOM   123 N N   . ARG A 1 16 ? -7.939  -2.227  10.434  1.00 15.24 ? 55  ARG A N   1 
ATOM   124 C CA  . ARG A 1 16 ? -7.257  -2.213  9.145   1.00 14.53 ? 55  ARG A CA  1 
ATOM   125 C C   . ARG A 1 16 ? -6.816  -3.621  8.817   1.00 13.68 ? 55  ARG A C   1 
ATOM   126 O O   . ARG A 1 16 ? -6.621  -4.445  9.708   1.00 15.68 ? 55  ARG A O   1 
ATOM   127 C CB  . ARG A 1 16 ? -6.033  -1.298  9.148   1.00 15.96 ? 55  ARG A CB  1 
ATOM   128 C CG  . ARG A 1 16 ? -4.944  -1.745  10.121  1.00 13.25 ? 55  ARG A CG  1 
ATOM   129 C CD  . ARG A 1 16 ? -3.915  -0.676  10.347  1.00 15.77 ? 55  ARG A CD  1 
ATOM   130 N NE  . ARG A 1 16 ? -2.771  -1.207  11.082  1.00 17.28 ? 55  ARG A NE  1 
ATOM   131 C CZ  . ARG A 1 16 ? -1.843  -0.452  11.654  1.00 19.97 ? 55  ARG A CZ  1 
ATOM   132 N NH1 . ARG A 1 16 ? -1.912  0.872   11.612  1.00 20.68 ? 55  ARG A NH1 1 
ATOM   133 N NH2 . ARG A 1 16 ? -0.827  -1.038  12.292  1.00 18.58 ? 55  ARG A NH2 1 
ATOM   134 N N   . LYS A 1 17 ? -6.666  -3.893  7.520   1.00 13.11 ? 56  LYS A N   1 
ATOM   135 C CA  . LYS A 1 17 ? -5.949  -5.068  7.067   1.00 14.26 ? 56  LYS A CA  1 
ATOM   136 C C   . LYS A 1 17 ? -4.497  -4.686  6.820   1.00 16.27 ? 56  LYS A C   1 
ATOM   137 O O   . LYS A 1 17 ? -4.192  -3.590  6.324   1.00 15.93 ? 56  LYS A O   1 
ATOM   138 C CB  . LYS A 1 17 ? -6.614  -5.648  5.813   1.00 12.88 ? 56  LYS A CB  1 
ATOM   139 C CG  . LYS A 1 17 ? -8.025  -6.185  6.107   1.00 22.66 ? 56  LYS A CG  1 
ATOM   140 C CD  . LYS A 1 17 ? -8.596  -7.041  4.981   1.00 27.08 ? 56  LYS A CD  1 
ATOM   141 C CE  . LYS A 1 17 ? -9.962  -7.628  5.349   1.00 25.56 ? 56  LYS A CE  1 
ATOM   142 N NZ  . LYS A 1 17 ? -10.142 -7.835  6.827   1.00 30.58 ? 56  LYS A NZ  1 
ATOM   143 N N   . GLU A 1 18 ? -3.599  -5.580  7.214   1.00 15.02 ? 57  GLU A N   1 
ATOM   144 C CA  . GLU A 1 18 ? -2.172  -5.364  7.079   1.00 14.31 ? 57  GLU A CA  1 
ATOM   145 C C   . GLU A 1 18 ? -1.685  -6.347  6.025   1.00 15.12 ? 57  GLU A C   1 
ATOM   146 O O   . GLU A 1 18 ? -1.882  -7.559  6.164   1.00 15.94 ? 57  GLU A O   1 
ATOM   147 C CB  . GLU A 1 18 ? -1.483  -5.538  8.429   1.00 15.47 ? 57  GLU A CB  1 
ATOM   148 C CG  . GLU A 1 18 ? -2.013  -4.469  9.413   1.00 13.12 ? 57  GLU A CG  1 
ATOM   149 C CD  . GLU A 1 18 ? -1.510  -4.608  10.830  1.00 23.89 ? 57  GLU A CD  1 
ATOM   150 O OE1 . GLU A 1 18 ? -0.925  -5.657  11.181  1.00 23.37 ? 57  GLU A OE1 1 
ATOM   151 O OE2 . GLU A 1 18 ? -1.771  -3.668  11.615  1.00 19.52 ? 57  GLU A OE2 1 
ATOM   152 N N   . ILE A 1 19 ? -1.096  -5.816  4.956   1.00 13.63 ? 58  ILE A N   1 
ATOM   153 C CA  . ILE A 1 19 ? -0.982  -6.537  3.693   1.00 12.00 ? 58  ILE A CA  1 
ATOM   154 C C   . ILE A 1 19 ? 0.461   -6.470  3.231   1.00 13.17 ? 58  ILE A C   1 
ATOM   155 O O   . ILE A 1 19 ? 0.973   -5.379  2.948   1.00 14.28 ? 58  ILE A O   1 
ATOM   156 C CB  . ILE A 1 19 ? -1.910  -5.945  2.610   1.00 10.99 ? 58  ILE A CB  1 
ATOM   157 C CG1 . ILE A 1 19 ? -3.384  -6.017  3.008   1.00 15.20 ? 58  ILE A CG1 1 
ATOM   158 C CG2 . ILE A 1 19 ? -1.652  -6.610  1.219   1.00 11.94 ? 58  ILE A CG2 1 
ATOM   159 C CD1 . ILE A 1 19 ? -4.239  -4.960  2.285   1.00 16.93 ? 58  ILE A CD1 1 
ATOM   160 N N   . TYR A 1 20 ? 1.105   -7.629  3.127   1.00 11.82 ? 59  TYR A N   1 
ATOM   161 C CA  . TYR A 1 20 ? 2.431   -7.725  2.530   1.00 13.71 ? 59  TYR A CA  1 
ATOM   162 C C   . TYR A 1 20 ? 2.312   -8.300  1.131   1.00 14.34 ? 59  TYR A C   1 
ATOM   163 O O   . TYR A 1 20 ? 1.475   -9.177  0.878   1.00 14.72 ? 59  TYR A O   1 
ATOM   164 C CB  . TYR A 1 20 ? 3.373   -8.591  3.369   1.00 15.64 ? 59  TYR A CB  1 
ATOM   165 C CG  . TYR A 1 20 ? 3.719   -7.946  4.689   1.00 19.13 ? 59  TYR A CG  1 
ATOM   166 C CD1 . TYR A 1 20 ? 2.859   -8.033  5.774   1.00 19.99 ? 59  TYR A CD1 1 
ATOM   167 C CD2 . TYR A 1 20 ? 4.883   -7.210  4.831   1.00 17.88 ? 59  TYR A CD2 1 
ATOM   168 C CE1 . TYR A 1 20 ? 3.164   -7.429  6.979   1.00 21.15 ? 59  TYR A CE1 1 
ATOM   169 C CE2 . TYR A 1 20 ? 5.200   -6.603  6.031   1.00 21.64 ? 59  TYR A CE2 1 
ATOM   170 C CZ  . TYR A 1 20 ? 4.338   -6.712  7.098   1.00 25.31 ? 59  TYR A CZ  1 
ATOM   171 O OH  . TYR A 1 20 ? 4.666   -6.093  8.287   1.00 29.83 ? 59  TYR A OH  1 
ATOM   172 N N   . PHE A 1 21 ? 3.159   -7.812  0.225   1.00 12.29 ? 60  PHE A N   1 
ATOM   173 C CA  . PHE A 1 21 ? 3.076   -8.258  -1.160  1.00 13.17 ? 60  PHE A CA  1 
ATOM   174 C C   . PHE A 1 21 ? 4.425   -8.137  -1.860  1.00 12.16 ? 60  PHE A C   1 
ATOM   175 O O   . PHE A 1 21 ? 5.276   -7.328  -1.485  1.00 10.74 ? 60  PHE A O   1 
ATOM   176 C CB  . PHE A 1 21 ? 1.999   -7.473  -1.897  1.00 12.69 ? 60  PHE A CB  1 
ATOM   177 C CG  . PHE A 1 21 ? 2.215   -5.976  -1.898  1.00 11.97 ? 60  PHE A CG  1 
ATOM   178 C CD1 . PHE A 1 21 ? 1.827   -5.192  -0.819  1.00 14.59 ? 60  PHE A CD1 1 
ATOM   179 C CD2 . PHE A 1 21 ? 2.798   -5.349  -2.995  1.00 13.61 ? 60  PHE A CD2 1 
ATOM   180 C CE1 . PHE A 1 21 ? 2.011   -3.798  -0.826  1.00 12.09 ? 60  PHE A CE1 1 
ATOM   181 C CE2 . PHE A 1 21 ? 2.981   -3.967  -3.009  1.00 13.96 ? 60  PHE A CE2 1 
ATOM   182 C CZ  . PHE A 1 21 ? 2.591   -3.192  -1.912  1.00 15.02 ? 60  PHE A CZ  1 
ATOM   183 N N   . ASP A 1 22 ? 4.620   -8.983  -2.872  1.00 11.49 ? 61  ASP A N   1 
ATOM   184 C CA  . ASP A 1 22 ? 5.705   -8.822  -3.830  1.00 9.70  ? 61  ASP A CA  1 
ATOM   185 C C   . ASP A 1 22 ? 5.233   -8.039  -5.052  1.00 11.97 ? 61  ASP A C   1 
ATOM   186 O O   . ASP A 1 22 ? 4.063   -8.115  -5.459  1.00 14.30 ? 61  ASP A O   1 
ATOM   187 C CB  . ASP A 1 22 ? 6.271   -10.172 -4.318  1.00 14.02 ? 61  ASP A CB  1 
ATOM   188 C CG  . ASP A 1 22 ? 6.728   -11.071 -3.200  1.00 15.78 ? 61  ASP A CG  1 
ATOM   189 O OD1 . ASP A 1 22 ? 7.201   -10.548 -2.166  1.00 11.24 ? 61  ASP A OD1 1 
ATOM   190 O OD2 . ASP A 1 22 ? 6.718   -12.319 -3.404  1.00 13.92 ? 61  ASP A OD2 1 
ATOM   191 N N   . VAL A 1 23 ? 6.161   -7.289  -5.641  1.00 10.97 ? 62  VAL A N   1 
ATOM   192 C CA  . VAL A 1 23 ? 5.956   -6.651  -6.937  1.00 13.18 ? 62  VAL A CA  1 
ATOM   193 C C   . VAL A 1 23 ? 7.007   -7.198  -7.881  1.00 13.41 ? 62  VAL A C   1 
ATOM   194 O O   . VAL A 1 23 ? 8.204   -7.085  -7.601  1.00 16.73 ? 62  VAL A O   1 
ATOM   195 C CB  . VAL A 1 23 ? 6.065   -5.118  -6.871  1.00 11.27 ? 62  VAL A CB  1 
ATOM   196 C CG1 . VAL A 1 23 ? 5.698   -4.516  -8.209  1.00 15.79 ? 62  VAL A CG1 1 
ATOM   197 C CG2 . VAL A 1 23 ? 5.176   -4.546  -5.747  1.00 11.19 ? 62  VAL A CG2 1 
ATOM   198 N N   . LEU A 1 24 ? 6.559   -7.780  -8.992  1.00 13.70 ? 63  LEU A N   1 
ATOM   199 C CA  . LEU A 1 24 ? 7.425   -8.230  -10.077 1.00 17.87 ? 63  LEU A CA  1 
ATOM   200 C C   . LEU A 1 24 ? 7.423   -7.130  -11.132 1.00 20.85 ? 63  LEU A C   1 
ATOM   201 O O   . LEU A 1 24 ? 6.348   -6.703  -11.573 1.00 22.43 ? 63  LEU A O   1 
ATOM   202 C CB  . LEU A 1 24 ? 6.903   -9.542  -10.672 1.00 16.96 ? 63  LEU A CB  1 
ATOM   203 C CG  . LEU A 1 24 ? 7.276   -10.859 -9.983  1.00 22.10 ? 63  LEU A CG  1 
ATOM   204 C CD1 . LEU A 1 24 ? 6.610   -10.919 -8.623  1.00 25.62 ? 63  LEU A CD1 1 
ATOM   205 C CD2 . LEU A 1 24 ? 6.853   -12.082 -10.819 1.00 23.40 ? 63  LEU A CD2 1 
ATOM   206 N N   . HIS A 1 25 ? 8.609   -6.677  -11.541 1.00 16.70 ? 64  HIS A N   1 
ATOM   207 C CA  . HIS A 1 25 ? 8.719   -5.399  -12.258 1.00 21.80 ? 64  HIS A CA  1 
ATOM   208 C C   . HIS A 1 25 ? 9.887   -5.442  -13.244 1.00 28.49 ? 64  HIS A C   1 
ATOM   209 O O   . HIS A 1 25 ? 10.796  -4.610  -13.222 1.00 26.38 ? 64  HIS A O   1 
ATOM   210 C CB  . HIS A 1 25 ? 8.862   -4.247  -11.267 1.00 25.96 ? 64  HIS A CB  1 
ATOM   211 C CG  . HIS A 1 25 ? 10.071  -4.347  -10.387 1.00 22.64 ? 64  HIS A CG  1 
ATOM   212 N ND1 . HIS A 1 25 ? 11.362  -4.203  -10.861 1.00 22.13 ? 64  HIS A ND1 1 
ATOM   213 C CD2 . HIS A 1 25 ? 10.185  -4.602  -9.062  1.00 21.91 ? 64  HIS A CD2 1 
ATOM   214 C CE1 . HIS A 1 25 ? 12.214  -4.342  -9.860  1.00 22.66 ? 64  HIS A CE1 1 
ATOM   215 N NE2 . HIS A 1 25 ? 11.525  -4.591  -8.761  1.00 21.18 ? 64  HIS A NE2 1 
ATOM   216 N N   . GLU A 1 26 ? 9.843   -6.412  -14.147 1.00 23.75 ? 65  GLU A N   1 
ATOM   217 C CA  . GLU A 1 26 ? 10.956  -6.659  -15.056 1.00 26.31 ? 65  GLU A CA  1 
ATOM   218 C C   . GLU A 1 26 ? 11.326  -5.410  -15.847 1.00 25.00 ? 65  GLU A C   1 
ATOM   219 O O   . GLU A 1 26 ? 10.461  -4.677  -16.332 1.00 30.34 ? 65  GLU A O   1 
ATOM   220 C CB  . GLU A 1 26 ? 10.579  -7.785  -16.009 1.00 24.15 ? 65  GLU A CB  1 
ATOM   221 C CG  . GLU A 1 26 ? 9.277   -7.531  -16.696 1.00 31.70 ? 65  GLU A CG  1 
ATOM   222 C CD  . GLU A 1 26 ? 8.983   -8.539  -17.749 1.00 31.87 ? 65  GLU A CD  1 
ATOM   223 O OE1 . GLU A 1 26 ? 8.062   -9.342  -17.526 1.00 36.57 ? 65  GLU A OE1 1 
ATOM   224 O OE2 . GLU A 1 26 ? 9.686   -8.551  -18.777 1.00 30.98 ? 65  GLU A OE2 1 
ATOM   225 N N   . GLY A 1 27 ? 12.629  -5.171  -15.972 1.00 25.69 ? 66  GLY A N   1 
ATOM   226 C CA  . GLY A 1 27 ? 13.145  -4.041  -16.708 1.00 30.89 ? 66  GLY A CA  1 
ATOM   227 C C   . GLY A 1 27 ? 13.281  -2.765  -15.904 1.00 37.57 ? 66  GLY A C   1 
ATOM   228 O O   . GLY A 1 27 ? 14.001  -1.853  -16.336 1.00 39.44 ? 66  GLY A O   1 
ATOM   229 N N   . GLU A 1 28 ? 12.592  -2.675  -14.768 1.00 34.56 ? 67  GLU A N   1 
ATOM   230 C CA  . GLU A 1 28 ? 12.714  -1.595  -13.802 1.00 37.51 ? 67  GLU A CA  1 
ATOM   231 C C   . GLU A 1 28 ? 13.810  -1.869  -12.792 1.00 33.81 ? 67  GLU A C   1 
ATOM   232 O O   . GLU A 1 28 ? 13.978  -2.997  -12.324 1.00 37.31 ? 67  GLU A O   1 
ATOM   233 C CB  . GLU A 1 28 ? 11.417  -1.414  -13.007 1.00 37.15 ? 67  GLU A CB  1 
ATOM   234 C CG  . GLU A 1 28 ? 10.212  -0.929  -13.741 1.00 40.25 ? 67  GLU A CG  1 
ATOM   235 C CD  . GLU A 1 28 ? 9.027   -0.882  -12.827 1.00 42.66 ? 67  GLU A CD  1 
ATOM   236 O OE1 . GLU A 1 28 ? 9.125   -1.399  -11.708 1.00 47.08 ? 67  GLU A OE1 1 
ATOM   237 O OE2 . GLU A 1 28 ? 7.981   -0.341  -13.240 1.00 45.88 ? 67  GLU A OE2 1 
ATOM   238 N N   . PRO A 1 29 ? 14.517  -0.806  -12.410 1.00 36.83 ? 68  PRO A N   1 
ATOM   239 C CA  . PRO A 1 29 ? 15.177  -0.823  -11.111 1.00 36.36 ? 68  PRO A CA  1 
ATOM   240 C C   . PRO A 1 29 ? 14.143  -0.829  -9.988  1.00 32.72 ? 68  PRO A C   1 
ATOM   241 O O   . PRO A 1 29 ? 14.285  -1.570  -9.007  1.00 29.42 ? 68  PRO A O   1 
ATOM   242 C CB  . PRO A 1 29 ? 16.121  0.375   -10.982 1.00 36.10 ? 68  PRO A CB  1 
ATOM   243 N N   . THR A 1 30 ? 13.080  -0.033  -10.128 1.00 29.38 ? 69  THR A N   1 
ATOM   244 C CA  . THR A 1 30 ? 12.032  0.110   -9.118  1.00 29.09 ? 69  THR A CA  1 
ATOM   245 C C   . THR A 1 30 ? 10.684  0.301   -9.796  1.00 34.31 ? 69  THR A C   1 
ATOM   246 O O   . THR A 1 30 ? 10.613  0.862   -10.898 1.00 37.81 ? 69  THR A O   1 
ATOM   247 C CB  . THR A 1 30 ? 12.291  1.312   -8.189  1.00 31.03 ? 69  THR A CB  1 
ATOM   248 O OG1 . THR A 1 30 ? 12.277  2.521   -8.959  1.00 31.86 ? 69  THR A OG1 1 
ATOM   249 C CG2 . THR A 1 30 ? 13.638  1.182   -7.473  1.00 29.98 ? 69  THR A CG2 1 
ATOM   250 N N   . PRO A 1 31 ? 9.590   -0.117  -9.159  1.00 29.74 ? 70  PRO A N   1 
ATOM   251 C CA  . PRO A 1 31 ? 8.260   0.113   -9.721  1.00 27.37 ? 70  PRO A CA  1 
ATOM   252 C C   . PRO A 1 31 ? 7.609   1.407   -9.244  1.00 26.26 ? 70  PRO A C   1 
ATOM   253 O O   . PRO A 1 31 ? 8.014   2.021   -8.260  1.00 26.40 ? 70  PRO A O   1 
ATOM   254 C CB  . PRO A 1 31 ? 7.487   -1.103  -9.207  1.00 26.19 ? 70  PRO A CB  1 
ATOM   255 C CG  . PRO A 1 31 ? 8.115   -1.365  -7.818  1.00 25.88 ? 70  PRO A CG  1 
ATOM   256 C CD  . PRO A 1 31 ? 9.484   -0.691  -7.804  1.00 25.22 ? 70  PRO A CD  1 
ATOM   257 N N   . SER A 1 32 ? 6.586   1.818   -9.986  1.00 25.50 ? 71  SER A N   1 
ATOM   258 C CA  . SER A 1 32 ? 5.899   3.076   -9.716  1.00 26.68 ? 71  SER A CA  1 
ATOM   259 C C   . SER A 1 32 ? 4.889   2.878   -8.589  1.00 25.07 ? 71  SER A C   1 
ATOM   260 O O   . SER A 1 32 ? 3.952   2.080   -8.723  1.00 22.98 ? 71  SER A O   1 
ATOM   261 C CB  . SER A 1 32 ? 5.213   3.574   -10.985 1.00 27.18 ? 71  SER A CB  1 
ATOM   262 O OG  . SER A 1 32 ? 4.029   4.293   -10.691 1.00 27.54 ? 71  SER A OG  1 
ATOM   263 N N   . ARG A 1 33 ? 5.064   3.616   -7.489  1.00 26.46 ? 72  ARG A N   1 
ATOM   264 C CA  . ARG A 1 33 ? 4.235   3.380   -6.305  1.00 25.11 ? 72  ARG A CA  1 
ATOM   265 C C   . ARG A 1 33 ? 2.754   3.620   -6.590  1.00 25.05 ? 72  ARG A C   1 
ATOM   266 O O   . ARG A 1 33 ? 1.897   2.879   -6.095  1.00 21.62 ? 72  ARG A O   1 
ATOM   267 C CB  . ARG A 1 33 ? 4.736   4.228   -5.127  1.00 30.46 ? 72  ARG A CB  1 
ATOM   268 C CG  . ARG A 1 33 ? 4.009   4.027   -3.817  1.00 30.31 ? 72  ARG A CG  1 
ATOM   269 C CD  . ARG A 1 33 ? 4.580   4.913   -2.711  1.00 32.03 ? 72  ARG A CD  1 
ATOM   270 N NE  . ARG A 1 33 ? 4.402   6.348   -2.937  1.00 34.98 ? 72  ARG A NE  1 
ATOM   271 C CZ  . ARG A 1 33 ? 5.361   7.185   -3.314  1.00 36.08 ? 72  ARG A CZ  1 
ATOM   272 N NH1 . ARG A 1 33 ? 6.616   6.780   -3.468  1.00 34.55 ? 72  ARG A NH1 1 
ATOM   273 N NH2 . ARG A 1 33 ? 5.063   8.469   -3.515  1.00 24.04 ? 72  ARG A NH2 1 
ATOM   274 N N   . GLU A 1 34 ? 2.426   4.636   -7.393  1.00 25.10 ? 73  GLU A N   1 
ATOM   275 C CA  . GLU A 1 34 ? 1.025   4.841   -7.751  1.00 23.74 ? 73  GLU A CA  1 
ATOM   276 C C   . GLU A 1 34 ? 0.504   3.672   -8.578  1.00 24.17 ? 73  GLU A C   1 
ATOM   277 O O   . GLU A 1 34 ? -0.621  3.199   -8.359  1.00 20.74 ? 73  GLU A O   1 
ATOM   278 C CB  . GLU A 1 34 ? 0.831   6.158   -8.515  1.00 31.06 ? 73  GLU A CB  1 
ATOM   279 C CG  . GLU A 1 34 ? 1.675   7.376   -8.073  1.00 31.85 ? 73  GLU A CG  1 
ATOM   280 C CD  . GLU A 1 34 ? 3.184   7.236   -8.271  1.00 33.15 ? 73  GLU A CD  1 
ATOM   281 O OE1 . GLU A 1 34 ? 3.626   6.347   -9.032  1.00 37.41 ? 73  GLU A OE1 1 
ATOM   282 O OE2 . GLU A 1 34 ? 3.935   8.030   -7.663  1.00 41.29 ? 73  GLU A OE2 1 
ATOM   283 N N   . ALA A 1 35 ? 1.317   3.180   -9.519  1.00 20.21 ? 74  ALA A N   1 
ATOM   284 C CA  . ALA A 1 35 ? 0.920   2.027   -10.320 1.00 19.35 ? 74  ALA A CA  1 
ATOM   285 C C   . ALA A 1 35 ? 0.765   0.788   -9.455  1.00 17.05 ? 74  ALA A C   1 
ATOM   286 O O   . ALA A 1 35 ? -0.183  0.010   -9.635  1.00 15.36 ? 74  ALA A O   1 
ATOM   287 C CB  . ALA A 1 35 ? 1.948   1.773   -11.426 1.00 22.61 ? 74  ALA A CB  1 
ATOM   288 N N   . VAL A 1 36 ? 1.691   0.599   -8.507  1.00 15.63 ? 75  VAL A N   1 
ATOM   289 C CA  . VAL A 1 36 ? 1.614   -0.517  -7.566  1.00 15.66 ? 75  VAL A CA  1 
ATOM   290 C C   . VAL A 1 36 ? 0.333   -0.426  -6.745  1.00 16.14 ? 75  VAL A C   1 
ATOM   291 O O   . VAL A 1 36 ? -0.394  -1.412  -6.592  1.00 16.39 ? 75  VAL A O   1 
ATOM   292 C CB  . VAL A 1 36 ? 2.859   -0.538  -6.659  1.00 15.94 ? 75  VAL A CB  1 
ATOM   293 C CG1 . VAL A 1 36 ? 2.681   -1.543  -5.511  1.00 20.26 ? 75  VAL A CG1 1 
ATOM   294 C CG2 . VAL A 1 36 ? 4.132   -0.855  -7.477  1.00 15.59 ? 75  VAL A CG2 1 
ATOM   295 N N   . LYS A 1 37 ? 0.040   0.764   -6.206  1.00 15.74 ? 76  LYS A N   1 
ATOM   296 C CA  . LYS A 1 37 ? -1.190  0.938   -5.433  1.00 14.79 ? 76  LYS A CA  1 
ATOM   297 C C   . LYS A 1 37 ? -2.414  0.568   -6.256  1.00 17.81 ? 76  LYS A C   1 
ATOM   298 O O   . LYS A 1 37 ? -3.312  -0.130  -5.771  1.00 16.55 ? 76  LYS A O   1 
ATOM   299 C CB  . LYS A 1 37 ? -1.316  2.378   -4.932  1.00 18.41 ? 76  LYS A CB  1 
ATOM   300 C CG  . LYS A 1 37 ? -2.584  2.616   -4.091  1.00 16.28 ? 76  LYS A CG  1 
ATOM   301 C CD  . LYS A 1 37 ? -2.603  4.004   -3.454  1.00 19.95 ? 76  LYS A CD  1 
ATOM   302 C CE  . LYS A 1 37 ? -3.756  4.116   -2.473  1.00 21.26 ? 76  LYS A CE  1 
ATOM   303 N NZ  . LYS A 1 37 ? -3.797  5.461   -1.811  1.00 16.81 ? 76  LYS A NZ  1 
ATOM   304 N N   . GLY A 1 38 ? -2.486  1.064   -7.492  1.00 14.95 ? 77  GLY A N   1 
ATOM   305 C CA  . GLY A 1 38 ? -3.614  0.731   -8.347  1.00 18.59 ? 77  GLY A CA  1 
ATOM   306 C C   . GLY A 1 38 ? -3.786  -0.767  -8.524  1.00 16.11 ? 77  GLY A C   1 
ATOM   307 O O   . GLY A 1 38 ? -4.904  -1.284  -8.449  1.00 16.36 ? 77  GLY A O   1 
ATOM   308 N N   . LYS A 1 39 ? -2.681  -1.483  -8.792  1.00 17.71 ? 78  LYS A N   1 
ATOM   309 C CA  . LYS A 1 39 ? -2.774  -2.936  -8.957  1.00 17.53 ? 78  LYS A CA  1 
ATOM   310 C C   . LYS A 1 39 ? -3.213  -3.613  -7.668  1.00 14.07 ? 78  LYS A C   1 
ATOM   311 O O   . LYS A 1 39 ? -4.015  -4.557  -7.688  1.00 14.88 ? 78  LYS A O   1 
ATOM   312 C CB  . LYS A 1 39 ? -1.448  -3.549  -9.411  1.00 19.00 ? 78  LYS A CB  1 
ATOM   313 C CG  . LYS A 1 39 ? -0.654  -2.875  -10.525 1.00 25.45 ? 78  LYS A CG  1 
ATOM   314 C CD  . LYS A 1 39 ? 0.689   -3.622  -10.672 1.00 32.06 ? 78  LYS A CD  1 
ATOM   315 C CE  . LYS A 1 39 ? 1.919   -2.694  -10.547 1.00 25.36 ? 78  LYS A CE  1 
ATOM   316 N NZ  . LYS A 1 39 ? 3.188   -3.437  -10.741 1.00 21.51 ? 78  LYS A NZ  1 
ATOM   317 N N   . LEU A 1 40 ? -2.651  -3.187  -6.543  1.00 14.01 ? 79  LEU A N   1 
ATOM   318 C CA  . LEU A 1 40 ? -2.985  -3.821  -5.277  1.00 13.18 ? 79  LEU A CA  1 
ATOM   319 C C   . LEU A 1 40 ? -4.444  -3.572  -4.928  1.00 11.64 ? 79  LEU A C   1 
ATOM   320 O O   . LEU A 1 40 ? -5.159  -4.488  -4.507  1.00 13.38 ? 79  LEU A O   1 
ATOM   321 C CB  . LEU A 1 40 ? -2.062  -3.288  -4.179  1.00 11.56 ? 79  LEU A CB  1 
ATOM   322 C CG  . LEU A 1 40 ? -2.242  -3.865  -2.775  1.00 13.75 ? 79  LEU A CG  1 
ATOM   323 C CD1 . LEU A 1 40 ? -1.849  -5.326  -2.789  1.00 16.00 ? 79  LEU A CD1 1 
ATOM   324 C CD2 . LEU A 1 40 ? -1.434  -3.057  -1.751  1.00 15.45 ? 79  LEU A CD2 1 
ATOM   325 N N   . VAL A 1 41 ? -4.897  -2.325  -5.090  1.00 14.77 ? 80  VAL A N   1 
ATOM   326 C CA  . VAL A 1 41 ? -6.286  -1.980  -4.806  1.00 16.86 ? 80  VAL A CA  1 
ATOM   327 C C   . VAL A 1 41 ? -7.233  -2.806  -5.664  1.00 18.37 ? 80  VAL A C   1 
ATOM   328 O O   . VAL A 1 41 ? -8.276  -3.274  -5.185  1.00 18.25 ? 80  VAL A O   1 
ATOM   329 C CB  . VAL A 1 41 ? -6.508  -0.471  -5.018  1.00 15.78 ? 80  VAL A CB  1 
ATOM   330 C CG1 . VAL A 1 41 ? -7.983  -0.167  -5.158  1.00 21.30 ? 80  VAL A CG1 1 
ATOM   331 C CG2 . VAL A 1 41 ? -5.890  0.312   -3.870  1.00 17.91 ? 80  VAL A CG2 1 
ATOM   332 N N   . ALA A 1 42 ? -6.889  -2.995  -6.938  1.00 15.04 ? 81  ALA A N   1 
ATOM   333 C CA  . ALA A 1 42 ? -7.727  -3.808  -7.814  1.00 21.19 ? 81  ALA A CA  1 
ATOM   334 C C   . ALA A 1 42 ? -7.715  -5.268  -7.383  1.00 22.20 ? 81  ALA A C   1 
ATOM   335 O O   . ALA A 1 42 ? -8.762  -5.928  -7.356  1.00 22.21 ? 81  ALA A O   1 
ATOM   336 C CB  . ALA A 1 42 ? -7.257  -3.683  -9.259  1.00 20.42 ? 81  ALA A CB  1 
ATOM   337 N N   . MET A 1 43 ? -6.541  -5.785  -7.027  1.00 15.49 ? 82  MET A N   1 
ATOM   338 C CA  . MET A 1 43 ? -6.438  -7.206  -6.725  1.00 18.50 ? 82  MET A CA  1 
ATOM   339 C C   . MET A 1 43 ? -7.229  -7.595  -5.480  1.00 17.18 ? 82  MET A C   1 
ATOM   340 O O   . MET A 1 43 ? -7.790  -8.694  -5.417  1.00 19.34 ? 82  MET A O   1 
ATOM   341 C CB  . MET A 1 43 ? -4.973  -7.584  -6.589  1.00 18.89 ? 82  MET A CB  1 
ATOM   342 C CG  . MET A 1 43 ? -4.729  -8.786  -5.732  1.00 23.83 ? 82  MET A CG  1 
ATOM   343 S SD  . MET A 1 43 ? -3.360  -9.569  -6.563  1.00 44.56 ? 82  MET A SD  1 
ATOM   344 C CE  . MET A 1 43 ? -4.349  -10.213 -7.916  1.00 24.57 ? 82  MET A CE  1 
ATOM   345 N N   . LEU A 1 44 ? -7.281  -6.720  -4.480  1.00 16.52 ? 83  LEU A N   1 
ATOM   346 C CA  . LEU A 1 44 ? -7.901  -7.050  -3.205  1.00 16.87 ? 83  LEU A CA  1 
ATOM   347 C C   . LEU A 1 44 ? -9.213  -6.325  -2.971  1.00 14.88 ? 83  LEU A C   1 
ATOM   348 O O   . LEU A 1 44 ? -9.763  -6.428  -1.869  1.00 16.62 ? 83  LEU A O   1 
ATOM   349 C CB  . LEU A 1 44 ? -6.937  -6.755  -2.059  1.00 15.77 ? 83  LEU A CB  1 
ATOM   350 C CG  . LEU A 1 44 ? -5.652  -7.586  -2.059  1.00 16.18 ? 83  LEU A CG  1 
ATOM   351 C CD1 . LEU A 1 44 ? -4.834  -7.220  -0.864  1.00 13.81 ? 83  LEU A CD1 1 
ATOM   352 C CD2 . LEU A 1 44 ? -6.034  -9.049  -1.952  1.00 19.57 ? 83  LEU A CD2 1 
ATOM   353 N N   . ASP A 1 45 ? -9.729  -5.615  -3.977  1.00 18.28 ? 84  ASP A N   1 
ATOM   354 C CA  . ASP A 1 45 ? -11.005 -4.910  -3.868  1.00 19.24 ? 84  ASP A CA  1 
ATOM   355 C C   . ASP A 1 45 ? -10.966 -3.921  -2.704  1.00 23.65 ? 84  ASP A C   1 
ATOM   356 O O   . ASP A 1 45 ? -11.884 -3.835  -1.884  1.00 21.59 ? 84  ASP A O   1 
ATOM   357 C CB  . ASP A 1 45 ? -12.156 -5.921  -3.743  1.00 21.79 ? 84  ASP A CB  1 
ATOM   358 C CG  . ASP A 1 45 ? -13.530 -5.293  -3.922  1.00 21.85 ? 84  ASP A CG  1 
ATOM   359 O OD1 . ASP A 1 45 ? -13.644 -4.228  -4.575  1.00 22.60 ? 84  ASP A OD1 1 
ATOM   360 O OD2 . ASP A 1 45 ? -14.511 -5.902  -3.441  1.00 24.25 ? 84  ASP A OD2 1 
ATOM   361 N N   . LEU A 1 46 ? -9.871  -3.166  -2.628  1.00 20.58 ? 85  LEU A N   1 
ATOM   362 C CA  . LEU A 1 46 ? -9.750  -2.199  -1.551  1.00 18.94 ? 85  LEU A CA  1 
ATOM   363 C C   . LEU A 1 46 ? -10.294 -0.852  -1.977  1.00 20.10 ? 85  LEU A C   1 
ATOM   364 O O   . LEU A 1 46 ? -10.552 -0.585  -3.150  1.00 18.68 ? 85  LEU A O   1 
ATOM   365 C CB  . LEU A 1 46 ? -8.304  -2.005  -1.101  1.00 17.38 ? 85  LEU A CB  1 
ATOM   366 C CG  . LEU A 1 46 ? -7.376  -3.203  -1.016  1.00 16.63 ? 85  LEU A CG  1 
ATOM   367 C CD1 . LEU A 1 46 ? -5.963  -2.677  -0.802  1.00 15.48 ? 85  LEU A CD1 1 
ATOM   368 C CD2 . LEU A 1 46 ? -7.823  -4.084  0.135   1.00 17.11 ? 85  LEU A CD2 1 
ATOM   369 N N   . ASP A 1 47 ? -10.426 0.013   -0.981  1.00 19.39 ? 86  ASP A N   1 
ATOM   370 C CA  . ASP A 1 47 ? -10.838 1.386   -1.183  1.00 18.88 ? 86  ASP A CA  1 
ATOM   371 C C   . ASP A 1 47 ? -9.562  2.195   -1.395  1.00 16.96 ? 86  ASP A C   1 
ATOM   372 O O   . ASP A 1 47 ? -8.723  2.252   -0.479  1.00 13.61 ? 86  ASP A O   1 
ATOM   373 C CB  . ASP A 1 47 ? -11.623 1.860   0.040   1.00 18.75 ? 86  ASP A CB  1 
ATOM   374 C CG  . ASP A 1 47 ? -12.163 3.246   -0.102  1.00 23.11 ? 86  ASP A CG  1 
ATOM   375 O OD1 . ASP A 1 47 ? -11.731 3.981   -1.012  1.00 22.14 ? 86  ASP A OD1 1 
ATOM   376 O OD2 . ASP A 1 47 ? -13.061 3.583   0.699   1.00 27.12 ? 86  ASP A OD2 1 
ATOM   377 N N   . PRO A 1 48 ? -9.331  2.758   -2.578  1.00 15.58 ? 87  PRO A N   1 
ATOM   378 C CA  . PRO A 1 48 ? -8.111  3.558   -2.773  1.00 18.65 ? 87  PRO A CA  1 
ATOM   379 C C   . PRO A 1 48 ? -7.964  4.638   -1.727  1.00 18.39 ? 87  PRO A C   1 
ATOM   380 O O   . PRO A 1 48 ? -6.843  4.980   -1.327  1.00 19.79 ? 87  PRO A O   1 
ATOM   381 C CB  . PRO A 1 48 ? -8.288  4.171   -4.169  1.00 21.95 ? 87  PRO A CB  1 
ATOM   382 C CG  . PRO A 1 48 ? -9.627  3.816   -4.630  1.00 21.13 ? 87  PRO A CG  1 
ATOM   383 C CD  . PRO A 1 48 ? -10.253 2.827   -3.719  1.00 19.01 ? 87  PRO A CD  1 
ATOM   384 N N   . ASN A 1 49 ? -9.086  5.162   -1.245  1.00 16.16 ? 88  ASN A N   1 
ATOM   385 C CA  . ASN A 1 49 ? -9.086  6.307   -0.350  1.00 19.37 ? 88  ASN A CA  1 
ATOM   386 C C   . ASN A 1 49 ? -8.753  5.954   1.096   1.00 17.22 ? 88  ASN A C   1 
ATOM   387 O O   . ASN A 1 49 ? -8.501  6.866   1.889   1.00 22.31 ? 88  ASN A O   1 
ATOM   388 C CB  . ASN A 1 49 ? -10.442 6.999   -0.447  1.00 17.49 ? 88  ASN A CB  1 
ATOM   389 C CG  . ASN A 1 49 ? -10.690 7.571   -1.833  1.00 22.18 ? 88  ASN A CG  1 
ATOM   390 O OD1 . ASN A 1 49 ? -9.803  8.171   -2.429  1.00 26.40 ? 88  ASN A OD1 1 
ATOM   391 N ND2 . ASN A 1 49 ? -11.892 7.362   -2.362  1.00 27.34 ? 88  ASN A ND2 1 
ATOM   392 N N   . THR A 1 50 ? -8.738  4.671   1.461   1.00 14.91 ? 89  THR A N   1 
ATOM   393 C CA  . THR A 1 50 ? -8.294  4.239   2.781   1.00 15.18 ? 89  THR A CA  1 
ATOM   394 C C   . THR A 1 50 ? -7.074  3.317   2.726   1.00 15.41 ? 89  THR A C   1 
ATOM   395 O O   . THR A 1 50 ? -6.774  2.646   3.717   1.00 13.52 ? 89  THR A O   1 
ATOM   396 C CB  . THR A 1 50 ? -9.420  3.519   3.521   1.00 21.08 ? 89  THR A CB  1 
ATOM   397 O OG1 . THR A 1 50 ? -9.694  2.283   2.854   1.00 16.86 ? 89  THR A OG1 1 
ATOM   398 C CG2 . THR A 1 50 ? -10.682 4.363   3.535   1.00 15.98 ? 89  THR A CG2 1 
ATOM   399 N N   . THR A 1 51 ? -6.378  3.240   1.597   1.00 14.05 ? 90  THR A N   1 
ATOM   400 C CA  . THR A 1 51 ? -5.226  2.357   1.447   1.00 13.84 ? 90  THR A CA  1 
ATOM   401 C C   . THR A 1 51 ? -3.949  3.172   1.571   1.00 15.20 ? 90  THR A C   1 
ATOM   402 O O   . THR A 1 51 ? -3.718  4.081   0.767   1.00 13.83 ? 90  THR A O   1 
ATOM   403 C CB  . THR A 1 51 ? -5.258  1.645   0.093   1.00 14.25 ? 90  THR A CB  1 
ATOM   404 O OG1 . THR A 1 51 ? -6.479  0.904   -0.027  1.00 17.24 ? 90  THR A OG1 1 
ATOM   405 C CG2 . THR A 1 51 ? -4.055  0.700   -0.075  1.00 15.39 ? 90  THR A CG2 1 
ATOM   406 N N   . VAL A 1 52 ? -3.138  2.866   2.584   1.00 11.51 ? 91  VAL A N   1 
ATOM   407 C CA  . VAL A 1 52 ? -1.842  3.507   2.803   1.00 11.93 ? 91  VAL A CA  1 
ATOM   408 C C   . VAL A 1 52 ? -0.742  2.523   2.420   1.00 15.61 ? 91  VAL A C   1 
ATOM   409 O O   . VAL A 1 52 ? -0.622  1.462   3.043   1.00 15.41 ? 91  VAL A O   1 
ATOM   410 C CB  . VAL A 1 52 ? -1.670  3.941   4.270   1.00 17.57 ? 91  VAL A CB  1 
ATOM   411 C CG1 . VAL A 1 52 ? -0.328  4.612   4.454   1.00 18.85 ? 91  VAL A CG1 1 
ATOM   412 C CG2 . VAL A 1 52 ? -2.814  4.867   4.690   1.00 18.78 ? 91  VAL A CG2 1 
ATOM   413 N N   . ILE A 1 53 ? 0.068   2.879   1.427   1.00 12.58 ? 92  ILE A N   1 
ATOM   414 C CA  . ILE A 1 53 ? 1.256   2.095   1.089   1.00 17.15 ? 92  ILE A CA  1 
ATOM   415 C C   . ILE A 1 53 ? 2.391   2.555   2.000   1.00 16.85 ? 92  ILE A C   1 
ATOM   416 O O   . ILE A 1 53 ? 2.869   3.691   1.887   1.00 19.13 ? 92  ILE A O   1 
ATOM   417 C CB  . ILE A 1 53 ? 1.641   2.262   -0.382  1.00 18.37 ? 92  ILE A CB  1 
ATOM   418 C CG1 . ILE A 1 53 ? 0.495   1.834   -1.297  1.00 17.64 ? 92  ILE A CG1 1 
ATOM   419 C CG2 . ILE A 1 53 ? 2.901   1.458   -0.673  1.00 19.26 ? 92  ILE A CG2 1 
ATOM   420 C CD1 . ILE A 1 53 ? 0.255   0.356   -1.305  1.00 24.58 ? 92  ILE A CD1 1 
ATOM   421 N N   . GLN A 1 54 ? 2.845   1.671   2.890   1.00 12.66 ? 93  GLN A N   1 
ATOM   422 C CA  . GLN A 1 54 ? 3.884   2.072   3.835   1.00 19.01 ? 93  GLN A CA  1 
ATOM   423 C C   . GLN A 1 54 ? 5.263   2.112   3.183   1.00 20.61 ? 93  GLN A C   1 
ATOM   424 O O   . GLN A 1 54 ? 6.025   3.066   3.385   1.00 19.66 ? 93  GLN A O   1 
ATOM   425 C CB  . GLN A 1 54 ? 3.904   1.144   5.056   1.00 19.02 ? 93  GLN A CB  1 
ATOM   426 C CG  . GLN A 1 54 ? 4.769   1.675   6.231   1.00 20.79 ? 93  GLN A CG  1 
ATOM   427 C CD  . GLN A 1 54 ? 4.351   3.063   6.767   1.00 34.07 ? 93  GLN A CD  1 
ATOM   428 O OE1 . GLN A 1 54 ? 3.426   3.714   6.260   1.00 35.67 ? 93  GLN A OE1 1 
ATOM   429 N NE2 . GLN A 1 54 ? 5.056   3.518   7.796   1.00 37.34 ? 93  GLN A NE2 1 
ATOM   430 N N   . TYR A 1 55 ? 5.625   1.074   2.430   1.00 16.24 ? 94  TYR A N   1 
ATOM   431 C CA  . TYR A 1 55 ? 6.882   1.095   1.696   1.00 15.03 ? 94  TYR A CA  1 
ATOM   432 C C   . TYR A 1 55 ? 6.795   0.072   0.578   1.00 17.56 ? 94  TYR A C   1 
ATOM   433 O O   . TYR A 1 55 ? 6.024   -0.888  0.649   1.00 13.08 ? 94  TYR A O   1 
ATOM   434 C CB  . TYR A 1 55 ? 8.084   0.792   2.607   1.00 15.27 ? 94  TYR A CB  1 
ATOM   435 C CG  . TYR A 1 55 ? 8.067   -0.595  3.192   1.00 15.46 ? 94  TYR A CG  1 
ATOM   436 C CD1 . TYR A 1 55 ? 8.587   -1.679  2.487   1.00 17.36 ? 94  TYR A CD1 1 
ATOM   437 C CD2 . TYR A 1 55 ? 7.526   -0.838  4.446   1.00 17.87 ? 94  TYR A CD2 1 
ATOM   438 C CE1 . TYR A 1 55 ? 8.561   -2.953  3.020   1.00 21.65 ? 94  TYR A CE1 1 
ATOM   439 C CE2 . TYR A 1 55 ? 7.501   -2.107  4.985   1.00 23.22 ? 94  TYR A CE2 1 
ATOM   440 C CZ  . TYR A 1 55 ? 8.019   -3.160  4.269   1.00 21.66 ? 94  TYR A CZ  1 
ATOM   441 O OH  . TYR A 1 55 ? 7.992   -4.421  4.804   1.00 21.34 ? 94  TYR A OH  1 
ATOM   442 N N   . ILE A 1 56 ? 7.617   0.285   -0.446  1.00 16.86 ? 95  ILE A N   1 
ATOM   443 C CA  . ILE A 1 56 ? 7.867   -0.687  -1.498  1.00 13.94 ? 95  ILE A CA  1 
ATOM   444 C C   . ILE A 1 56 ? 9.379   -0.756  -1.599  1.00 18.28 ? 95  ILE A C   1 
ATOM   445 O O   . ILE A 1 56 ? 10.008  0.203   -2.064  1.00 19.16 ? 95  ILE A O   1 
ATOM   446 C CB  . ILE A 1 56 ? 7.264   -0.277  -2.842  1.00 17.19 ? 95  ILE A CB  1 
ATOM   447 C CG1 . ILE A 1 56 ? 5.748   -0.127  -2.755  1.00 14.96 ? 95  ILE A CG1 1 
ATOM   448 C CG2 . ILE A 1 56 ? 7.639   -1.288  -3.913  1.00 16.35 ? 95  ILE A CG2 1 
ATOM   449 C CD1 . ILE A 1 56 ? 5.186   0.666   -3.903  1.00 17.58 ? 95  ILE A CD1 1 
ATOM   450 N N   . ARG A 1 57 ? 9.968   -1.847  -1.130  1.00 16.50 ? 96  ARG A N   1 
ATOM   451 C CA  . ARG A 1 57 ? 11.424  -1.965  -1.086  1.00 18.86 ? 96  ARG A CA  1 
ATOM   452 C C   . ARG A 1 57 ? 11.919  -2.796  -2.264  1.00 20.22 ? 96  ARG A C   1 
ATOM   453 O O   . ARG A 1 57 ? 11.606  -3.989  -2.370  1.00 19.02 ? 96  ARG A O   1 
ATOM   454 C CB  . ARG A 1 57 ? 11.899  -2.559  0.239   1.00 19.01 ? 96  ARG A CB  1 
ATOM   455 C CG  . ARG A 1 57 ? 13.292  -3.190  0.141   1.00 25.62 ? 96  ARG A CG  1 
ATOM   456 C CD  . ARG A 1 57 ? 14.082  -2.976  1.416   1.00 31.30 ? 96  ARG A CD  1 
ATOM   457 N NE  . ARG A 1 57 ? 15.256  -3.832  1.589   1.00 28.03 ? 96  ARG A NE  1 
ATOM   458 C CZ  . ARG A 1 57 ? 16.394  -3.778  0.900   1.00 30.85 ? 96  ARG A CZ  1 
ATOM   459 N NH1 . ARG A 1 57 ? 16.507  -3.084  -0.230  1.00 26.20 ? 96  ARG A NH1 1 
ATOM   460 N NH2 . ARG A 1 57 ? 17.446  -4.463  1.346   1.00 29.98 ? 96  ARG A NH2 1 
ATOM   461 N N   . SER A 1 58 ? 12.699  -2.161  -3.136  1.00 16.15 ? 97  SER A N   1 
ATOM   462 C CA  . SER A 1 58 ? 13.345  -2.850  -4.244  1.00 18.01 ? 97  SER A CA  1 
ATOM   463 C C   . SER A 1 58 ? 14.755  -3.284  -3.851  1.00 19.43 ? 97  SER A C   1 
ATOM   464 O O   . SER A 1 58 ? 15.329  -2.802  -2.875  1.00 17.61 ? 97  SER A O   1 
ATOM   465 C CB  . SER A 1 58 ? 13.383  -1.947  -5.472  1.00 18.06 ? 97  SER A CB  1 
ATOM   466 O OG  . SER A 1 58 ? 12.063  -1.555  -5.845  1.00 17.45 ? 97  SER A OG  1 
ATOM   467 N N   . TYR A 1 59 ? 15.301  -4.227  -4.619  1.00 17.60 ? 98  TYR A N   1 
ATOM   468 C CA  . TYR A 1 59 ? 16.603  -4.820  -4.342  1.00 16.06 ? 98  TYR A CA  1 
ATOM   469 C C   . TYR A 1 59 ? 17.409  -4.785  -5.627  1.00 21.63 ? 98  TYR A C   1 
ATOM   470 O O   . TYR A 1 59 ? 16.888  -5.107  -6.700  1.00 21.22 ? 98  TYR A O   1 
ATOM   471 C CB  . TYR A 1 59 ? 16.470  -6.257  -3.842  1.00 16.83 ? 98  TYR A CB  1 
ATOM   472 C CG  . TYR A 1 59 ? 15.697  -6.402  -2.544  1.00 19.10 ? 98  TYR A CG  1 
ATOM   473 C CD1 . TYR A 1 59 ? 14.313  -6.281  -2.528  1.00 20.81 ? 98  TYR A CD1 1 
ATOM   474 C CD2 . TYR A 1 59 ? 16.346  -6.693  -1.347  1.00 25.34 ? 98  TYR A CD2 1 
ATOM   475 C CE1 . TYR A 1 59 ? 13.599  -6.416  -1.365  1.00 21.97 ? 98  TYR A CE1 1 
ATOM   476 C CE2 . TYR A 1 59 ? 15.634  -6.843  -0.171  1.00 26.58 ? 98  TYR A CE2 1 
ATOM   477 C CZ  . TYR A 1 59 ? 14.260  -6.696  -0.190  1.00 26.99 ? 98  TYR A CZ  1 
ATOM   478 O OH  . TYR A 1 59 ? 13.523  -6.836  0.965   1.00 30.11 ? 98  TYR A OH  1 
ATOM   479 N N   . PHE A 1 60 ? 18.660  -4.366  -5.546  1.00 24.84 ? 99  PHE A N   1 
ATOM   480 C CA  . PHE A 1 60 ? 19.367  -4.183  -6.798  1.00 26.50 ? 99  PHE A CA  1 
ATOM   481 C C   . PHE A 1 60 ? 19.602  -5.525  -7.478  1.00 24.73 ? 99  PHE A C   1 
ATOM   482 O O   . PHE A 1 60 ? 19.842  -6.546  -6.824  1.00 22.28 ? 99  PHE A O   1 
ATOM   483 C CB  . PHE A 1 60 ? 20.693  -3.467  -6.624  1.00 26.35 ? 99  PHE A CB  1 
ATOM   484 C CG  . PHE A 1 60 ? 21.457  -3.398  -7.895  1.00 34.42 ? 99  PHE A CG  1 
ATOM   485 C CD1 . PHE A 1 60 ? 21.177  -2.414  -8.833  1.00 32.66 ? 99  PHE A CD1 1 
ATOM   486 C CD2 . PHE A 1 60 ? 22.380  -4.372  -8.208  1.00 33.90 ? 99  PHE A CD2 1 
ATOM   487 C CE1 . PHE A 1 60 ? 21.852  -2.375  -10.032 1.00 38.31 ? 99  PHE A CE1 1 
ATOM   488 C CE2 . PHE A 1 60 ? 23.034  -4.347  -9.397  1.00 34.14 ? 99  PHE A CE2 1 
ATOM   489 C CZ  . PHE A 1 60 ? 22.794  -3.351  -10.316 1.00 31.31 ? 99  PHE A CZ  1 
ATOM   490 N N   . GLY A 1 61 ? 19.506  -5.509  -8.807  1.00 25.69 ? 100 GLY A N   1 
ATOM   491 C CA  . GLY A 1 61 ? 19.657  -6.692  -9.623  1.00 23.58 ? 100 GLY A CA  1 
ATOM   492 C C   . GLY A 1 61 ? 18.502  -7.666  -9.567  1.00 21.69 ? 100 GLY A C   1 
ATOM   493 O O   . GLY A 1 61 ? 18.584  -8.732  -10.194 1.00 22.10 ? 100 GLY A O   1 
ATOM   494 N N   . SER A 1 62 ? 17.441  -7.345  -8.829  1.00 15.82 ? 101 SER A N   1 
ATOM   495 C CA  . SER A 1 62 ? 16.290  -8.214  -8.666  1.00 18.86 ? 101 SER A CA  1 
ATOM   496 C C   . SER A 1 62 ? 15.068  -7.607  -9.347  1.00 17.59 ? 101 SER A C   1 
ATOM   497 O O   . SER A 1 62 ? 14.830  -6.393  -9.266  1.00 18.39 ? 101 SER A O   1 
ATOM   498 C CB  . SER A 1 62 ? 15.983  -8.457  -7.186  1.00 18.63 ? 101 SER A CB  1 
ATOM   499 O OG  . SER A 1 62 ? 14.866  -9.316  -7.040  1.00 19.82 ? 101 SER A OG  1 
ATOM   500 N N   . ASN A 1 63 ? 14.296  -8.465  -10.002 1.00 17.27 ? 102 ASN A N   1 
ATOM   501 C CA  . ASN A 1 63 ? 13.004  -8.083  -10.539 1.00 19.85 ? 102 ASN A CA  1 
ATOM   502 C C   . ASN A 1 63 ? 11.923  -8.020  -9.464  1.00 15.45 ? 102 ASN A C   1 
ATOM   503 O O   . ASN A 1 63 ? 10.779  -7.694  -9.799  1.00 20.06 ? 102 ASN A O   1 
ATOM   504 C CB  . ASN A 1 63 ? 12.545  -9.056  -11.645 1.00 17.77 ? 102 ASN A CB  1 
ATOM   505 C CG  . ASN A 1 63 ? 13.663  -9.468  -12.607 1.00 21.76 ? 102 ASN A CG  1 
ATOM   506 O OD1 . ASN A 1 63 ? 13.982  -10.660 -12.753 1.00 24.93 ? 102 ASN A OD1 1 
ATOM   507 N ND2 . ASN A 1 63 ? 14.238  -8.494  -13.271 1.00 18.21 ? 102 ASN A ND2 1 
ATOM   508 N N   . VAL A 1 64 ? 12.241  -8.336  -8.205  1.00 14.99 ? 103 VAL A N   1 
ATOM   509 C CA  . VAL A 1 64 ? 11.235  -8.515  -7.152  1.00 13.72 ? 103 VAL A CA  1 
ATOM   510 C C   . VAL A 1 64 ? 11.376  -7.397  -6.123  1.00 14.48 ? 103 VAL A C   1 
ATOM   511 O O   . VAL A 1 64 ? 12.431  -7.269  -5.498  1.00 16.34 ? 103 VAL A O   1 
ATOM   512 C CB  . VAL A 1 64 ? 11.386  -9.871  -6.442  1.00 15.73 ? 103 VAL A CB  1 
ATOM   513 C CG1 . VAL A 1 64 ? 10.334  -10.008 -5.327  1.00 16.94 ? 103 VAL A CG1 1 
ATOM   514 C CG2 . VAL A 1 64 ? 11.342  -11.056 -7.424  1.00 19.00 ? 103 VAL A CG2 1 
ATOM   515 N N   . SER A 1 65 ? 10.299  -6.645  -5.879  1.00 12.33 ? 104 SER A N   1 
ATOM   516 C CA  . SER A 1 65 ? 10.259  -5.718  -4.756  1.00 16.44 ? 104 SER A CA  1 
ATOM   517 C C   . SER A 1 65 ? 9.287   -6.229  -3.692  1.00 13.86 ? 104 SER A C   1 
ATOM   518 O O   . SER A 1 65 ? 8.413   -7.054  -3.972  1.00 13.98 ? 104 SER A O   1 
ATOM   519 C CB  . SER A 1 65 ? 9.847   -4.319  -5.221  1.00 15.84 ? 104 SER A CB  1 
ATOM   520 O OG  . SER A 1 65 ? 10.699  -3.844  -6.248  1.00 17.55 ? 104 SER A OG  1 
ATOM   521 N N   . LYS A 1 66 ? 9.447   -5.727  -2.461  1.00 14.54 ? 105 LYS A N   1 
ATOM   522 C CA  . LYS A 1 66 ? 8.679   -6.175  -1.301  1.00 14.69 ? 105 LYS A CA  1 
ATOM   523 C C   . LYS A 1 66 ? 7.931   -4.967  -0.759  1.00 14.30 ? 105 LYS A C   1 
ATOM   524 O O   . LYS A 1 66 ? 8.552   -3.943  -0.446  1.00 14.88 ? 105 LYS A O   1 
ATOM   525 C CB  . LYS A 1 66 ? 9.597   -6.761  -0.215  1.00 13.18 ? 105 LYS A CB  1 
ATOM   526 C CG  . LYS A 1 66 ? 10.421  -7.983  -0.656  1.00 18.31 ? 105 LYS A CG  1 
ATOM   527 C CD  . LYS A 1 66 ? 9.529   -9.124  -0.961  1.00 24.01 ? 105 LYS A CD  1 
ATOM   528 C CE  . LYS A 1 66 ? 10.074  -10.426 -0.428  1.00 26.22 ? 105 LYS A CE  1 
ATOM   529 N NZ  . LYS A 1 66 ? 9.605   -11.570 -1.256  1.00 17.43 ? 105 LYS A NZ  1 
ATOM   530 N N   . GLY A 1 67 ? 6.601   -5.074  -0.663  1.00 12.94 ? 106 GLY A N   1 
ATOM   531 C CA  . GLY A 1 67 ? 5.768   -3.980  -0.221  1.00 16.26 ? 106 GLY A CA  1 
ATOM   532 C C   . GLY A 1 67 ? 4.955   -4.320  1.022   1.00 12.63 ? 106 GLY A C   1 
ATOM   533 O O   . GLY A 1 67 ? 4.785   -5.487  1.401   1.00 14.67 ? 106 GLY A O   1 
ATOM   534 N N   . TYR A 1 68 ? 4.453   -3.266  1.668   1.00 12.27 ? 107 TYR A N   1 
ATOM   535 C CA  . TYR A 1 68 ? 3.549   -3.443  2.801   1.00 15.63 ? 107 TYR A CA  1 
ATOM   536 C C   . TYR A 1 68 ? 2.545   -2.305  2.758   1.00 13.51 ? 107 TYR A C   1 
ATOM   537 O O   . TYR A 1 68 ? 2.931   -1.154  2.533   1.00 11.21 ? 107 TYR A O   1 
ATOM   538 C CB  . TYR A 1 68 ? 4.302   -3.468  4.142   1.00 16.99 ? 107 TYR A CB  1 
ATOM   539 C CG  . TYR A 1 68 ? 3.426   -3.361  5.385   1.00 18.09 ? 107 TYR A CG  1 
ATOM   540 C CD1 . TYR A 1 68 ? 2.501   -4.351  5.697   1.00 20.18 ? 107 TYR A CD1 1 
ATOM   541 C CD2 . TYR A 1 68 ? 3.576   -2.299  6.272   1.00 21.37 ? 107 TYR A CD2 1 
ATOM   542 C CE1 . TYR A 1 68 ? 1.706   -4.271  6.860   1.00 20.92 ? 107 TYR A CE1 1 
ATOM   543 C CE2 . TYR A 1 68 ? 2.806   -2.210  7.428   1.00 17.39 ? 107 TYR A CE2 1 
ATOM   544 C CZ  . TYR A 1 68 ? 1.870   -3.188  7.715   1.00 22.94 ? 107 TYR A CZ  1 
ATOM   545 O OH  . TYR A 1 68 ? 1.105   -3.082  8.863   1.00 24.39 ? 107 TYR A OH  1 
ATOM   546 N N   . ALA A 1 69 ? 1.262   -2.632  2.936   1.00 13.24 ? 108 ALA A N   1 
ATOM   547 C CA  . ALA A 1 69 ? 0.177   -1.663  2.846   1.00 15.32 ? 108 ALA A CA  1 
ATOM   548 C C   . ALA A 1 69 ? -0.789  -1.871  4.002   1.00 13.21 ? 108 ALA A C   1 
ATOM   549 O O   . ALA A 1 69 ? -0.840  -2.943  4.611   1.00 13.66 ? 108 ALA A O   1 
ATOM   550 C CB  . ALA A 1 69 ? -0.569  -1.783  1.501   1.00 12.70 ? 108 ALA A CB  1 
ATOM   551 N N   . LYS A 1 70 ? -1.525  -0.809  4.335   1.00 9.75  ? 109 LYS A N   1 
ATOM   552 C CA  . LYS A 1 70 ? -2.578  -0.871  5.336   1.00 14.60 ? 109 LYS A CA  1 
ATOM   553 C C   . LYS A 1 70 ? -3.869  -0.410  4.674   1.00 16.75 ? 109 LYS A C   1 
ATOM   554 O O   . LYS A 1 70 ? -3.898  0.660   4.060   1.00 14.78 ? 109 LYS A O   1 
ATOM   555 C CB  . LYS A 1 70 ? -2.225  -0.010  6.549   1.00 17.60 ? 109 LYS A CB  1 
ATOM   556 C CG  . LYS A 1 70 ? -1.291  -0.712  7.537   1.00 17.90 ? 109 LYS A CG  1 
ATOM   557 C CD  . LYS A 1 70 ? -0.494  0.249   8.450   1.00 19.18 ? 109 LYS A CD  1 
ATOM   558 C CE  . LYS A 1 70 ? 0.523   1.070   7.659   1.00 18.68 ? 109 LYS A CE  1 
ATOM   559 N NZ  . LYS A 1 70 ? 0.857   2.378   8.297   1.00 21.99 ? 109 LYS A NZ  1 
ATOM   560 N N   . ALA A 1 71 ? -4.929  -1.218  4.774   1.00 12.23 ? 110 ALA A N   1 
ATOM   561 C CA  . ALA A 1 71 ? -6.222  -0.898  4.184   1.00 14.36 ? 110 ALA A CA  1 
ATOM   562 C C   . ALA A 1 71 ? -7.219  -0.696  5.316   1.00 14.10 ? 110 ALA A C   1 
ATOM   563 O O   . ALA A 1 71 ? -7.634  -1.666  5.957   1.00 15.50 ? 110 ALA A O   1 
ATOM   564 C CB  . ALA A 1 71 ? -6.697  -1.998  3.241   1.00 11.97 ? 110 ALA A CB  1 
ATOM   565 N N   . TYR A 1 72 ? -7.609  0.551   5.554   1.00 13.59 ? 111 TYR A N   1 
ATOM   566 C CA  . TYR A 1 72 ? -8.490  0.861   6.677   1.00 17.21 ? 111 TYR A CA  1 
ATOM   567 C C   . TYR A 1 72 ? -9.959  0.592   6.363   1.00 16.78 ? 111 TYR A C   1 
ATOM   568 O O   . TYR A 1 72 ? -10.445 0.878   5.267   1.00 15.82 ? 111 TYR A O   1 
ATOM   569 C CB  . TYR A 1 72 ? -8.293  2.317   7.106   1.00 15.56 ? 111 TYR A CB  1 
ATOM   570 C CG  . TYR A 1 72 ? -6.990  2.484   7.832   1.00 13.15 ? 111 TYR A CG  1 
ATOM   571 C CD1 . TYR A 1 72 ? -5.801  2.701   7.131   1.00 13.59 ? 111 TYR A CD1 1 
ATOM   572 C CD2 . TYR A 1 72 ? -6.927  2.361   9.218   1.00 11.17 ? 111 TYR A CD2 1 
ATOM   573 C CE1 . TYR A 1 72 ? -4.602  2.827   7.802   1.00 13.21 ? 111 TYR A CE1 1 
ATOM   574 C CE2 . TYR A 1 72 ? -5.743  2.478   9.893   1.00 12.53 ? 111 TYR A CE2 1 
ATOM   575 C CZ  . TYR A 1 72 ? -4.576  2.697   9.192   1.00 14.19 ? 111 TYR A CZ  1 
ATOM   576 O OH  . TYR A 1 72 ? -3.397  2.812   9.886   1.00 17.16 ? 111 TYR A OH  1 
ATOM   577 N N   . GLU A 1 73 ? -10.666 0.056   7.365   1.00 19.63 ? 112 GLU A N   1 
ATOM   578 C CA  . GLU A 1 73 ? -12.102 -0.205  7.270   1.00 17.96 ? 112 GLU A CA  1 
ATOM   579 C C   . GLU A 1 73 ? -12.876 1.003   6.761   1.00 21.40 ? 112 GLU A C   1 
ATOM   580 O O   . GLU A 1 73 ? -13.764 0.878   5.910   1.00 23.86 ? 112 GLU A O   1 
ATOM   581 C CB  . GLU A 1 73 ? -12.657 -0.596  8.641   1.00 27.20 ? 112 GLU A CB  1 
ATOM   582 C CG  . GLU A 1 73 ? -13.728 -1.659  8.585   1.00 36.70 ? 112 GLU A CG  1 
ATOM   583 C CD  . GLU A 1 73 ? -13.736 -2.538  9.812   1.00 41.36 ? 112 GLU A CD  1 
ATOM   584 O OE1 . GLU A 1 73 ? -12.654 -3.038  10.208  1.00 39.62 ? 112 GLU A OE1 1 
ATOM   585 O OE2 . GLU A 1 73 ? -14.829 -2.707  10.394  1.00 49.49 ? 112 GLU A OE2 1 
ATOM   586 N N   . THR A 1 74 ? -12.565 2.158   7.349   1.00 19.54 ? 113 THR A N   1 
ATOM   587 C CA  . THR A 1 74 ? -13.232 3.425   6.970   1.00 19.10 ? 113 THR A CA  1 
ATOM   588 C C   . THR A 1 74 ? -12.173 4.523   6.903   1.00 17.97 ? 113 THR A C   1 
ATOM   589 O O   . THR A 1 74 ? -11.081 4.315   7.444   1.00 21.60 ? 113 THR A O   1 
ATOM   590 C CB  . THR A 1 74 ? -14.293 3.818   8.007   1.00 19.61 ? 113 THR A CB  1 
ATOM   591 O OG1 . THR A 1 74 ? -13.607 4.144   9.214   1.00 21.16 ? 113 THR A OG1 1 
ATOM   592 C CG2 . THR A 1 74 ? -15.310 2.726   8.257   1.00 18.20 ? 113 THR A CG2 1 
ATOM   593 N N   . ARG A 1 75 ? -12.492 5.648   6.266   1.00 16.99 ? 114 ARG A N   1 
ATOM   594 C CA  . ARG A 1 75 ? -11.543 6.787   6.237   1.00 16.82 ? 114 ARG A CA  1 
ATOM   595 C C   . ARG A 1 75 ? -11.331 7.290   7.668   1.00 17.16 ? 114 ARG A C   1 
ATOM   596 O O   . ARG A 1 75 ? -10.200 7.646   8.017   1.00 16.64 ? 114 ARG A O   1 
ATOM   597 C CB  . ARG A 1 75 ? -12.039 7.889   5.298   1.00 21.14 ? 114 ARG A CB  1 
ATOM   598 C CG  . ARG A 1 75 ? -11.183 8.046   4.049   1.00 24.30 ? 114 ARG A CG  1 
ATOM   599 C CD  . ARG A 1 75 ? -11.615 9.206   3.180   1.00 28.56 ? 114 ARG A CD  1 
ATOM   600 N NE  . ARG A 1 75 ? -10.807 10.391  3.411   1.00 26.87 ? 114 ARG A NE  1 
ATOM   601 C CZ  . ARG A 1 75 ? -9.630  10.625  2.845   1.00 25.33 ? 114 ARG A CZ  1 
ATOM   602 N NH1 . ARG A 1 75 ? -8.979  11.740  3.127   1.00 25.95 ? 114 ARG A NH1 1 
ATOM   603 N NH2 . ARG A 1 75 ? -9.110  9.751   2.001   1.00 26.52 ? 114 ARG A NH2 1 
ATOM   604 N N   . GLU A 1 76 ? -12.411 7.335   8.442   1.00 17.04 ? 115 GLU A N   1 
ATOM   605 C CA  . GLU A 1 76 ? -12.310 7.815   9.842   1.00 22.71 ? 115 GLU A CA  1 
ATOM   606 C C   . GLU A 1 76 ? -11.212 7.023   10.549  1.00 18.69 ? 115 GLU A C   1 
ATOM   607 O O   . GLU A 1 76 ? -10.322 7.646   11.141  1.00 18.61 ? 115 GLU A O   1 
ATOM   608 C CB  . GLU A 1 76 ? -13.646 7.626   10.558  1.00 26.64 ? 115 GLU A CB  1 
ATOM   609 C CG  . GLU A 1 76 ? -14.763 8.492   10.005  1.00 32.59 ? 115 GLU A CG  1 
ATOM   610 C CD  . GLU A 1 76 ? -14.931 8.450   8.496   1.00 31.94 ? 115 GLU A CD  1 
ATOM   611 O OE1 . GLU A 1 76 ? -15.302 7.380   7.972   1.00 27.98 ? 115 GLU A OE1 1 
ATOM   612 O OE2 . GLU A 1 76 ? -14.663 9.480   7.848   1.00 35.61 ? 115 GLU A OE2 1 
ATOM   613 N N   . ARG A 1 77 ? -11.296 5.695   10.486  1.00 19.92 ? 116 ARG A N   1 
ATOM   614 C CA  . ARG A 1 77 ? -10.318 4.879   11.185  1.00 18.57 ? 116 ARG A CA  1 
ATOM   615 C C   . ARG A 1 77 ? -8.909  5.219   10.707  1.00 19.51 ? 116 ARG A C   1 
ATOM   616 O O   . ARG A 1 77 ? -7.975  5.327   11.512  1.00 18.28 ? 116 ARG A O   1 
ATOM   617 C CB  . ARG A 1 77 ? -10.643 3.405   10.956  1.00 20.93 ? 116 ARG A CB  1 
ATOM   618 C CG  . ARG A 1 77 ? -10.066 2.477   11.968  1.00 27.21 ? 116 ARG A CG  1 
ATOM   619 C CD  . ARG A 1 77 ? -10.692 2.754   13.343  1.00 26.20 ? 116 ARG A CD  1 
ATOM   620 N NE  . ARG A 1 77 ? -9.785  2.413   14.433  1.00 36.04 ? 116 ARG A NE  1 
ATOM   621 C CZ  . ARG A 1 77 ? -9.492  3.218   15.445  1.00 37.88 ? 116 ARG A CZ  1 
ATOM   622 N NH1 . ARG A 1 77 ? -9.971  4.452   15.508  1.00 33.02 ? 116 ARG A NH1 1 
ATOM   623 N NH2 . ARG A 1 77 ? -8.682  2.781   16.408  1.00 39.46 ? 116 ARG A NH2 1 
ATOM   624 N N   . MET A 1 78 ? -8.749  5.440   9.398   1.00 18.59 ? 117 MET A N   1 
ATOM   625 C CA  . MET A 1 78 ? -7.449  5.857   8.887   1.00 18.37 ? 117 MET A CA  1 
ATOM   626 C C   . MET A 1 78 ? -7.026  7.199   9.464   1.00 19.43 ? 117 MET A C   1 
ATOM   627 O O   . MET A 1 78 ? -5.862  7.381   9.846   1.00 17.29 ? 117 MET A O   1 
ATOM   628 C CB  . MET A 1 78 ? -7.475  5.888   7.360   1.00 16.37 ? 117 MET A CB  1 
ATOM   629 C CG  . MET A 1 78 ? -6.217  6.492   6.707   1.00 15.91 ? 117 MET A CG  1 
ATOM   630 S SD  . MET A 1 78 ? -6.452  6.727   4.923   1.00 17.72 ? 117 MET A SD  1 
ATOM   631 C CE  . MET A 1 78 ? -7.075  8.404   4.865   1.00 24.47 ? 117 MET A CE  1 
ATOM   632 N N   . LEU A 1 79 ? -7.961  8.149   9.548   1.00 17.42 ? 118 LEU A N   1 
ATOM   633 C CA  . LEU A 1 79 ? -7.635  9.464   10.077  1.00 19.59 ? 118 LEU A CA  1 
ATOM   634 C C   . LEU A 1 79 ? -7.223  9.380   11.535  1.00 15.29 ? 118 LEU A C   1 
ATOM   635 O O   . LEU A 1 79 ? -6.370  10.151  11.982  1.00 16.67 ? 118 LEU A O   1 
ATOM   636 C CB  . LEU A 1 79 ? -8.834  10.407  9.923   1.00 17.39 ? 118 LEU A CB  1 
ATOM   637 C CG  . LEU A 1 79 ? -9.121  10.887  8.501   1.00 21.71 ? 118 LEU A CG  1 
ATOM   638 C CD1 . LEU A 1 79 ? -10.403 11.714  8.456   1.00 18.89 ? 118 LEU A CD1 1 
ATOM   639 C CD2 . LEU A 1 79 ? -7.941  11.687  7.952   1.00 20.95 ? 118 LEU A CD2 1 
ATOM   640 N N   . TYR A 1 80 ? -7.809  8.439   12.280  1.00 19.68 ? 119 TYR A N   1 
ATOM   641 C CA  . TYR A 1 80 ? -7.486  8.290   13.698  1.00 17.11 ? 119 TYR A CA  1 
ATOM   642 C C   . TYR A 1 80 ? -6.059  7.787   13.912  1.00 20.93 ? 119 TYR A C   1 
ATOM   643 O O   . TYR A 1 80 ? -5.370  8.240   14.830  1.00 22.79 ? 119 TYR A O   1 
ATOM   644 C CB  . TYR A 1 80 ? -8.483  7.339   14.363  1.00 19.06 ? 119 TYR A CB  1 
ATOM   645 C CG  . TYR A 1 80 ? -9.611  8.004   15.113  1.00 20.10 ? 119 TYR A CG  1 
ATOM   646 C CD1 . TYR A 1 80 ? -9.406  8.546   16.377  1.00 22.08 ? 119 TYR A CD1 1 
ATOM   647 C CD2 . TYR A 1 80 ? -10.890 8.062   14.570  1.00 21.57 ? 119 TYR A CD2 1 
ATOM   648 C CE1 . TYR A 1 80 ? -10.457 9.147   17.084  1.00 16.65 ? 119 TYR A CE1 1 
ATOM   649 C CE2 . TYR A 1 80 ? -11.943 8.649   15.265  1.00 22.27 ? 119 TYR A CE2 1 
ATOM   650 C CZ  . TYR A 1 80 ? -11.713 9.198   16.515  1.00 20.46 ? 119 TYR A CZ  1 
ATOM   651 O OH  . TYR A 1 80 ? -12.762 9.783   17.192  1.00 21.01 ? 119 TYR A OH  1 
ATOM   652 N N   . ILE A 1 81 ? -5.605  6.843   13.091  1.00 17.47 ? 120 ILE A N   1 
ATOM   653 C CA  . ILE A 1 81 ? -4.338  6.147   13.340  1.00 23.11 ? 120 ILE A CA  1 
ATOM   654 C C   . ILE A 1 81 ? -3.167  6.799   12.603  1.00 21.31 ? 120 ILE A C   1 
ATOM   655 O O   . ILE A 1 81 ? -2.074  6.950   13.164  1.00 19.21 ? 120 ILE A O   1 
ATOM   656 C CB  . ILE A 1 81 ? -4.483  4.660   12.941  1.00 19.61 ? 120 ILE A CB  1 
ATOM   657 C CG1 . ILE A 1 81 ? -5.683  4.004   13.628  1.00 20.63 ? 120 ILE A CG1 1 
ATOM   658 C CG2 . ILE A 1 81 ? -3.183  3.877   13.218  1.00 23.89 ? 120 ILE A CG2 1 
ATOM   659 C CD1 . ILE A 1 81 ? -5.547  3.949   15.138  1.00 25.18 ? 120 ILE A CD1 1 
ATOM   660 N N   . GLU A 1 82 ? -3.359  7.169   11.343  1.00 20.12 ? 121 GLU A N   1 
ATOM   661 C CA  . GLU A 1 82 ? -2.213  7.534   10.515  1.00 20.49 ? 121 GLU A CA  1 
ATOM   662 C C   . GLU A 1 82 ? -1.812  8.982   10.754  1.00 21.81 ? 121 GLU A C   1 
ATOM   663 O O   . GLU A 1 82 ? -2.681  9.858   10.811  1.00 20.21 ? 121 GLU A O   1 
ATOM   664 C CB  . GLU A 1 82 ? -2.523  7.299   9.035   1.00 16.83 ? 121 GLU A CB  1 
ATOM   665 C CG  . GLU A 1 82 ? -2.721  5.833   8.715   1.00 21.77 ? 121 GLU A CG  1 
ATOM   666 C CD  . GLU A 1 82 ? -1.411  5.049   8.770   1.00 15.23 ? 121 GLU A CD  1 
ATOM   667 O OE1 . GLU A 1 82 ? -0.334  5.686   8.730   1.00 23.43 ? 121 GLU A OE1 1 
ATOM   668 O OE2 . GLU A 1 82 ? -1.465  3.811   8.896   1.00 18.77 ? 121 GLU A OE2 1 
ATOM   669 N N   . PRO A 1 83 ? -0.523  9.266   10.919  1.00 22.64 ? 122 PRO A N   1 
ATOM   670 C CA  . PRO A 1 83 ? -0.087  10.655  11.096  1.00 21.90 ? 122 PRO A CA  1 
ATOM   671 C C   . PRO A 1 83 ? -0.422  11.495  9.869   1.00 25.36 ? 122 PRO A C   1 
ATOM   672 O O   . PRO A 1 83 ? -0.323  11.028  8.729   1.00 17.89 ? 122 PRO A O   1 
ATOM   673 C CB  . PRO A 1 83 ? 1.433   10.539  11.297  1.00 25.31 ? 122 PRO A CB  1 
ATOM   674 C CG  . PRO A 1 83 ? 1.794   9.125   11.033  1.00 28.75 ? 122 PRO A CG  1 
ATOM   675 C CD  . PRO A 1 83 ? 0.573   8.283   11.013  1.00 23.74 ? 122 PRO A CD  1 
ATOM   676 N N   . GLU A 1 84 ? -0.821  12.747  10.117  1.00 20.40 ? 123 GLU A N   1 
ATOM   677 C CA  . GLU A 1 84 ? -1.146  13.670  9.031   1.00 19.43 ? 123 GLU A CA  1 
ATOM   678 C C   . GLU A 1 84 ? -0.041  13.713  7.980   1.00 23.77 ? 123 GLU A C   1 
ATOM   679 O O   . GLU A 1 84 ? -0.317  13.691  6.773   1.00 20.48 ? 123 GLU A O   1 
ATOM   680 C CB  . GLU A 1 84 ? -1.407  15.082  9.577   1.00 25.04 ? 123 GLU A CB  1 
ATOM   681 C CG  . GLU A 1 84 ? -1.207  16.207  8.526   1.00 23.32 ? 123 GLU A CG  1 
ATOM   682 C CD  . GLU A 1 84 ? -2.207  17.384  8.620   1.00 41.23 ? 123 GLU A CD  1 
ATOM   683 O OE1 . GLU A 1 84 ? -2.923  17.507  9.647   1.00 42.02 ? 123 GLU A OE1 1 
ATOM   684 O OE2 . GLU A 1 84 ? -2.262  18.204  7.664   1.00 37.58 ? 123 GLU A OE2 1 
ATOM   685 N N   . TYR A 1 85 ? 1.224   13.775  8.415   1.00 24.37 ? 124 TYR A N   1 
ATOM   686 C CA  . TYR A 1 85 ? 2.299   13.927  7.433   1.00 24.34 ? 124 TYR A CA  1 
ATOM   687 C C   . TYR A 1 85 ? 2.324   12.758  6.456   1.00 23.21 ? 124 TYR A C   1 
ATOM   688 O O   . TYR A 1 85 ? 2.601   12.953  5.265   1.00 25.28 ? 124 TYR A O   1 
ATOM   689 C CB  . TYR A 1 85 ? 3.656   14.139  8.138   1.00 23.76 ? 124 TYR A CB  1 
ATOM   690 C CG  . TYR A 1 85 ? 4.846   14.292  7.190   1.00 25.18 ? 124 TYR A CG  1 
ATOM   691 C CD1 . TYR A 1 85 ? 5.484   13.177  6.657   1.00 17.92 ? 124 TYR A CD1 1 
ATOM   692 C CD2 . TYR A 1 85 ? 5.244   15.549  6.735   1.00 25.10 ? 124 TYR A CD2 1 
ATOM   693 C CE1 . TYR A 1 85 ? 6.564   13.307  5.762   1.00 18.68 ? 124 TYR A CE1 1 
ATOM   694 C CE2 . TYR A 1 85 ? 6.299   15.696  5.840   1.00 23.65 ? 124 TYR A CE2 1 
ATOM   695 C CZ  . TYR A 1 85 ? 6.950   14.571  5.357   1.00 23.00 ? 124 TYR A CZ  1 
ATOM   696 O OH  . TYR A 1 85 ? 7.986   14.738  4.468   1.00 27.71 ? 124 TYR A OH  1 
ATOM   697 N N   . ILE A 1 86 ? 1.953   11.564  6.906   1.00 20.77 ? 125 ILE A N   1 
ATOM   698 C CA  . ILE A 1 86 ? 1.959   10.412  6.010   1.00 20.04 ? 125 ILE A CA  1 
ATOM   699 C C   . ILE A 1 86 ? 0.788   10.483  5.031   1.00 24.88 ? 125 ILE A C   1 
ATOM   700 O O   . ILE A 1 86 ? 0.944   10.213  3.831   1.00 23.46 ? 125 ILE A O   1 
ATOM   701 C CB  . ILE A 1 86 ? 1.937   9.110   6.826   1.00 23.53 ? 125 ILE A CB  1 
ATOM   702 C CG1 . ILE A 1 86 ? 3.216   8.974   7.666   1.00 28.36 ? 125 ILE A CG1 1 
ATOM   703 C CG2 . ILE A 1 86 ? 1.712   7.898   5.918   1.00 24.70 ? 125 ILE A CG2 1 
ATOM   704 C CD1 . ILE A 1 86 ? 4.443   9.697   7.105   1.00 27.48 ? 125 ILE A CD1 1 
ATOM   705 N N   . LEU A 1 87 ? -0.404  10.838  5.523   1.00 20.79 ? 126 LEU A N   1 
ATOM   706 C CA  . LEU A 1 87 ? -1.564  10.889  4.637   1.00 20.14 ? 126 LEU A CA  1 
ATOM   707 C C   . LEU A 1 87 ? -1.388  11.956  3.575   1.00 17.08 ? 126 LEU A C   1 
ATOM   708 O O   . LEU A 1 87 ? -1.824  11.780  2.428   1.00 17.96 ? 126 LEU A O   1 
ATOM   709 C CB  . LEU A 1 87 ? -2.839  11.148  5.440   1.00 16.28 ? 126 LEU A CB  1 
ATOM   710 C CG  . LEU A 1 87 ? -3.222  10.032  6.418   1.00 18.85 ? 126 LEU A CG  1 
ATOM   711 C CD1 . LEU A 1 87 ? -4.397  10.466  7.267   1.00 17.88 ? 126 LEU A CD1 1 
ATOM   712 C CD2 . LEU A 1 87 ? -3.553  8.748   5.676   1.00 18.95 ? 126 LEU A CD2 1 
ATOM   713 N N   . VAL A 1 88 ? -0.767  13.077  3.944   1.00 16.66 ? 127 VAL A N   1 
ATOM   714 C CA  . VAL A 1 88 ? -0.483  14.124  2.967   1.00 15.88 ? 127 VAL A CA  1 
ATOM   715 C C   . VAL A 1 88 ? 0.592   13.650  2.002   1.00 17.90 ? 127 VAL A C   1 
ATOM   716 O O   . VAL A 1 88 ? 0.477   13.836  0.783   1.00 21.00 ? 127 VAL A O   1 
ATOM   717 C CB  . VAL A 1 88 ? -0.085  15.431  3.677   1.00 14.54 ? 127 VAL A CB  1 
ATOM   718 C CG1 . VAL A 1 88 ? 0.452   16.451  2.663   1.00 17.26 ? 127 VAL A CG1 1 
ATOM   719 C CG2 . VAL A 1 88 ? -1.286  16.015  4.453   1.00 19.08 ? 127 VAL A CG2 1 
ATOM   720 N N   . ARG A 1 89 ? 1.631   12.994  2.526   1.00 16.54 ? 128 ARG A N   1 
ATOM   721 C CA  . ARG A 1 89 ? 2.691   12.458  1.672   1.00 25.43 ? 128 ARG A CA  1 
ATOM   722 C C   . ARG A 1 89 ? 2.132   11.563  0.565   1.00 24.18 ? 128 ARG A C   1 
ATOM   723 O O   . ARG A 1 89 ? 2.510   11.694  -0.605  1.00 27.82 ? 128 ARG A O   1 
ATOM   724 C CB  . ARG A 1 89 ? 3.714   11.689  2.516   1.00 22.14 ? 128 ARG A CB  1 
ATOM   725 C CG  . ARG A 1 89 ? 4.911   11.218  1.702   1.00 22.28 ? 128 ARG A CG  1 
ATOM   726 C CD  . ARG A 1 89 ? 5.266   9.789   2.005   1.00 24.33 ? 128 ARG A CD  1 
ATOM   727 N NE  . ARG A 1 89 ? 6.529   9.439   1.367   1.00 33.47 ? 128 ARG A NE  1 
ATOM   728 C CZ  . ARG A 1 89 ? 6.827   8.229   0.917   1.00 30.94 ? 128 ARG A CZ  1 
ATOM   729 N NH1 . ARG A 1 89 ? 5.967   7.224   1.010   1.00 34.94 ? 128 ARG A NH1 1 
ATOM   730 N NH2 . ARG A 1 89 ? 8.006   8.025   0.333   1.00 30.47 ? 128 ARG A NH2 1 
ATOM   731 N N   . ASP A 1 90 ? 1.219   10.656  0.914   1.00 21.71 ? 129 ASP A N   1 
ATOM   732 C CA  . ASP A 1 90 ? 0.691   9.678   -0.028  1.00 20.03 ? 129 ASP A CA  1 
ATOM   733 C C   . ASP A 1 90 ? -0.590  10.125  -0.738  1.00 18.85 ? 129 ASP A C   1 
ATOM   734 O O   . ASP A 1 90 ? -1.263  9.292   -1.355  1.00 20.79 ? 129 ASP A O   1 
ATOM   735 C CB  . ASP A 1 90 ? 0.460   8.338   0.673   1.00 28.49 ? 129 ASP A CB  1 
ATOM   736 C CG  . ASP A 1 90 ? 1.639   7.913   1.548   1.00 28.92 ? 129 ASP A CG  1 
ATOM   737 O OD1 . ASP A 1 90 ? 2.789   8.199   1.151   1.00 30.15 ? 129 ASP A OD1 1 
ATOM   738 O OD2 . ASP A 1 90 ? 1.416   7.279   2.611   1.00 27.28 ? 129 ASP A OD2 1 
ATOM   739 N N   . GLY A 1 91 ? -0.939  11.406  -0.684  1.00 18.98 ? 130 GLY A N   1 
ATOM   740 C CA  . GLY A 1 91 ? -2.049  11.892  -1.481  1.00 19.51 ? 130 GLY A CA  1 
ATOM   741 C C   . GLY A 1 91 ? -3.423  11.569  -0.944  1.00 23.88 ? 130 GLY A C   1 
ATOM   742 O O   . GLY A 1 91 ? -4.415  11.791  -1.650  1.00 22.23 ? 130 GLY A O   1 
ATOM   743 N N   . LEU A 1 92 ? -3.514  11.032  0.275   1.00 16.93 ? 131 LEU A N   1 
ATOM   744 C CA  . LEU A 1 92 ? -4.805  10.636  0.821   1.00 16.60 ? 131 LEU A CA  1 
ATOM   745 C C   . LEU A 1 92 ? -5.531  11.805  1.472   1.00 16.63 ? 131 LEU A C   1 
ATOM   746 O O   . LEU A 1 92 ? -6.764  11.810  1.523   1.00 22.51 ? 131 LEU A O   1 
ATOM   747 C CB  . LEU A 1 92 ? -4.628  9.511   1.842   1.00 17.55 ? 131 LEU A CB  1 
ATOM   748 C CG  . LEU A 1 92 ? -4.351  8.054   1.418   1.00 18.52 ? 131 LEU A CG  1 
ATOM   749 C CD1 . LEU A 1 92 ? -5.445  7.550   0.501   1.00 16.91 ? 131 LEU A CD1 1 
ATOM   750 C CD2 . LEU A 1 92 ? -2.995  7.883   0.783   1.00 24.32 ? 131 LEU A CD2 1 
ATOM   751 N N   . VAL A 1 93 ? -4.787  12.778  1.993   1.00 16.40 ? 132 VAL A N   1 
ATOM   752 C CA  . VAL A 1 93 ? -5.353  14.014  2.517   1.00 17.57 ? 132 VAL A CA  1 
ATOM   753 C C   . VAL A 1 93 ? -4.701  15.162  1.753   1.00 17.61 ? 132 VAL A C   1 
ATOM   754 O O   . VAL A 1 93 ? -3.506  15.104  1.439   1.00 16.50 ? 132 VAL A O   1 
ATOM   755 C CB  . VAL A 1 93 ? -5.118  14.138  4.038   1.00 16.73 ? 132 VAL A CB  1 
ATOM   756 C CG1 . VAL A 1 93 ? -5.215  15.611  4.503   1.00 19.07 ? 132 VAL A CG1 1 
ATOM   757 C CG2 . VAL A 1 93 ? -6.088  13.250  4.806   1.00 19.98 ? 132 VAL A CG2 1 
ATOM   758 N N   . GLN A 1 94 ? -5.493  16.180  1.425   1.00 19.72 ? 133 GLN A N   1 
ATOM   759 C CA  . GLN A 1 94 ? -5.027  17.327  0.663   1.00 22.11 ? 133 GLN A CA  1 
ATOM   760 C C   . GLN A 1 94 ? -4.762  18.492  1.610   1.00 22.15 ? 133 GLN A C   1 
ATOM   761 O O   . GLN A 1 94 ? -5.671  18.948  2.313   1.00 22.84 ? 133 GLN A O   1 
ATOM   762 C CB  . GLN A 1 94 ? -6.047  17.694  -0.415  1.00 23.15 ? 133 GLN A CB  1 
ATOM   763 C CG  . GLN A 1 94 ? -6.819  16.516  -0.962  1.00 25.65 ? 133 GLN A CG  1 
ATOM   764 C CD  . GLN A 1 94 ? -5.904  15.430  -1.509  1.00 26.35 ? 133 GLN A CD  1 
ATOM   765 O OE1 . GLN A 1 94 ? -6.260  14.248  -1.522  1.00 25.07 ? 133 GLN A OE1 1 
ATOM   766 N NE2 . GLN A 1 94 ? -4.754  15.840  -2.048  1.00 26.52 ? 133 GLN A NE2 1 
ATOM   767 N N   . LYS A 1 95 ? -3.517  18.963  1.619   1.00 21.79 ? 134 LYS A N   1 
ATOM   768 C CA  . LYS A 1 95 ? -3.062  19.988  2.555   1.00 27.87 ? 134 LYS A CA  1 
ATOM   769 C C   . LYS A 1 95 ? -3.706  21.335  2.239   1.00 26.25 ? 134 LYS A C   1 
ATOM   770 O O   . LYS A 1 95 ? -3.709  21.766  1.085   1.00 23.68 ? 134 LYS A O   1 
ATOM   771 C CB  . LYS A 1 95 ? -1.530  20.094  2.478   1.00 30.02 ? 134 LYS A CB  1 
ATOM   772 C CG  . LYS A 1 95 ? -0.862  21.060  3.467   1.00 29.41 ? 134 LYS A CG  1 
ATOM   773 C CD  . LYS A 1 95 ? -1.643  21.166  4.756   1.00 36.36 ? 134 LYS A CD  1 
ATOM   774 C CE  . LYS A 1 95 ? -0.941  22.036  5.775   1.00 37.07 ? 134 LYS A CE  1 
ATOM   775 N NZ  . LYS A 1 95 ? -1.984  22.794  6.553   1.00 30.46 ? 134 LYS A NZ  1 
ATOM   776 N N   . GLN A 1 96 ? -4.249  22.014  3.257   1.00 27.96 ? 135 GLN A N   1 
ATOM   777 C CA  . GLN A 1 96 ? -4.703  23.386  2.999   1.00 27.52 ? 135 GLN A CA  1 
ATOM   778 C C   . GLN A 1 96 ? -3.568  24.392  2.935   1.00 32.42 ? 135 GLN A C   1 
ATOM   779 O O   . GLN A 1 96 ? -3.724  25.446  2.303   1.00 30.85 ? 135 GLN A O   1 
ATOM   780 C CB  . GLN A 1 96 ? -5.686  23.926  4.027   1.00 36.96 ? 135 GLN A CB  1 
ATOM   781 C CG  . GLN A 1 96 ? -6.954  23.189  4.273   1.00 36.17 ? 135 GLN A CG  1 
ATOM   782 C CD  . GLN A 1 96 ? -7.875  24.078  5.083   1.00 41.55 ? 135 GLN A CD  1 
ATOM   783 O OE1 . GLN A 1 96 ? -8.980  24.413  4.661   1.00 38.09 ? 135 GLN A OE1 1 
ATOM   784 N NE2 . GLN A 1 96 ? -7.366  24.569  6.201   1.00 42.30 ? 135 GLN A NE2 1 
ATOM   785 O OXT . GLN A 1 96 ? -2.517  24.200  3.538   1.00 29.98 ? 135 GLN A OXT 1 
HETATM 786 O O   . HOH B 2 .  ? -11.883 -5.072  10.555  1.00 40.42 ? 201 HOH A O   1 
HETATM 787 O O   . HOH B 2 .  ? 19.362  -5.123  0.275   1.00 27.73 ? 202 HOH A O   1 
HETATM 788 O O   . HOH B 2 .  ? 0.196   -8.276  -13.367 1.00 34.06 ? 203 HOH A O   1 
HETATM 789 O O   . HOH B 2 .  ? 4.683   -13.726 7.613   1.00 37.07 ? 204 HOH A O   1 
HETATM 790 O O   . HOH B 2 .  ? 2.872   9.396   -6.084  1.00 43.08 ? 205 HOH A O   1 
HETATM 791 O O   . HOH B 2 .  ? 10.471  3.934   -8.260  1.00 36.29 ? 206 HOH A O   1 
HETATM 792 O O   . HOH B 2 .  ? -2.699  26.425  0.366   1.00 35.62 ? 207 HOH A O   1 
HETATM 793 O O   . HOH B 2 .  ? 7.005   -7.888  -14.760 1.00 28.77 ? 208 HOH A O   1 
HETATM 794 O O   . HOH B 2 .  ? -2.726  14.977  -3.048  1.00 27.06 ? 209 HOH A O   1 
HETATM 795 O O   . HOH B 2 .  ? 0.873   -7.134  10.468  1.00 30.03 ? 210 HOH A O   1 
HETATM 796 O O   . HOH B 2 .  ? 5.973   0.136   -11.922 1.00 30.64 ? 211 HOH A O   1 
HETATM 797 O O   . HOH B 2 .  ? 4.971   3.564   0.618   1.00 35.23 ? 212 HOH A O   1 
HETATM 798 O O   . HOH B 2 .  ? -4.408  27.737  2.943   1.00 31.90 ? 213 HOH A O   1 
HETATM 799 O O   . HOH B 2 .  ? 15.335  -4.687  3.922   1.00 33.62 ? 214 HOH A O   1 
HETATM 800 O O   . HOH B 2 .  ? 2.934   5.331   3.767   1.00 28.69 ? 215 HOH A O   1 
HETATM 801 O O   . HOH B 2 .  ? 6.159   5.467   4.135   1.00 28.70 ? 216 HOH A O   1 
HETATM 802 O O   . HOH B 2 .  ? -4.751  13.587  -3.450  1.00 32.76 ? 217 HOH A O   1 
HETATM 803 O O   . HOH B 2 .  ? -11.258 -0.902  -5.570  1.00 23.28 ? 218 HOH A O   1 
HETATM 804 O O   . HOH B 2 .  ? 10.618  -7.196  -20.716 1.00 20.24 ? 219 HOH A O   1 
HETATM 805 O O   . HOH B 2 .  ? -7.445  -10.285 14.041  1.00 27.24 ? 220 HOH A O   1 
HETATM 806 O O   . HOH B 2 .  ? -16.479 9.274   6.047   1.00 31.60 ? 221 HOH A O   1 
HETATM 807 O O   . HOH B 2 .  ? 8.521   2.057   -5.706  1.00 31.51 ? 222 HOH A O   1 
HETATM 808 O O   . HOH B 2 .  ? -11.768 -13.389 14.401  1.00 33.66 ? 223 HOH A O   1 
HETATM 809 O O   . HOH B 2 .  ? -0.610  -8.758  -10.426 1.00 30.24 ? 224 HOH A O   1 
HETATM 810 O O   . HOH B 2 .  ? 1.934   1.546   10.572  1.00 29.71 ? 225 HOH A O   1 
HETATM 811 O O   . HOH B 2 .  ? 6.095   -10.024 0.358   1.00 15.56 ? 226 HOH A O   1 
HETATM 812 O O   . HOH B 2 .  ? 0.334   -5.105  13.490  1.00 27.64 ? 227 HOH A O   1 
HETATM 813 O O   . HOH B 2 .  ? 2.160   -1.570  10.826  1.00 23.50 ? 228 HOH A O   1 
HETATM 814 O O   . HOH B 2 .  ? 14.915  -11.271 -5.169  1.00 31.03 ? 229 HOH A O   1 
HETATM 815 O O   . HOH B 2 .  ? 5.920   -3.724  8.725   1.00 23.69 ? 230 HOH A O   1 
HETATM 816 O O   . HOH B 2 .  ? -1.538  15.238  -0.450  1.00 18.45 ? 231 HOH A O   1 
HETATM 817 O O   . HOH B 2 .  ? -10.288 -4.534  8.656   1.00 30.16 ? 232 HOH A O   1 
HETATM 818 O O   . HOH B 2 .  ? 11.000  0.678   -4.646  1.00 21.58 ? 233 HOH A O   1 
HETATM 819 O O   . HOH B 2 .  ? -4.494  -6.045  -9.968  1.00 26.28 ? 234 HOH A O   1 
HETATM 820 O O   . HOH B 2 .  ? -7.199  0.160   -8.995  1.00 23.82 ? 235 HOH A O   1 
HETATM 821 O O   . HOH B 2 .  ? 13.656  -5.225  -6.908  1.00 15.72 ? 236 HOH A O   1 
HETATM 822 O O   . HOH B 2 .  ? -14.866 3.562   11.619  1.00 33.15 ? 237 HOH A O   1 
HETATM 823 O O   . HOH B 2 .  ? 2.884   -6.059  10.417  1.00 29.22 ? 238 HOH A O   1 
HETATM 824 O O   . HOH B 2 .  ? 3.334   -16.058 1.445   1.00 31.52 ? 239 HOH A O   1 
HETATM 825 O O   . HOH B 2 .  ? 0.304   -8.350  7.709   1.00 25.27 ? 240 HOH A O   1 
HETATM 826 O O   . HOH B 2 .  ? -9.480  -0.261  1.640   1.00 19.29 ? 241 HOH A O   1 
HETATM 827 O O   . HOH B 2 .  ? -3.131  4.438   -8.233  1.00 25.11 ? 242 HOH A O   1 
HETATM 828 O O   . HOH B 2 .  ? -1.826  0.474   -11.874 1.00 22.97 ? 243 HOH A O   1 
HETATM 829 O O   . HOH B 2 .  ? 6.616   -7.611  1.727   1.00 15.29 ? 244 HOH A O   1 
HETATM 830 O O   . HOH B 2 .  ? 8.555   -6.790  3.292   1.00 21.39 ? 245 HOH A O   1 
HETATM 831 O O   . HOH B 2 .  ? -3.468  11.629  12.951  1.00 23.67 ? 246 HOH A O   1 
HETATM 832 O O   . HOH B 2 .  ? 7.738   11.156  -0.656  1.00 30.64 ? 247 HOH A O   1 
HETATM 833 O O   . HOH B 2 .  ? -2.575  -14.315 4.490   1.00 25.19 ? 248 HOH A O   1 
HETATM 834 O O   . HOH B 2 .  ? 7.109   5.672   -7.951  1.00 31.41 ? 249 HOH A O   1 
HETATM 835 O O   . HOH B 2 .  ? 2.211   13.968  11.205  1.00 25.03 ? 250 HOH A O   1 
HETATM 836 O O   . HOH B 2 .  ? 7.900   -3.800  -15.096 1.00 32.89 ? 251 HOH A O   1 
HETATM 837 O O   . HOH B 2 .  ? 1.631   4.744   10.775  1.00 27.23 ? 252 HOH A O   1 
HETATM 838 O O   . HOH B 2 .  ? -13.702 8.407   -4.569  1.00 42.87 ? 253 HOH A O   1 
HETATM 839 O O   . HOH B 2 .  ? 7.976   -11.951 1.285   1.00 21.91 ? 254 HOH A O   1 
HETATM 840 O O   . HOH B 2 .  ? -10.250 -3.162  6.409   1.00 29.10 ? 255 HOH A O   1 
HETATM 841 O O   . HOH B 2 .  ? -0.983  5.084   -0.427  1.00 24.27 ? 256 HOH A O   1 
HETATM 842 O O   . HOH B 2 .  ? -13.044 -4.809  -7.526  1.00 34.88 ? 257 HOH A O   1 
HETATM 843 O O   . HOH B 2 .  ? 1.960   -15.755 -1.794  1.00 32.79 ? 258 HOH A O   1 
HETATM 844 O O   . HOH B 2 .  ? 8.853   -2.018  -16.435 1.00 44.82 ? 259 HOH A O   1 
HETATM 845 O O   . HOH B 2 .  ? 0.563   2.595   12.385  1.00 34.91 ? 260 HOH A O   1 
HETATM 846 O O   . HOH B 2 .  ? 15.254  -7.345  3.519   1.00 35.11 ? 261 HOH A O   1 
HETATM 847 O O   . HOH B 2 .  ? 0.464   5.103   12.803  1.00 29.01 ? 262 HOH A O   1 
HETATM 848 O O   . HOH B 2 .  ? -1.941  -13.213 -4.708  1.00 15.37 ? 263 HOH A O   1 
HETATM 849 O O   . HOH B 2 .  ? 2.349   -6.866  13.605  1.00 38.55 ? 264 HOH A O   1 
HETATM 850 O O   . HOH B 2 .  ? -0.242  -2.559  15.154  1.00 33.84 ? 265 HOH A O   1 
HETATM 851 O O   . HOH B 2 .  ? 5.066   -11.896 4.064   1.00 30.35 ? 266 HOH A O   1 
HETATM 852 O O   . HOH B 2 .  ? -12.552 -10.088 5.880   1.00 35.77 ? 267 HOH A O   1 
HETATM 853 O O   . HOH B 2 .  ? -5.020  3.672   -6.189  1.00 22.24 ? 268 HOH A O   1 
HETATM 854 O O   . HOH B 2 .  ? -11.079 -2.543  -7.778  1.00 32.45 ? 269 HOH A O   1 
HETATM 855 O O   . HOH B 2 .  ? -1.549  10.603  14.698  1.00 32.69 ? 270 HOH A O   1 
HETATM 856 O O   . HOH B 2 .  ? 19.017  -8.036  0.298   1.00 28.11 ? 271 HOH A O   1 
HETATM 857 O O   . HOH B 2 .  ? -9.823  -0.891  -8.763  1.00 30.24 ? 272 HOH A O   1 
HETATM 858 O O   . HOH B 2 .  ? 7.013   -12.927 7.173   1.00 37.90 ? 273 HOH A O   1 
HETATM 859 O O   . HOH B 2 .  ? 4.230   -5.762  12.731  1.00 38.92 ? 274 HOH A O   1 
HETATM 860 O O   . HOH B 2 .  ? -2.272  6.912   -6.436  1.00 30.80 ? 275 HOH A O   1 
HETATM 861 O O   . HOH B 2 .  ? 6.678   -10.077 7.506   1.00 31.98 ? 276 HOH A O   1 
HETATM 862 O O   . HOH B 2 .  ? -15.514 8.614   13.582  1.00 31.65 ? 277 HOH A O   1 
HETATM 863 O O   . HOH B 2 .  ? 6.797   -10.746 4.801   1.00 30.53 ? 278 HOH A O   1 
HETATM 864 O O   . HOH B 2 .  ? -7.494  2.854   -8.042  1.00 32.70 ? 279 HOH A O   1 
HETATM 865 O O   . HOH B 2 .  ? -9.384  -10.546 2.550   1.00 29.71 ? 280 HOH A O   1 
HETATM 866 O O   . HOH B 2 .  ? -9.916  2.614   -8.105  1.00 38.93 ? 281 HOH A O   1 
HETATM 867 O O   . HOH B 2 .  ? 14.933  -9.135  5.865   1.00 41.07 ? 282 HOH A O   1 
# 
